data_6IQM
#
_entry.id   6IQM
#
_cell.length_a   126.207
_cell.length_b   171.953
_cell.length_c   149.752
_cell.angle_alpha   90.00
_cell.angle_beta   90.00
_cell.angle_gamma   90.00
#
_symmetry.space_group_name_H-M   'C 2 2 21'
#
loop_
_entity.id
_entity.type
_entity.pdbx_description
1 polymer 'Glyceraldehyde-3-phosphate dehydrogenase, type I'
2 non-polymer NICOTINAMIDE-ADENINE-DINUCLEOTIDE
3 non-polymer 1,2-ETHANEDIOL
4 non-polymer 2-AMINO-2-HYDROXYMETHYL-PROPANE-1,3-DIOL
5 water water
#
_entity_poly.entity_id   1
_entity_poly.type   'polypeptide(L)'
_entity_poly.pdbx_seq_one_letter_code
;MSVKIGINGFGRIGRLAFRRILELGEKSSDIEVVAINDLTSPALLAHLLKYDSTHGTLNADVSATDDSIVVNGKNYRVYA
EPQAQNIPWVKNDGVDFVLECTGFYTSKAKSQAHLDAGAKRVLISAPAGSDLKTIVYNVNDDILTADDRIVSAGSCTTNC
LAPLAFFENKEFGIKVGTMTTIHAYTSTQMLLDGPVRGGNFRAARAAGVNTIPHSTGAAKALGLVIPELNGKLQGHAQRV
GVVDGSLTELVAILDKKVTADEVNAAIKKHTEGNESFGYNDDEIVSSDVIGTTFGSIFDPTQTEVTSDGDNQLVKTVAWY
DNEYGFTCQMVRTLLKFATL
;
_entity_poly.pdbx_strand_id   A,B,C,D
#
# COMPACT_ATOMS: atom_id res chain seq x y z
N MET A 1 24.19 14.99 -36.58
CA MET A 1 24.24 13.52 -36.77
C MET A 1 23.58 12.68 -35.66
N SER A 2 23.44 13.25 -34.48
CA SER A 2 22.49 12.71 -33.51
C SER A 2 21.04 12.87 -34.04
N VAL A 3 20.22 11.91 -33.64
CA VAL A 3 18.80 12.03 -33.73
C VAL A 3 18.32 13.00 -32.61
N LYS A 4 17.60 14.06 -33.00
CA LYS A 4 17.09 15.04 -32.03
C LYS A 4 15.59 14.91 -31.80
N ILE A 5 15.23 14.77 -30.54
CA ILE A 5 13.87 14.46 -30.16
C ILE A 5 13.24 15.61 -29.46
N GLY A 6 12.01 15.89 -29.86
CA GLY A 6 11.08 16.82 -29.15
C GLY A 6 10.02 15.98 -28.41
N ILE A 7 9.82 16.20 -27.09
CA ILE A 7 8.86 15.43 -26.30
C ILE A 7 7.67 16.30 -26.09
N ASN A 8 6.52 15.85 -26.61
CA ASN A 8 5.30 16.58 -26.35
C ASN A 8 4.56 15.90 -25.21
N GLY A 9 4.41 16.58 -24.07
CA GLY A 9 3.82 15.99 -22.88
C GLY A 9 4.89 15.39 -21.97
N PHE A 10 5.20 16.14 -20.90
CA PHE A 10 6.25 15.73 -19.94
C PHE A 10 5.63 15.16 -18.68
N GLY A 11 4.76 14.17 -18.90
CA GLY A 11 4.19 13.31 -17.90
C GLY A 11 5.11 12.23 -17.49
N ARG A 12 4.54 11.20 -16.88
CA ARG A 12 5.37 10.08 -16.43
C ARG A 12 6.12 9.47 -17.67
N ILE A 13 5.42 9.26 -18.76
CA ILE A 13 6.05 8.63 -19.91
C ILE A 13 7.13 9.58 -20.56
N GLY A 14 6.78 10.83 -20.76
CA GLY A 14 7.73 11.82 -21.32
C GLY A 14 8.97 11.98 -20.46
N ARG A 15 8.78 12.04 -19.14
CA ARG A 15 9.91 12.13 -18.24
C ARG A 15 10.81 10.92 -18.23
N LEU A 16 10.22 9.72 -18.24
CA LEU A 16 11.02 8.49 -18.37
C LEU A 16 11.73 8.40 -19.71
N ALA A 17 11.08 8.88 -20.77
CA ALA A 17 11.77 8.95 -22.09
C ALA A 17 13.01 9.85 -22.00
N PHE A 18 12.87 10.97 -21.30
CA PHE A 18 14.02 11.89 -21.10
C PHE A 18 15.13 11.14 -20.36
N ARG A 19 14.76 10.49 -19.25
CA ARG A 19 15.74 9.73 -18.46
C ARG A 19 16.41 8.63 -19.29
N ARG A 20 15.63 7.91 -20.10
CA ARG A 20 16.22 6.85 -20.94
C ARG A 20 17.24 7.43 -21.95
N ILE A 21 16.81 8.47 -22.63
CA ILE A 21 17.66 9.05 -23.67
C ILE A 21 18.92 9.68 -23.03
N LEU A 22 18.76 10.30 -21.86
CA LEU A 22 19.94 10.79 -21.10
C LEU A 22 20.94 9.66 -20.85
N GLU A 23 20.46 8.52 -20.40
CA GLU A 23 21.33 7.49 -20.01
C GLU A 23 22.00 6.82 -21.22
N LEU A 24 21.31 6.70 -22.36
CA LEU A 24 21.93 6.24 -23.60
C LEU A 24 23.02 7.24 -24.05
N GLY A 25 22.80 8.52 -23.80
CA GLY A 25 23.73 9.57 -24.16
C GLY A 25 25.06 9.48 -23.49
N GLU A 26 25.12 8.72 -22.40
CA GLU A 26 26.34 8.42 -21.66
C GLU A 26 27.24 7.49 -22.41
N LYS A 27 26.71 6.77 -23.37
CA LYS A 27 27.39 6.67 -24.62
C LYS A 27 27.40 5.38 -25.32
N SER A 29 22.24 3.86 -31.03
CA SER A 29 23.26 4.75 -30.51
C SER A 29 23.61 6.01 -31.38
N ASP A 30 22.72 6.97 -31.42
CA ASP A 30 22.73 8.20 -30.69
C ASP A 30 21.66 9.27 -30.94
N ILE A 31 21.17 9.73 -29.83
CA ILE A 31 19.90 10.31 -29.72
C ILE A 31 20.02 11.25 -28.51
N GLU A 32 19.37 12.39 -28.61
CA GLU A 32 19.28 13.35 -27.53
C GLU A 32 17.94 14.07 -27.56
N VAL A 33 17.45 14.49 -26.41
CA VAL A 33 16.28 15.37 -26.32
C VAL A 33 16.78 16.79 -26.49
N VAL A 34 16.11 17.58 -27.31
CA VAL A 34 16.50 18.99 -27.47
C VAL A 34 15.44 19.95 -27.00
N ALA A 35 14.21 19.48 -26.81
CA ALA A 35 13.14 20.34 -26.31
C ALA A 35 11.91 19.59 -25.84
N ILE A 36 11.10 20.26 -25.03
CA ILE A 36 9.93 19.72 -24.42
C ILE A 36 8.82 20.69 -24.73
N ASN A 37 7.59 20.16 -24.79
CA ASN A 37 6.36 21.00 -24.78
C ASN A 37 5.43 20.46 -23.72
N ASP A 38 5.03 21.31 -22.79
CA ASP A 38 4.15 20.87 -21.71
C ASP A 38 3.57 22.14 -21.10
N LEU A 39 2.38 22.03 -20.52
CA LEU A 39 1.74 23.23 -19.92
C LEU A 39 2.05 23.48 -18.45
N THR A 40 2.73 22.55 -17.76
CA THR A 40 3.09 22.67 -16.36
C THR A 40 4.33 23.57 -16.23
N SER A 41 4.46 24.25 -15.09
CA SER A 41 5.65 25.03 -14.86
C SER A 41 6.93 24.19 -14.92
N PRO A 42 8.01 24.76 -15.48
CA PRO A 42 9.25 24.08 -15.53
C PRO A 42 9.76 23.74 -14.17
N ALA A 43 9.47 24.58 -13.16
CA ALA A 43 9.97 24.27 -11.82
C ALA A 43 9.43 22.85 -11.33
N LEU A 44 8.13 22.67 -11.45
CA LEU A 44 7.48 21.41 -11.09
C LEU A 44 7.97 20.23 -11.96
N LEU A 45 8.09 20.48 -13.29
CA LEU A 45 8.57 19.45 -14.18
C LEU A 45 9.95 19.02 -13.81
N ALA A 46 10.81 20.00 -13.46
CA ALA A 46 12.19 19.68 -13.11
C ALA A 46 12.18 18.84 -11.83
N HIS A 47 11.35 19.24 -10.89
CA HIS A 47 11.21 18.52 -9.61
C HIS A 47 10.80 17.06 -9.80
N LEU A 48 9.84 16.84 -10.68
CA LEU A 48 9.38 15.48 -11.04
C LEU A 48 10.31 14.68 -11.92
N LEU A 49 11.23 15.36 -12.62
CA LEU A 49 12.26 14.67 -13.35
C LEU A 49 13.30 14.15 -12.38
N LYS A 50 13.61 14.97 -11.38
CA LYS A 50 14.61 14.68 -10.41
C LYS A 50 14.20 13.61 -9.42
N TYR A 51 13.01 13.74 -8.84
CA TYR A 51 12.56 12.81 -7.82
C TYR A 51 11.39 12.01 -8.35
N ASP A 52 11.39 10.74 -8.09
CA ASP A 52 10.27 9.93 -8.54
C ASP A 52 10.00 8.80 -7.55
N SER A 53 8.74 8.62 -7.12
CA SER A 53 8.46 7.68 -6.06
C SER A 53 8.60 6.24 -6.54
N THR A 54 8.52 6.04 -7.85
CA THR A 54 8.63 4.70 -8.45
C THR A 54 10.05 4.35 -8.87
N HIS A 55 10.69 5.29 -9.52
CA HIS A 55 11.95 5.02 -10.24
C HIS A 55 13.19 5.65 -9.62
N GLY A 56 13.00 6.32 -8.48
CA GLY A 56 14.11 6.83 -7.65
C GLY A 56 14.60 8.17 -8.17
N THR A 57 15.59 8.70 -7.50
CA THR A 57 16.13 10.02 -7.84
C THR A 57 17.13 9.95 -9.01
N LEU A 58 17.02 10.88 -9.93
CA LEU A 58 17.92 10.93 -11.08
C LEU A 58 19.33 11.35 -10.64
N ASN A 59 20.36 10.61 -11.04
CA ASN A 59 21.73 10.94 -10.63
C ASN A 59 22.32 11.97 -11.61
N ALA A 60 21.81 13.17 -11.50
CA ALA A 60 22.18 14.28 -12.33
C ALA A 60 21.83 15.56 -11.61
N ASP A 61 22.48 16.67 -11.99
CA ASP A 61 22.06 17.97 -11.48
C ASP A 61 20.89 18.51 -12.28
N VAL A 62 19.77 18.72 -11.64
CA VAL A 62 18.58 19.22 -12.31
C VAL A 62 18.11 20.52 -11.64
N SER A 63 17.75 21.52 -12.45
CA SER A 63 17.23 22.77 -11.96
C SER A 63 16.29 23.25 -13.04
N ALA A 64 15.65 24.39 -12.78
CA ALA A 64 14.71 24.99 -13.70
C ALA A 64 15.02 26.46 -13.91
N THR A 65 14.71 26.98 -15.09
CA THR A 65 14.56 28.48 -15.30
C THR A 65 13.11 28.77 -15.49
N ASP A 66 12.72 29.99 -15.80
CA ASP A 66 11.26 30.16 -16.03
C ASP A 66 10.76 29.60 -17.40
N ASP A 67 11.62 29.11 -18.29
CA ASP A 67 11.10 28.52 -19.53
C ASP A 67 11.86 27.26 -19.96
N SER A 68 12.61 26.64 -19.04
CA SER A 68 13.42 25.47 -19.34
C SER A 68 13.78 24.65 -18.09
N ILE A 69 14.30 23.47 -18.37
CA ILE A 69 14.83 22.61 -17.35
C ILE A 69 16.28 22.50 -17.70
N VAL A 70 17.09 22.49 -16.69
CA VAL A 70 18.53 22.38 -16.88
C VAL A 70 19.02 21.08 -16.26
N VAL A 71 19.72 20.27 -17.04
CA VAL A 71 20.30 19.06 -16.51
C VAL A 71 21.78 19.02 -16.89
N ASN A 72 22.61 18.92 -15.86
CA ASN A 72 24.07 18.80 -16.05
C ASN A 72 24.62 19.91 -16.93
N GLY A 73 24.12 21.13 -16.75
CA GLY A 73 24.62 22.31 -17.50
C GLY A 73 23.96 22.58 -18.84
N LYS A 74 23.15 21.63 -19.32
CA LYS A 74 22.54 21.72 -20.62
C LYS A 74 21.06 22.20 -20.45
N ASN A 75 20.61 23.09 -21.32
CA ASN A 75 19.33 23.75 -21.21
C ASN A 75 18.32 23.09 -22.12
N TYR A 76 17.14 22.76 -21.61
CA TYR A 76 16.11 22.06 -22.41
C TYR A 76 14.90 22.92 -22.39
N ARG A 77 14.70 23.65 -23.48
CA ARG A 77 13.59 24.54 -23.51
C ARG A 77 12.26 23.82 -23.29
N VAL A 78 11.39 24.41 -22.48
CA VAL A 78 10.05 23.95 -22.32
C VAL A 78 9.09 24.96 -22.94
N TYR A 79 8.57 24.60 -24.13
CA TYR A 79 7.49 25.31 -24.79
C TYR A 79 6.20 24.97 -24.09
N ALA A 80 5.22 25.83 -24.23
CA ALA A 80 3.93 25.66 -23.58
C ALA A 80 2.79 25.98 -24.54
N GLU A 81 2.84 25.34 -25.73
CA GLU A 81 1.82 25.52 -26.73
C GLU A 81 0.75 24.46 -26.65
N PRO A 82 -0.51 24.83 -26.37
CA PRO A 82 -1.55 23.79 -26.44
C PRO A 82 -1.83 23.19 -27.86
N GLN A 83 -1.49 23.91 -28.91
CA GLN A 83 -1.71 23.38 -30.23
C GLN A 83 -0.35 23.03 -30.80
N ALA A 84 -0.20 21.77 -31.17
CA ALA A 84 1.12 21.27 -31.48
C ALA A 84 1.73 21.85 -32.75
N GLN A 85 0.86 22.29 -33.67
CA GLN A 85 1.39 22.89 -34.91
C GLN A 85 2.12 24.21 -34.61
N ASN A 86 1.93 24.79 -33.41
CA ASN A 86 2.58 26.04 -33.02
C ASN A 86 3.90 25.85 -32.23
N ILE A 87 4.28 24.61 -31.92
CA ILE A 87 5.54 24.38 -31.22
C ILE A 87 6.70 24.66 -32.17
N PRO A 88 7.66 25.52 -31.77
CA PRO A 88 8.68 26.00 -32.74
C PRO A 88 9.99 25.25 -32.74
N TRP A 89 9.99 24.06 -32.13
CA TRP A 89 11.21 23.36 -31.84
C TRP A 89 11.97 22.79 -33.00
N VAL A 90 11.41 22.75 -34.20
CA VAL A 90 12.19 22.28 -35.35
C VAL A 90 13.23 23.33 -35.74
N LYS A 91 12.79 24.53 -36.06
CA LYS A 91 13.78 25.56 -36.41
C LYS A 91 14.51 26.09 -35.16
N ASN A 92 13.85 26.17 -33.98
CA ASN A 92 14.57 26.63 -32.80
C ASN A 92 15.61 25.64 -32.30
N ASP A 93 15.26 24.36 -32.24
CA ASP A 93 16.08 23.39 -31.51
C ASP A 93 16.60 22.19 -32.33
N GLY A 94 16.20 22.11 -33.60
CA GLY A 94 16.66 21.09 -34.51
C GLY A 94 15.93 19.75 -34.34
N VAL A 95 14.74 19.80 -33.74
CA VAL A 95 13.90 18.59 -33.56
C VAL A 95 13.75 17.86 -34.91
N ASP A 96 14.06 16.54 -34.86
CA ASP A 96 13.84 15.64 -35.99
C ASP A 96 12.52 14.87 -35.83
N PHE A 97 12.39 14.23 -34.65
CA PHE A 97 11.20 13.38 -34.41
C PHE A 97 10.55 13.85 -33.14
N VAL A 98 9.24 13.72 -33.14
CA VAL A 98 8.42 14.00 -31.99
C VAL A 98 8.02 12.71 -31.28
N LEU A 99 8.18 12.69 -29.93
CA LEU A 99 7.57 11.64 -29.08
C LEU A 99 6.37 12.25 -28.49
N GLU A 100 5.26 11.78 -28.97
CA GLU A 100 3.93 12.34 -28.61
C GLU A 100 3.29 11.58 -27.46
N CYS A 101 3.37 12.13 -26.20
CA CYS A 101 3.00 11.52 -24.96
C CYS A 101 1.93 12.30 -24.19
N THR A 102 1.16 13.14 -24.87
CA THR A 102 0.14 13.93 -24.14
C THR A 102 -1.12 13.22 -23.95
N GLY A 103 -1.43 12.22 -24.80
CA GLY A 103 -2.76 11.62 -24.73
C GLY A 103 -3.75 12.33 -25.64
N PHE A 104 -3.41 13.45 -26.26
CA PHE A 104 -4.42 14.26 -27.00
C PHE A 104 -4.20 14.28 -28.49
N TYR A 105 -3.22 13.56 -28.97
CA TYR A 105 -2.89 13.53 -30.37
C TYR A 105 -2.78 12.10 -30.91
N THR A 106 -3.62 11.30 -30.38
CA THR A 106 -3.61 9.90 -30.47
C THR A 106 -4.26 9.37 -31.79
N SER A 107 -3.95 10.03 -32.91
CA SER A 107 -4.39 9.61 -34.22
C SER A 107 -3.50 10.12 -35.32
N LYS A 108 -3.57 9.50 -36.48
CA LYS A 108 -2.85 9.97 -37.61
C LYS A 108 -3.25 11.45 -37.93
N ALA A 109 -4.56 11.71 -37.90
CA ALA A 109 -5.08 13.01 -38.32
C ALA A 109 -4.71 14.10 -37.32
N LYS A 110 -4.68 13.76 -36.01
CA LYS A 110 -4.26 14.72 -34.96
C LYS A 110 -2.77 15.03 -35.01
N SER A 111 -1.95 14.00 -35.10
CA SER A 111 -0.53 14.19 -35.06
C SER A 111 0.05 14.76 -36.33
N GLN A 112 -0.76 14.85 -37.40
CA GLN A 112 -0.42 15.66 -38.57
C GLN A 112 0.12 17.04 -38.11
N ALA A 113 -0.46 17.58 -37.03
CA ALA A 113 -0.03 18.89 -36.47
C ALA A 113 1.48 19.00 -36.28
N HIS A 114 2.11 17.92 -35.84
CA HIS A 114 3.55 17.92 -35.70
C HIS A 114 4.25 18.02 -37.01
N LEU A 115 3.70 17.32 -38.00
CA LEU A 115 4.32 17.36 -39.34
C LEU A 115 4.14 18.77 -39.91
N ASP A 116 3.04 19.43 -39.59
CA ASP A 116 2.80 20.83 -40.02
C ASP A 116 3.78 21.82 -39.38
N ALA A 117 4.28 21.50 -38.19
CA ALA A 117 5.32 22.24 -37.55
C ALA A 117 6.69 21.82 -38.03
N GLY A 118 6.76 20.92 -38.98
CA GLY A 118 8.08 20.53 -39.51
C GLY A 118 8.82 19.31 -38.97
N ALA A 119 8.17 18.54 -38.11
CA ALA A 119 8.77 17.26 -37.65
C ALA A 119 8.80 16.32 -38.84
N LYS A 120 9.87 15.54 -38.92
CA LYS A 120 9.99 14.53 -39.96
C LYS A 120 9.04 13.34 -39.65
N ARG A 121 9.06 12.88 -38.39
CA ARG A 121 8.30 11.73 -37.96
C ARG A 121 7.79 11.91 -36.54
N VAL A 122 6.70 11.20 -36.24
CA VAL A 122 6.05 11.27 -34.89
C VAL A 122 5.84 9.80 -34.47
N LEU A 123 6.21 9.49 -33.22
CA LEU A 123 5.82 8.30 -32.52
C LEU A 123 4.85 8.67 -31.37
N ILE A 124 3.67 8.06 -31.41
CA ILE A 124 2.67 8.28 -30.45
C ILE A 124 2.76 7.20 -29.38
N SER A 125 2.70 7.59 -28.11
CA SER A 125 2.90 6.70 -26.97
C SER A 125 1.64 5.96 -26.52
N ALA A 126 0.84 5.57 -27.49
CA ALA A 126 -0.39 4.95 -27.25
C ALA A 126 -0.95 4.30 -28.51
N PRO A 127 -1.99 3.45 -28.36
CA PRO A 127 -2.78 3.03 -29.54
C PRO A 127 -3.34 4.27 -30.23
N ALA A 128 -3.31 4.25 -31.54
CA ALA A 128 -3.69 5.43 -32.32
C ALA A 128 -4.40 5.04 -33.61
N GLY A 129 -5.19 3.99 -33.58
CA GLY A 129 -6.04 3.65 -34.76
C GLY A 129 -5.42 2.69 -35.71
N SER A 130 -6.12 2.45 -36.83
CA SER A 130 -5.75 1.42 -37.80
C SER A 130 -5.34 1.92 -39.15
N ASP A 131 -5.29 3.25 -39.36
CA ASP A 131 -4.81 3.85 -40.60
C ASP A 131 -3.36 4.28 -40.56
N LEU A 132 -2.63 3.90 -39.52
CA LEU A 132 -1.19 4.09 -39.48
C LEU A 132 -0.64 2.77 -38.90
N LYS A 133 0.66 2.61 -38.84
CA LYS A 133 1.25 1.37 -38.39
C LYS A 133 1.39 1.42 -36.87
N THR A 134 1.16 0.28 -36.22
CA THR A 134 1.39 0.09 -34.82
C THR A 134 2.62 -0.85 -34.72
N ILE A 135 3.69 -0.37 -34.10
CA ILE A 135 4.97 -1.03 -34.03
C ILE A 135 5.30 -1.46 -32.61
N VAL A 136 5.56 -2.77 -32.45
CA VAL A 136 6.20 -3.29 -31.28
C VAL A 136 7.62 -3.59 -31.67
N TYR A 137 8.56 -2.88 -31.11
CA TYR A 137 9.97 -3.06 -31.48
C TYR A 137 10.41 -4.49 -31.23
N ASN A 138 11.05 -5.06 -32.24
CA ASN A 138 11.49 -6.44 -32.22
C ASN A 138 10.40 -7.48 -32.43
N VAL A 139 9.20 -7.03 -32.81
CA VAL A 139 8.20 -7.89 -33.41
C VAL A 139 7.95 -7.49 -34.84
N ASN A 140 7.61 -6.23 -35.12
CA ASN A 140 7.22 -5.83 -36.51
C ASN A 140 7.81 -4.47 -36.92
N ASP A 141 8.89 -4.04 -36.30
CA ASP A 141 9.50 -2.76 -36.67
C ASP A 141 10.08 -2.86 -38.12
N ASP A 142 10.38 -4.07 -38.62
CA ASP A 142 10.81 -4.24 -40.05
C ASP A 142 9.76 -3.80 -41.07
N ILE A 143 8.51 -3.60 -40.71
CA ILE A 143 7.55 -3.07 -41.66
C ILE A 143 7.64 -1.56 -41.90
N LEU A 144 8.38 -0.81 -41.08
CA LEU A 144 8.50 0.60 -41.26
C LEU A 144 9.24 0.90 -42.61
N THR A 145 8.84 1.96 -43.27
CA THR A 145 9.49 2.41 -44.51
C THR A 145 9.62 3.92 -44.38
N ALA A 146 10.31 4.50 -45.37
CA ALA A 146 10.59 5.92 -45.32
C ALA A 146 9.34 6.75 -45.36
N ASP A 147 8.23 6.21 -45.86
CA ASP A 147 6.97 6.92 -45.89
C ASP A 147 6.22 6.96 -44.57
N ASP A 148 6.70 6.26 -43.56
CA ASP A 148 5.94 6.24 -42.29
C ASP A 148 6.33 7.42 -41.42
N ARG A 149 5.51 8.46 -41.48
CA ARG A 149 5.76 9.67 -40.67
C ARG A 149 5.04 9.75 -39.33
N ILE A 150 3.96 8.98 -39.17
CA ILE A 150 3.23 8.97 -37.91
C ILE A 150 2.95 7.54 -37.60
N VAL A 151 3.45 7.12 -36.45
CA VAL A 151 3.49 5.71 -36.07
C VAL A 151 2.99 5.62 -34.62
N SER A 152 2.29 4.54 -34.31
CA SER A 152 1.86 4.27 -32.93
C SER A 152 2.82 3.26 -32.32
N ALA A 153 3.09 3.42 -31.04
CA ALA A 153 3.79 2.43 -30.22
C ALA A 153 2.95 1.35 -29.58
N GLY A 154 1.68 1.33 -29.90
CA GLY A 154 0.69 0.56 -29.19
C GLY A 154 0.62 1.00 -27.74
N SER A 155 0.05 0.13 -26.90
CA SER A 155 0.08 0.34 -25.46
C SER A 155 1.21 -0.37 -24.77
N CYS A 156 1.36 -0.05 -23.50
CA CYS A 156 2.19 -0.84 -22.62
C CYS A 156 1.85 -2.31 -22.62
N THR A 157 0.57 -2.64 -22.47
CA THR A 157 0.14 -4.03 -22.62
C THR A 157 0.46 -4.70 -23.97
N THR A 158 0.27 -3.99 -25.07
CA THR A 158 0.62 -4.53 -26.38
C THR A 158 2.11 -4.93 -26.41
N ASN A 159 2.97 -4.13 -25.80
CA ASN A 159 4.41 -4.40 -25.81
C ASN A 159 4.85 -5.58 -24.98
N CYS A 160 4.00 -5.93 -24.01
CA CYS A 160 4.26 -7.12 -23.22
C CYS A 160 3.71 -8.38 -23.98
N LEU A 161 2.44 -8.29 -24.39
CA LEU A 161 1.73 -9.45 -24.95
C LEU A 161 2.28 -9.79 -26.32
N ALA A 162 2.60 -8.80 -27.12
CA ALA A 162 2.92 -9.05 -28.53
C ALA A 162 4.04 -10.08 -28.75
N PRO A 163 5.22 -9.93 -28.11
CA PRO A 163 6.30 -10.90 -28.39
C PRO A 163 5.95 -12.25 -27.87
N LEU A 164 5.25 -12.32 -26.72
CA LEU A 164 4.84 -13.66 -26.18
C LEU A 164 3.90 -14.34 -27.16
N ALA A 165 2.89 -13.65 -27.62
CA ALA A 165 1.92 -14.20 -28.58
C ALA A 165 2.57 -14.51 -29.93
N PHE A 166 3.48 -13.65 -30.36
CA PHE A 166 4.11 -13.81 -31.67
C PHE A 166 4.92 -15.09 -31.72
N PHE A 167 5.82 -15.27 -30.74
CA PHE A 167 6.69 -16.42 -30.67
C PHE A 167 5.98 -17.69 -30.35
N GLU A 168 4.97 -17.62 -29.49
CA GLU A 168 4.14 -18.78 -29.18
C GLU A 168 3.35 -19.24 -30.40
N ASN A 169 2.80 -18.31 -31.14
CA ASN A 169 2.09 -18.63 -32.37
C ASN A 169 3.10 -19.19 -33.45
N LYS A 170 4.24 -18.55 -33.62
CA LYS A 170 5.23 -19.04 -34.59
C LYS A 170 5.59 -20.48 -34.31
N GLU A 171 5.78 -20.79 -33.05
CA GLU A 171 6.23 -22.15 -32.66
C GLU A 171 5.14 -23.21 -32.67
N PHE A 172 3.92 -22.84 -32.33
CA PHE A 172 2.87 -23.82 -32.06
C PHE A 172 1.51 -23.60 -32.66
N GLY A 173 1.25 -22.38 -33.16
CA GLY A 173 0.00 -21.99 -33.74
C GLY A 173 -1.05 -21.70 -32.63
N ILE A 174 -1.42 -20.44 -32.46
CA ILE A 174 -2.52 -20.11 -31.54
C ILE A 174 -3.85 -20.07 -32.31
N LYS A 175 -4.80 -20.92 -31.89
CA LYS A 175 -6.10 -21.00 -32.51
C LYS A 175 -6.98 -19.91 -31.93
N VAL A 176 -6.94 -19.85 -30.58
CA VAL A 176 -7.69 -18.83 -29.82
C VAL A 176 -6.93 -18.62 -28.49
N GLY A 177 -7.07 -17.40 -27.91
CA GLY A 177 -6.45 -17.11 -26.64
C GLY A 177 -7.17 -16.00 -25.90
N THR A 178 -7.00 -16.01 -24.59
CA THR A 178 -7.49 -14.92 -23.76
C THR A 178 -6.38 -14.51 -22.79
N MET A 179 -6.32 -13.21 -22.52
CA MET A 179 -5.33 -12.59 -21.67
C MET A 179 -5.99 -12.05 -20.38
N THR A 180 -5.24 -12.20 -19.27
CA THR A 180 -5.52 -11.40 -18.03
C THR A 180 -4.19 -10.74 -17.62
N THR A 181 -4.13 -9.43 -17.65
CA THR A 181 -2.94 -8.73 -17.16
C THR A 181 -3.24 -8.32 -15.72
N ILE A 182 -2.37 -8.68 -14.83
CA ILE A 182 -2.43 -8.27 -13.42
C ILE A 182 -1.51 -7.07 -13.32
N HIS A 183 -2.13 -5.89 -13.30
CA HIS A 183 -1.47 -4.65 -13.72
C HIS A 183 -1.44 -3.65 -12.56
N ALA A 184 -0.29 -2.99 -12.40
CA ALA A 184 -0.16 -1.90 -11.43
C ALA A 184 -1.20 -0.82 -11.70
N TYR A 185 -1.59 -0.15 -10.63
CA TYR A 185 -2.52 0.99 -10.80
C TYR A 185 -1.86 2.09 -11.62
N THR A 186 -2.71 2.93 -12.27
CA THR A 186 -2.20 3.96 -13.13
C THR A 186 -2.86 5.32 -12.81
N SER A 187 -2.38 6.39 -13.45
CA SER A 187 -2.84 7.78 -13.33
C SER A 187 -4.27 7.99 -13.65
N THR A 188 -4.87 7.10 -14.41
CA THR A 188 -6.28 7.25 -14.70
C THR A 188 -7.19 6.85 -13.54
N GLN A 189 -6.66 6.15 -12.56
CA GLN A 189 -7.45 5.68 -11.41
C GLN A 189 -7.47 6.67 -10.27
N MET A 190 -8.35 6.40 -9.34
CA MET A 190 -8.66 7.26 -8.20
C MET A 190 -7.89 6.77 -6.93
N LEU A 191 -7.40 7.69 -6.11
CA LEU A 191 -6.92 7.35 -4.79
C LEU A 191 -8.02 6.87 -3.85
N LEU A 192 -9.12 7.60 -3.84
CA LEU A 192 -10.25 7.25 -3.00
C LEU A 192 -11.51 7.14 -3.86
N ASP A 193 -12.52 6.43 -3.41
CA ASP A 193 -13.72 6.26 -4.25
C ASP A 193 -14.32 7.65 -4.58
N GLY A 194 -14.68 7.89 -5.82
CA GLY A 194 -15.40 9.10 -6.11
C GLY A 194 -15.77 9.19 -7.60
N PRO A 195 -16.49 10.28 -7.97
CA PRO A 195 -16.80 10.43 -9.37
C PRO A 195 -15.59 10.49 -10.23
N VAL A 196 -15.73 10.00 -11.45
CA VAL A 196 -14.61 9.75 -12.31
C VAL A 196 -15.07 10.09 -13.76
N ARG A 197 -14.15 10.63 -14.52
CA ARG A 197 -14.39 10.97 -15.91
C ARG A 197 -14.75 9.69 -16.66
N GLY A 198 -15.90 9.67 -17.27
CA GLY A 198 -16.41 8.51 -18.04
C GLY A 198 -17.52 7.81 -17.27
N GLY A 199 -17.56 8.00 -15.94
CA GLY A 199 -18.65 7.51 -15.16
C GLY A 199 -18.52 6.04 -14.83
N ASN A 200 -17.39 5.39 -15.18
CA ASN A 200 -17.29 3.94 -15.03
C ASN A 200 -17.28 3.52 -13.53
N PHE A 201 -18.00 2.48 -13.18
CA PHE A 201 -18.24 2.13 -11.76
C PHE A 201 -16.97 1.60 -11.05
N ARG A 202 -16.09 1.01 -11.85
CA ARG A 202 -14.84 0.47 -11.33
C ARG A 202 -13.68 1.47 -11.30
N ALA A 203 -13.62 2.28 -12.34
CA ALA A 203 -12.68 3.38 -12.44
C ALA A 203 -12.87 4.33 -11.28
N ALA A 204 -14.10 4.40 -10.78
CA ALA A 204 -14.44 5.25 -9.63
C ALA A 204 -13.82 4.81 -8.29
N ARG A 205 -13.21 3.62 -8.18
CA ARG A 205 -12.92 3.07 -6.87
C ARG A 205 -11.47 3.29 -6.45
N ALA A 206 -11.27 3.29 -5.13
CA ALA A 206 -9.93 3.47 -4.54
C ALA A 206 -8.94 2.42 -5.05
N ALA A 207 -7.84 2.84 -5.68
CA ALA A 207 -6.93 1.91 -6.40
C ALA A 207 -5.98 1.18 -5.48
N GLY A 208 -5.59 1.82 -4.36
CA GLY A 208 -4.56 1.24 -3.46
C GLY A 208 -5.05 0.08 -2.59
N VAL A 209 -6.38 -0.06 -2.43
CA VAL A 209 -6.95 -1.02 -1.52
C VAL A 209 -8.00 -1.89 -2.22
N ASN A 210 -7.90 -2.00 -3.55
CA ASN A 210 -8.82 -2.89 -4.27
C ASN A 210 -8.11 -3.61 -5.40
N THR A 211 -8.59 -4.81 -5.72
CA THR A 211 -8.32 -5.46 -7.04
C THR A 211 -9.53 -5.07 -7.90
N ILE A 212 -9.25 -4.41 -8.99
CA ILE A 212 -10.23 -3.74 -9.84
C ILE A 212 -10.22 -4.22 -11.30
N PRO A 213 -11.28 -4.92 -11.75
CA PRO A 213 -11.30 -5.34 -13.17
C PRO A 213 -11.31 -4.14 -14.07
N HIS A 214 -10.65 -4.24 -15.22
CA HIS A 214 -10.48 -3.07 -16.12
C HIS A 214 -10.44 -3.56 -17.55
N SER A 215 -11.13 -2.86 -18.45
CA SER A 215 -11.20 -3.32 -19.86
C SER A 215 -9.87 -2.97 -20.52
N THR A 216 -9.43 -3.80 -21.45
CA THR A 216 -8.25 -3.52 -22.21
C THR A 216 -8.53 -3.76 -23.68
N GLY A 217 -7.75 -3.16 -24.55
CA GLY A 217 -7.96 -3.49 -25.95
C GLY A 217 -6.78 -4.23 -26.58
N ALA A 218 -5.71 -4.41 -25.83
CA ALA A 218 -4.48 -4.91 -26.42
C ALA A 218 -4.65 -6.28 -27.16
N ALA A 219 -5.41 -7.20 -26.62
CA ALA A 219 -5.57 -8.50 -27.24
C ALA A 219 -6.45 -8.46 -28.48
N LYS A 220 -7.59 -7.79 -28.36
CA LYS A 220 -8.47 -7.63 -29.49
C LYS A 220 -7.83 -6.95 -30.66
N ALA A 221 -6.98 -5.96 -30.38
CA ALA A 221 -6.37 -5.15 -31.46
C ALA A 221 -5.02 -5.73 -31.94
N LEU A 222 -4.62 -6.88 -31.41
CA LEU A 222 -3.24 -7.37 -31.65
C LEU A 222 -2.98 -7.69 -33.15
N GLY A 223 -4.06 -7.87 -33.94
CA GLY A 223 -3.95 -8.02 -35.40
C GLY A 223 -3.25 -6.87 -36.11
N LEU A 224 -3.26 -5.70 -35.46
CA LEU A 224 -2.50 -4.56 -36.01
C LEU A 224 -1.02 -4.80 -36.02
N VAL A 225 -0.55 -5.64 -35.10
CA VAL A 225 0.86 -5.93 -34.99
C VAL A 225 1.21 -7.28 -35.63
N ILE A 226 0.38 -8.29 -35.39
CA ILE A 226 0.53 -9.66 -35.85
C ILE A 226 -0.75 -10.06 -36.61
N PRO A 227 -0.77 -9.82 -37.95
CA PRO A 227 -2.02 -9.99 -38.65
C PRO A 227 -2.72 -11.34 -38.52
N GLU A 228 -1.99 -12.43 -38.46
CA GLU A 228 -2.60 -13.76 -38.34
C GLU A 228 -3.32 -13.98 -36.99
N LEU A 229 -3.14 -13.08 -36.01
CA LEU A 229 -3.84 -13.19 -34.75
C LEU A 229 -5.01 -12.27 -34.67
N ASN A 230 -5.34 -11.59 -35.80
CA ASN A 230 -6.54 -10.77 -35.83
C ASN A 230 -7.74 -11.65 -35.53
N GLY A 231 -8.63 -11.23 -34.64
CA GLY A 231 -9.81 -12.03 -34.34
C GLY A 231 -9.65 -13.22 -33.44
N LYS A 232 -8.43 -13.48 -32.96
CA LYS A 232 -8.19 -14.68 -32.26
C LYS A 232 -8.05 -14.53 -30.72
N LEU A 233 -7.86 -13.29 -30.24
CA LEU A 233 -7.56 -13.06 -28.83
C LEU A 233 -8.51 -12.02 -28.25
N GLN A 234 -8.81 -12.22 -26.96
CA GLN A 234 -9.53 -11.19 -26.17
C GLN A 234 -8.84 -11.11 -24.84
N GLY A 235 -9.29 -10.23 -23.95
CA GLY A 235 -8.71 -10.26 -22.61
C GLY A 235 -9.13 -9.05 -21.79
N HIS A 236 -8.61 -8.95 -20.57
CA HIS A 236 -8.90 -7.81 -19.70
C HIS A 236 -7.73 -7.69 -18.70
N ALA A 237 -7.87 -6.76 -17.79
CA ALA A 237 -6.88 -6.49 -16.76
C ALA A 237 -7.56 -6.57 -15.39
N GLN A 238 -6.74 -6.86 -14.36
CA GLN A 238 -7.09 -6.67 -12.98
C GLN A 238 -6.06 -5.63 -12.47
N ARG A 239 -6.56 -4.49 -12.09
CA ARG A 239 -5.66 -3.43 -11.53
C ARG A 239 -5.47 -3.66 -10.09
N VAL A 240 -4.22 -3.74 -9.64
CA VAL A 240 -3.89 -4.13 -8.26
C VAL A 240 -3.03 -3.09 -7.54
N GLY A 241 -2.86 -3.28 -6.25
CA GLY A 241 -2.36 -2.23 -5.33
C GLY A 241 -0.87 -1.99 -5.30
N VAL A 242 -0.23 -1.98 -6.45
CA VAL A 242 1.14 -1.58 -6.56
C VAL A 242 1.32 -0.45 -7.57
N VAL A 243 2.39 0.35 -7.38
CA VAL A 243 2.61 1.58 -8.12
C VAL A 243 3.08 1.30 -9.54
N ASP A 244 3.67 0.13 -9.79
CA ASP A 244 4.29 -0.17 -11.06
C ASP A 244 4.71 -1.61 -11.05
N GLY A 245 4.80 -2.18 -12.25
CA GLY A 245 5.21 -3.57 -12.41
C GLY A 245 3.99 -4.46 -12.57
N SER A 246 3.90 -5.12 -13.72
CA SER A 246 2.72 -5.86 -14.18
C SER A 246 3.08 -7.17 -14.81
N LEU A 247 2.08 -8.04 -15.01
CA LEU A 247 2.30 -9.33 -15.65
C LEU A 247 1.14 -9.62 -16.52
N THR A 248 1.40 -10.23 -17.66
CA THR A 248 0.35 -10.64 -18.60
C THR A 248 0.30 -12.15 -18.62
N GLU A 249 -0.85 -12.71 -18.35
CA GLU A 249 -1.11 -14.18 -18.51
C GLU A 249 -1.84 -14.36 -19.83
N LEU A 250 -1.41 -15.35 -20.59
CA LEU A 250 -2.06 -15.79 -21.81
C LEU A 250 -2.47 -17.23 -21.68
N VAL A 251 -3.71 -17.54 -21.97
CA VAL A 251 -4.26 -18.91 -22.00
C VAL A 251 -4.68 -19.11 -23.44
N ALA A 252 -4.17 -20.17 -24.04
CA ALA A 252 -4.36 -20.42 -25.46
C ALA A 252 -4.65 -21.92 -25.74
N ILE A 253 -5.41 -22.10 -26.81
CA ILE A 253 -5.54 -23.42 -27.50
C ILE A 253 -4.56 -23.35 -28.65
N LEU A 254 -3.66 -24.31 -28.73
CA LEU A 254 -2.61 -24.36 -29.68
C LEU A 254 -2.89 -25.46 -30.76
N ASP A 255 -2.24 -25.33 -31.91
CA ASP A 255 -2.37 -26.36 -32.99
C ASP A 255 -1.66 -27.63 -32.63
N LYS A 256 -0.61 -27.53 -31.85
CA LYS A 256 0.19 -28.68 -31.46
C LYS A 256 -0.09 -29.11 -30.03
N LYS A 257 -0.03 -30.42 -29.79
CA LYS A 257 0.17 -30.97 -28.47
C LYS A 257 1.55 -30.68 -27.94
N VAL A 258 1.66 -30.15 -26.71
CA VAL A 258 2.94 -29.78 -26.12
C VAL A 258 3.05 -30.23 -24.67
N THR A 259 4.27 -30.21 -24.17
CA THR A 259 4.50 -30.23 -22.75
C THR A 259 4.93 -28.83 -22.27
N ALA A 260 4.89 -28.60 -20.96
CA ALA A 260 5.41 -27.36 -20.41
C ALA A 260 6.88 -27.11 -20.75
N ASP A 261 7.71 -28.14 -20.60
CA ASP A 261 9.12 -27.97 -20.91
C ASP A 261 9.36 -27.58 -22.36
N GLU A 262 8.55 -28.14 -23.28
CA GLU A 262 8.69 -27.88 -24.72
C GLU A 262 8.32 -26.40 -25.03
N VAL A 263 7.23 -25.97 -24.39
CA VAL A 263 6.77 -24.59 -24.53
C VAL A 263 7.83 -23.63 -24.02
N ASN A 264 8.37 -23.93 -22.84
CA ASN A 264 9.39 -23.10 -22.24
C ASN A 264 10.60 -23.00 -23.09
N ALA A 265 11.11 -24.13 -23.56
CA ALA A 265 12.28 -24.07 -24.46
C ALA A 265 12.07 -23.31 -25.77
N ALA A 266 10.91 -23.50 -26.37
CA ALA A 266 10.58 -22.88 -27.62
C ALA A 266 10.47 -21.38 -27.48
N ILE A 267 9.86 -20.90 -26.40
CA ILE A 267 9.77 -19.47 -26.20
C ILE A 267 11.11 -18.90 -25.75
N LYS A 268 11.81 -19.61 -24.83
CA LYS A 268 13.08 -19.17 -24.33
C LYS A 268 14.01 -18.83 -25.45
N LYS A 269 14.04 -19.66 -26.50
CA LYS A 269 15.10 -19.44 -27.48
C LYS A 269 14.91 -18.07 -28.15
N HIS A 270 13.65 -17.59 -28.27
CA HIS A 270 13.35 -16.25 -28.80
C HIS A 270 13.65 -15.04 -27.89
N THR A 271 13.88 -15.28 -26.61
CA THR A 271 14.33 -14.28 -25.67
C THR A 271 15.81 -14.05 -25.65
N GLU A 272 16.55 -15.02 -26.18
CA GLU A 272 17.99 -14.99 -26.02
C GLU A 272 18.57 -13.82 -26.82
N GLY A 273 19.31 -12.97 -26.13
CA GLY A 273 19.89 -11.73 -26.74
C GLY A 273 18.80 -10.73 -27.18
N ASN A 274 17.57 -10.89 -26.70
CA ASN A 274 16.47 -10.04 -27.20
C ASN A 274 16.31 -8.94 -26.19
N GLU A 275 16.68 -7.71 -26.58
CA GLU A 275 16.57 -6.58 -25.69
C GLU A 275 15.07 -6.15 -25.36
N SER A 276 14.13 -6.63 -26.16
CA SER A 276 12.69 -6.23 -26.09
C SER A 276 11.88 -7.29 -25.35
N PHE A 277 12.29 -8.57 -25.40
CA PHE A 277 11.55 -9.70 -24.85
C PHE A 277 12.58 -10.57 -24.15
N GLY A 278 12.62 -10.40 -22.85
CA GLY A 278 13.57 -11.00 -21.98
C GLY A 278 13.09 -12.27 -21.33
N TYR A 279 13.89 -12.74 -20.37
CA TYR A 279 13.68 -14.04 -19.71
C TYR A 279 14.13 -14.01 -18.29
N ASN A 280 13.34 -14.56 -17.41
CA ASN A 280 13.76 -14.64 -16.07
C ASN A 280 13.25 -15.90 -15.43
N ASP A 281 14.15 -16.76 -14.97
CA ASP A 281 13.69 -17.96 -14.27
C ASP A 281 14.12 -18.05 -12.85
N ASP A 282 14.36 -16.91 -12.22
CA ASP A 282 14.77 -16.80 -10.80
C ASP A 282 13.61 -16.67 -9.82
N GLU A 283 12.40 -16.87 -10.27
CA GLU A 283 11.19 -16.75 -9.37
C GLU A 283 11.04 -15.32 -8.83
N ILE A 284 11.06 -14.40 -9.76
CA ILE A 284 10.95 -13.01 -9.43
C ILE A 284 9.49 -12.66 -9.10
N VAL A 285 9.31 -11.43 -8.57
CA VAL A 285 8.00 -10.83 -8.28
C VAL A 285 7.98 -9.43 -8.93
N SER A 286 6.84 -8.72 -8.87
CA SER A 286 6.64 -7.52 -9.69
C SER A 286 7.68 -6.42 -9.41
N SER A 287 8.10 -6.20 -8.17
CA SER A 287 9.00 -5.10 -7.90
C SER A 287 10.29 -5.32 -8.65
N ASP A 288 10.64 -6.57 -8.90
CA ASP A 288 11.93 -6.87 -9.57
C ASP A 288 11.99 -6.38 -11.01
N VAL A 289 10.85 -6.10 -11.63
CA VAL A 289 10.84 -5.60 -12.99
C VAL A 289 10.84 -4.10 -13.12
N ILE A 290 10.66 -3.39 -12.01
CA ILE A 290 10.65 -1.93 -12.03
C ILE A 290 12.03 -1.47 -12.35
N GLY A 291 12.12 -0.70 -13.43
CA GLY A 291 13.37 -0.20 -13.93
C GLY A 291 14.06 -1.06 -14.94
N THR A 292 13.49 -2.20 -15.34
CA THR A 292 14.04 -3.00 -16.39
C THR A 292 13.64 -2.41 -17.72
N THR A 293 14.39 -2.80 -18.73
CA THR A 293 14.37 -2.14 -20.05
C THR A 293 13.69 -2.95 -21.14
N PHE A 294 13.13 -4.12 -20.79
CA PHE A 294 12.43 -4.98 -21.75
C PHE A 294 10.99 -4.54 -21.88
N GLY A 295 10.38 -4.73 -23.06
CA GLY A 295 8.94 -4.59 -23.08
C GLY A 295 8.15 -5.73 -22.47
N SER A 296 8.80 -6.88 -22.29
CA SER A 296 8.14 -8.12 -21.89
C SER A 296 9.24 -9.03 -21.36
N ILE A 297 9.00 -9.76 -20.28
CA ILE A 297 9.95 -10.68 -19.64
C ILE A 297 9.27 -12.02 -19.41
N PHE A 298 9.62 -13.01 -20.29
CA PHE A 298 9.03 -14.37 -20.20
C PHE A 298 9.44 -15.03 -18.90
N ASP A 299 8.47 -15.63 -18.23
CA ASP A 299 8.68 -16.27 -16.93
C ASP A 299 8.26 -17.73 -17.07
N PRO A 300 9.20 -18.60 -17.36
CA PRO A 300 8.82 -20.04 -17.58
C PRO A 300 8.33 -20.72 -16.30
N THR A 301 8.60 -20.15 -15.11
CA THR A 301 8.13 -20.77 -13.90
C THR A 301 6.62 -20.81 -13.74
N GLN A 302 5.88 -20.05 -14.53
CA GLN A 302 4.44 -20.06 -14.42
C GLN A 302 3.75 -20.77 -15.57
N THR A 303 4.54 -21.40 -16.43
CA THR A 303 3.93 -22.04 -17.61
C THR A 303 3.14 -23.27 -17.13
N GLU A 304 1.99 -23.49 -17.73
CA GLU A 304 1.17 -24.64 -17.38
C GLU A 304 0.51 -25.21 -18.56
N VAL A 305 0.56 -26.54 -18.73
CA VAL A 305 -0.19 -27.17 -19.78
C VAL A 305 -1.21 -28.17 -19.17
N THR A 306 -2.50 -27.99 -19.46
CA THR A 306 -3.52 -28.81 -18.90
C THR A 306 -4.14 -29.58 -20.05
N SER A 307 -4.29 -30.90 -19.83
CA SER A 307 -4.57 -31.78 -20.96
C SER A 307 -5.43 -32.94 -20.48
N ASP A 308 -6.53 -33.19 -21.19
CA ASP A 308 -7.45 -34.35 -20.87
C ASP A 308 -7.90 -34.84 -22.15
N GLY A 309 -7.48 -36.10 -22.41
CA GLY A 309 -7.49 -36.67 -23.71
C GLY A 309 -6.86 -35.69 -24.69
N ASP A 310 -7.69 -35.21 -25.63
CA ASP A 310 -7.35 -34.41 -26.81
C ASP A 310 -7.50 -32.89 -26.64
N ASN A 311 -7.97 -32.42 -25.49
CA ASN A 311 -8.24 -31.00 -25.29
C ASN A 311 -7.09 -30.50 -24.42
N GLN A 312 -6.51 -29.37 -24.81
CA GLN A 312 -5.30 -28.90 -24.17
C GLN A 312 -5.41 -27.35 -24.04
N LEU A 313 -5.05 -26.86 -22.86
CA LEU A 313 -4.87 -25.42 -22.61
C LEU A 313 -3.48 -25.16 -22.19
N VAL A 314 -2.92 -24.02 -22.67
CA VAL A 314 -1.59 -23.65 -22.33
C VAL A 314 -1.58 -22.23 -21.76
N LYS A 315 -1.02 -22.09 -20.57
CA LYS A 315 -0.88 -20.79 -19.93
C LYS A 315 0.57 -20.42 -19.95
N THR A 316 0.86 -19.19 -20.40
CA THR A 316 2.21 -18.64 -20.39
C THR A 316 2.09 -17.19 -19.81
N VAL A 317 3.20 -16.68 -19.28
CA VAL A 317 3.19 -15.39 -18.52
C VAL A 317 4.41 -14.62 -18.90
N ALA A 318 4.24 -13.30 -19.01
CA ALA A 318 5.34 -12.36 -19.13
C ALA A 318 5.16 -11.14 -18.24
N TRP A 319 6.23 -10.75 -17.56
CA TRP A 319 6.28 -9.58 -16.69
C TRP A 319 6.64 -8.38 -17.54
N TYR A 320 6.32 -7.18 -17.01
CA TYR A 320 6.78 -5.93 -17.63
C TYR A 320 6.70 -4.74 -16.71
N ASP A 321 7.71 -3.88 -16.84
CA ASP A 321 7.62 -2.56 -16.29
C ASP A 321 6.77 -1.78 -17.24
N ASN A 322 5.47 -1.66 -16.87
CA ASN A 322 4.53 -1.01 -17.74
C ASN A 322 4.89 0.44 -18.01
N GLU A 323 5.65 1.06 -17.14
CA GLU A 323 6.18 2.40 -17.48
C GLU A 323 7.50 2.30 -18.31
N TYR A 324 8.58 1.86 -17.66
CA TYR A 324 9.94 1.96 -18.22
C TYR A 324 10.22 0.97 -19.31
N GLY A 325 9.60 -0.23 -19.25
CA GLY A 325 9.79 -1.15 -20.41
C GLY A 325 9.17 -0.65 -21.72
N PHE A 326 7.96 -0.11 -21.59
CA PHE A 326 7.29 0.55 -22.67
C PHE A 326 8.11 1.73 -23.16
N THR A 327 8.61 2.57 -22.22
CA THR A 327 9.44 3.68 -22.60
C THR A 327 10.67 3.26 -23.40
N CYS A 328 11.33 2.22 -22.93
CA CYS A 328 12.54 1.75 -23.64
C CYS A 328 12.23 1.19 -25.06
N GLN A 329 11.08 0.58 -25.22
CA GLN A 329 10.55 0.17 -26.54
C GLN A 329 10.39 1.35 -27.49
N MET A 330 9.75 2.40 -26.97
CA MET A 330 9.60 3.63 -27.75
C MET A 330 10.89 4.25 -28.17
N VAL A 331 11.88 4.30 -27.30
CA VAL A 331 13.16 4.89 -27.68
C VAL A 331 13.82 4.01 -28.72
N ARG A 332 13.68 2.70 -28.62
CA ARG A 332 14.23 1.84 -29.70
C ARG A 332 13.68 2.16 -31.07
N THR A 333 12.37 2.38 -31.13
CA THR A 333 11.67 2.74 -32.32
C THR A 333 12.07 4.18 -32.83
N LEU A 334 12.25 5.13 -31.95
CA LEU A 334 12.85 6.43 -32.34
C LEU A 334 14.23 6.30 -32.99
N LEU A 335 15.06 5.42 -32.44
CA LEU A 335 16.36 5.16 -33.05
C LEU A 335 16.20 4.52 -34.42
N LYS A 336 15.27 3.61 -34.57
CA LYS A 336 14.99 2.99 -35.86
C LYS A 336 14.52 4.02 -36.88
N PHE A 337 13.75 4.99 -36.44
CA PHE A 337 13.36 6.08 -37.32
C PHE A 337 14.52 6.68 -38.08
N ALA A 338 15.68 6.78 -37.46
CA ALA A 338 16.87 7.38 -38.11
C ALA A 338 17.38 6.60 -39.32
N THR A 339 17.04 5.32 -39.40
CA THR A 339 17.53 4.48 -40.48
C THR A 339 16.58 4.46 -41.64
N LEU A 340 15.42 5.13 -41.55
CA LEU A 340 14.41 5.04 -42.61
C LEU A 340 14.73 5.99 -43.78
N SER B 2 -26.35 -28.95 23.73
CA SER B 2 -25.12 -28.28 23.17
C SER B 2 -24.13 -29.28 22.57
N VAL B 3 -23.58 -28.99 21.37
CA VAL B 3 -22.28 -29.58 20.97
C VAL B 3 -21.15 -28.51 21.18
N LYS B 4 -20.18 -28.94 21.99
CA LYS B 4 -19.20 -28.08 22.66
C LYS B 4 -17.95 -28.07 21.76
N ILE B 5 -17.62 -26.89 21.18
CA ILE B 5 -16.51 -26.69 20.22
C ILE B 5 -15.29 -26.11 20.89
N GLY B 6 -14.19 -26.74 20.53
CA GLY B 6 -12.87 -26.34 20.92
C GLY B 6 -12.25 -25.80 19.63
N ILE B 7 -11.85 -24.54 19.63
CA ILE B 7 -11.23 -23.98 18.43
C ILE B 7 -9.75 -24.09 18.68
N ASN B 8 -9.02 -24.82 17.83
CA ASN B 8 -7.57 -24.86 17.94
C ASN B 8 -6.96 -23.92 16.95
N GLY B 9 -6.28 -22.89 17.43
CA GLY B 9 -5.67 -21.83 16.60
C GLY B 9 -6.65 -20.66 16.44
N PHE B 10 -6.44 -19.64 17.25
CA PHE B 10 -7.26 -18.46 17.33
C PHE B 10 -6.64 -17.41 16.49
N GLY B 11 -6.42 -17.78 15.21
CA GLY B 11 -5.89 -16.86 14.22
C GLY B 11 -6.98 -16.19 13.44
N ARG B 12 -6.67 -15.79 12.22
CA ARG B 12 -7.63 -15.06 11.38
C ARG B 12 -8.93 -15.93 11.28
N ILE B 13 -8.75 -17.21 10.98
CA ILE B 13 -9.93 -18.14 10.74
C ILE B 13 -10.57 -18.53 12.08
N GLY B 14 -9.78 -18.82 13.11
CA GLY B 14 -10.42 -19.21 14.41
C GLY B 14 -11.25 -18.08 14.95
N ARG B 15 -10.68 -16.85 14.92
CA ARG B 15 -11.37 -15.69 15.54
C ARG B 15 -12.63 -15.38 14.79
N LEU B 16 -12.52 -15.48 13.44
CA LEU B 16 -13.66 -15.24 12.58
C LEU B 16 -14.73 -16.32 12.74
N ALA B 17 -14.32 -17.54 13.01
CA ALA B 17 -15.30 -18.61 13.26
C ALA B 17 -16.04 -18.30 14.57
N PHE B 18 -15.29 -17.82 15.52
CA PHE B 18 -15.91 -17.37 16.78
C PHE B 18 -16.91 -16.30 16.55
N ARG B 19 -16.54 -15.27 15.74
CA ARG B 19 -17.45 -14.19 15.42
C ARG B 19 -18.71 -14.66 14.69
N ARG B 20 -18.54 -15.59 13.75
CA ARG B 20 -19.68 -16.03 13.00
C ARG B 20 -20.68 -16.82 13.89
N ILE B 21 -20.16 -17.72 14.70
CA ILE B 21 -20.99 -18.55 15.60
C ILE B 21 -21.72 -17.65 16.58
N LEU B 22 -21.03 -16.65 17.09
CA LEU B 22 -21.68 -15.65 17.99
C LEU B 22 -22.81 -14.95 17.28
N GLU B 23 -22.56 -14.45 16.08
CA GLU B 23 -23.59 -13.64 15.40
C GLU B 23 -24.75 -14.51 14.93
N LEU B 24 -24.53 -15.79 14.74
CA LEU B 24 -25.68 -16.69 14.46
C LEU B 24 -26.67 -16.79 15.70
N GLY B 25 -26.33 -16.27 16.88
CA GLY B 25 -27.29 -16.15 18.04
C GLY B 25 -28.66 -15.53 17.73
N SER B 29 -30.26 -19.54 17.12
CA SER B 29 -29.87 -20.49 16.05
C SER B 29 -29.19 -21.71 16.63
N ASP B 30 -28.32 -21.44 17.60
CA ASP B 30 -27.83 -22.47 18.49
C ASP B 30 -26.85 -23.50 17.87
N ILE B 31 -25.68 -22.95 17.63
CA ILE B 31 -24.43 -23.68 17.70
C ILE B 31 -23.63 -22.92 18.82
N GLU B 32 -22.83 -23.56 19.70
CA GLU B 32 -21.93 -22.75 20.61
C GLU B 32 -20.46 -23.24 20.89
N VAL B 33 -19.51 -22.26 20.91
CA VAL B 33 -18.10 -22.49 21.23
C VAL B 33 -18.01 -22.44 22.74
N VAL B 34 -17.09 -23.21 23.31
CA VAL B 34 -16.88 -23.29 24.75
C VAL B 34 -15.43 -23.31 25.16
N ALA B 35 -14.52 -23.57 24.25
CA ALA B 35 -13.10 -23.34 24.57
C ALA B 35 -12.14 -23.17 23.37
N ILE B 36 -10.93 -22.70 23.63
CA ILE B 36 -9.93 -22.24 22.64
C ILE B 36 -8.51 -22.61 23.00
N ASN B 37 -7.66 -22.93 22.02
CA ASN B 37 -6.24 -23.17 22.22
C ASN B 37 -5.38 -22.35 21.26
N ASP B 38 -4.27 -21.76 21.72
CA ASP B 38 -3.29 -21.00 20.87
C ASP B 38 -1.90 -21.05 21.52
N LEU B 39 -1.00 -20.13 21.17
CA LEU B 39 0.39 -20.03 21.72
C LEU B 39 0.51 -18.70 22.41
N THR B 40 -0.60 -18.22 22.95
CA THR B 40 -0.73 -16.80 23.17
C THR B 40 -1.45 -16.47 24.46
N SER B 41 -1.14 -15.32 25.02
CA SER B 41 -1.89 -14.81 26.15
C SER B 41 -3.41 -14.64 25.84
N PRO B 42 -4.28 -14.94 26.81
CA PRO B 42 -5.72 -14.66 26.73
C PRO B 42 -5.98 -13.18 26.49
N ALA B 43 -5.12 -12.34 27.07
CA ALA B 43 -5.24 -10.91 26.90
C ALA B 43 -5.10 -10.51 25.42
N LEU B 44 -4.10 -11.01 24.75
CA LEU B 44 -3.88 -10.62 23.37
C LEU B 44 -4.92 -11.28 22.50
N LEU B 45 -5.31 -12.52 22.80
CA LEU B 45 -6.42 -13.15 22.04
C LEU B 45 -7.71 -12.42 22.18
N ALA B 46 -8.04 -11.90 23.35
CA ALA B 46 -9.29 -11.14 23.46
C ALA B 46 -9.17 -9.81 22.68
N HIS B 47 -7.99 -9.21 22.77
CA HIS B 47 -7.75 -7.94 22.09
C HIS B 47 -7.93 -8.09 20.52
N LEU B 48 -7.41 -9.22 20.02
CA LEU B 48 -7.49 -9.55 18.58
C LEU B 48 -8.90 -9.88 18.14
N LEU B 49 -9.71 -10.45 19.05
CA LEU B 49 -11.08 -10.74 18.77
C LEU B 49 -11.87 -9.48 18.69
N LYS B 50 -11.54 -8.56 19.57
CA LYS B 50 -12.30 -7.33 19.67
C LYS B 50 -11.99 -6.39 18.52
N TYR B 51 -10.73 -6.17 18.23
CA TYR B 51 -10.25 -5.22 17.21
C TYR B 51 -9.64 -5.95 16.05
N ASP B 52 -10.19 -5.69 14.86
CA ASP B 52 -9.73 -6.38 13.65
C ASP B 52 -9.55 -5.37 12.56
N SER B 53 -8.35 -5.33 12.01
CA SER B 53 -8.07 -4.30 11.04
C SER B 53 -8.78 -4.56 9.69
N THR B 54 -9.22 -5.79 9.46
CA THR B 54 -9.95 -6.08 8.20
C THR B 54 -11.43 -5.97 8.41
N HIS B 55 -11.90 -6.58 9.49
CA HIS B 55 -13.33 -6.76 9.72
C HIS B 55 -13.94 -5.84 10.75
N GLY B 56 -13.18 -4.91 11.31
CA GLY B 56 -13.79 -3.89 12.18
C GLY B 56 -13.92 -4.43 13.61
N THR B 57 -14.45 -3.59 14.46
CA THR B 57 -14.53 -3.85 15.92
C THR B 57 -15.79 -4.65 16.20
N LEU B 58 -15.67 -5.66 17.03
CA LEU B 58 -16.77 -6.56 17.35
C LEU B 58 -17.72 -5.76 18.24
N ASN B 59 -19.00 -5.78 17.91
CA ASN B 59 -19.99 -5.08 18.71
C ASN B 59 -20.46 -6.01 19.82
N ALA B 60 -19.61 -6.24 20.80
CA ALA B 60 -19.84 -7.09 21.96
C ALA B 60 -18.87 -6.66 23.04
N ASP B 61 -19.20 -6.96 24.31
CA ASP B 61 -18.28 -6.72 25.40
C ASP B 61 -17.27 -7.83 25.45
N VAL B 62 -16.03 -7.46 25.27
CA VAL B 62 -14.91 -8.42 25.20
C VAL B 62 -13.87 -8.08 26.22
N SER B 63 -13.44 -9.09 26.98
CA SER B 63 -12.42 -8.87 27.97
C SER B 63 -11.69 -10.17 28.17
N ALA B 64 -10.68 -10.19 29.07
CA ALA B 64 -9.95 -11.43 29.42
C ALA B 64 -9.78 -11.64 30.93
N THR B 65 -9.51 -12.89 31.29
CA THR B 65 -8.98 -13.21 32.65
C THR B 65 -7.64 -13.83 32.41
N ASP B 66 -6.99 -14.31 33.47
CA ASP B 66 -5.70 -15.01 33.36
C ASP B 66 -5.73 -16.28 32.49
N ASP B 67 -6.90 -16.94 32.34
CA ASP B 67 -7.03 -18.19 31.58
C ASP B 67 -8.24 -18.31 30.58
N SER B 68 -8.84 -17.17 30.24
CA SER B 68 -9.97 -17.13 29.40
C SER B 68 -10.19 -15.77 28.70
N ILE B 69 -11.11 -15.81 27.73
CA ILE B 69 -11.69 -14.65 27.13
C ILE B 69 -13.08 -14.65 27.58
N VAL B 70 -13.65 -13.46 27.69
CA VAL B 70 -15.02 -13.29 28.09
C VAL B 70 -15.71 -12.43 27.08
N VAL B 71 -16.88 -12.85 26.63
CA VAL B 71 -17.68 -12.11 25.66
C VAL B 71 -19.08 -12.12 26.15
N ASN B 72 -19.62 -10.91 26.37
CA ASN B 72 -21.03 -10.73 26.70
C ASN B 72 -21.46 -11.59 27.92
N GLY B 73 -20.58 -11.61 28.93
CA GLY B 73 -20.81 -12.33 30.17
C GLY B 73 -20.62 -13.82 30.10
N LYS B 74 -20.08 -14.38 29.01
CA LYS B 74 -19.77 -15.81 28.95
C LYS B 74 -18.33 -15.99 28.95
N ASN B 75 -17.85 -17.01 29.67
CA ASN B 75 -16.46 -17.29 29.76
C ASN B 75 -16.04 -18.37 28.78
N TYR B 76 -14.89 -18.18 28.10
CA TYR B 76 -14.36 -19.14 27.13
C TYR B 76 -12.93 -19.42 27.49
N ARG B 77 -12.76 -20.63 28.01
CA ARG B 77 -11.47 -21.02 28.55
C ARG B 77 -10.41 -21.14 27.42
N VAL B 78 -9.22 -20.66 27.71
CA VAL B 78 -8.18 -20.61 26.76
C VAL B 78 -6.92 -21.34 27.24
N TYR B 79 -6.34 -22.13 26.32
CA TYR B 79 -5.08 -22.83 26.52
C TYR B 79 -3.92 -22.41 25.60
N ALA B 80 -2.71 -22.81 26.04
CA ALA B 80 -1.49 -22.47 25.32
C ALA B 80 -0.67 -23.73 25.04
N GLU B 81 -1.38 -24.78 24.59
CA GLU B 81 -0.84 -26.13 24.45
C GLU B 81 -0.41 -26.44 22.98
N PRO B 82 0.91 -26.32 22.63
CA PRO B 82 1.36 -26.48 21.23
C PRO B 82 1.22 -27.84 20.62
N GLN B 83 1.03 -28.87 21.44
CA GLN B 83 0.79 -30.21 20.91
C GLN B 83 -0.58 -30.57 21.28
N ALA B 84 -1.43 -30.79 20.27
CA ALA B 84 -2.82 -31.06 20.49
C ALA B 84 -3.02 -32.28 21.37
N VAL B 98 -13.57 -30.45 17.58
CA VAL B 98 -12.52 -29.46 17.32
C VAL B 98 -12.63 -28.79 15.95
N LEU B 99 -12.50 -27.46 15.93
CA LEU B 99 -12.38 -26.76 14.67
C LEU B 99 -10.93 -26.46 14.63
N GLU B 100 -10.24 -27.19 13.73
CA GLU B 100 -8.82 -27.15 13.67
C GLU B 100 -8.33 -26.09 12.70
N CYS B 101 -7.76 -25.05 13.26
CA CYS B 101 -7.38 -23.83 12.51
C CYS B 101 -5.97 -23.31 12.66
N THR B 102 -5.02 -24.17 12.96
CA THR B 102 -3.65 -23.71 13.16
C THR B 102 -2.82 -23.68 11.90
N GLY B 103 -3.21 -24.52 10.92
CA GLY B 103 -2.32 -24.90 9.80
C GLY B 103 -1.23 -25.91 10.11
N PHE B 104 -1.21 -26.48 11.34
CA PHE B 104 -0.11 -27.33 11.85
C PHE B 104 -0.63 -28.76 11.95
N TYR B 105 -1.92 -28.99 11.76
CA TYR B 105 -2.50 -30.33 11.84
C TYR B 105 -3.26 -30.81 10.57
N THR B 106 -2.69 -30.44 9.45
CA THR B 106 -3.27 -30.49 8.13
C THR B 106 -3.28 -31.88 7.44
N SER B 107 -3.68 -32.90 8.17
CA SER B 107 -3.75 -34.25 7.65
C SER B 107 -4.54 -35.09 8.61
N LYS B 108 -5.00 -36.25 8.19
CA LYS B 108 -5.68 -37.10 9.16
C LYS B 108 -4.65 -37.66 10.23
N ALA B 109 -3.45 -37.99 9.78
CA ALA B 109 -2.43 -38.52 10.70
C ALA B 109 -2.27 -37.50 11.81
N LYS B 110 -1.93 -36.27 11.43
CA LYS B 110 -1.72 -35.17 12.40
C LYS B 110 -2.91 -34.80 13.27
N SER B 111 -4.12 -34.72 12.73
CA SER B 111 -5.29 -34.29 13.50
C SER B 111 -5.81 -35.41 14.38
N GLN B 112 -5.00 -36.43 14.50
CA GLN B 112 -5.29 -37.52 15.42
C GLN B 112 -5.55 -37.23 16.96
N ALA B 113 -4.92 -36.24 17.63
CA ALA B 113 -5.15 -36.02 19.10
C ALA B 113 -6.59 -35.64 19.52
N HIS B 114 -7.40 -35.14 18.60
CA HIS B 114 -8.71 -34.59 18.98
C HIS B 114 -9.74 -35.71 19.17
N LEU B 115 -9.62 -36.69 18.28
CA LEU B 115 -10.13 -38.04 18.49
C LEU B 115 -9.55 -38.65 19.76
N ASP B 116 -8.22 -38.48 19.89
CA ASP B 116 -7.42 -38.98 21.00
C ASP B 116 -7.72 -38.26 22.34
N ALA B 117 -8.74 -37.40 22.40
CA ALA B 117 -9.27 -36.96 23.67
C ALA B 117 -10.76 -36.63 23.65
N GLY B 118 -11.54 -37.23 22.82
CA GLY B 118 -12.95 -37.31 23.01
C GLY B 118 -13.80 -36.43 22.17
N ALA B 119 -13.34 -36.07 20.96
CA ALA B 119 -14.25 -35.44 20.06
C ALA B 119 -14.97 -36.51 19.25
N LYS B 120 -16.29 -36.35 19.12
CA LYS B 120 -17.09 -37.01 18.09
C LYS B 120 -16.48 -36.68 16.66
N ARG B 121 -15.98 -35.44 16.46
CA ARG B 121 -15.40 -35.00 15.16
C ARG B 121 -14.31 -33.85 15.15
N VAL B 122 -13.71 -33.69 13.96
CA VAL B 122 -12.71 -32.62 13.72
C VAL B 122 -12.99 -32.09 12.35
N LEU B 123 -13.03 -30.76 12.22
CA LEU B 123 -13.14 -30.16 10.92
C LEU B 123 -11.90 -29.35 10.77
N ILE B 124 -11.09 -29.68 9.76
CA ILE B 124 -9.81 -29.05 9.55
C ILE B 124 -10.05 -27.89 8.56
N SER B 125 -9.46 -26.71 8.85
CA SER B 125 -9.76 -25.46 8.11
C SER B 125 -8.90 -25.27 6.86
N ALA B 126 -8.58 -26.39 6.22
CA ALA B 126 -7.63 -26.41 5.18
C ALA B 126 -7.72 -27.78 4.46
N PRO B 127 -7.09 -27.87 3.27
CA PRO B 127 -6.94 -29.18 2.60
C PRO B 127 -6.15 -30.03 3.58
N ALA B 128 -6.45 -31.29 3.59
CA ALA B 128 -5.86 -32.23 4.54
C ALA B 128 -5.71 -33.66 3.96
N GLY B 129 -5.40 -33.73 2.67
CA GLY B 129 -5.07 -35.00 2.00
C GLY B 129 -6.29 -35.60 1.33
N SER B 130 -6.11 -36.82 0.83
CA SER B 130 -7.15 -37.50 0.08
C SER B 130 -7.68 -38.75 0.79
N ASP B 131 -7.14 -39.08 1.96
CA ASP B 131 -7.62 -40.23 2.72
C ASP B 131 -8.75 -39.84 3.70
N LEU B 132 -9.36 -38.67 3.51
CA LEU B 132 -10.58 -38.30 4.23
C LEU B 132 -11.43 -37.49 3.24
N LYS B 133 -12.58 -37.04 3.68
CA LYS B 133 -13.48 -36.29 2.83
C LYS B 133 -13.20 -34.80 2.88
N THR B 134 -13.33 -34.18 1.72
CA THR B 134 -13.15 -32.72 1.56
C THR B 134 -14.50 -32.16 1.24
N ILE B 135 -15.05 -31.29 2.08
CA ILE B 135 -16.39 -30.78 1.89
C ILE B 135 -16.47 -29.31 1.53
N VAL B 136 -17.16 -28.98 0.40
CA VAL B 136 -17.57 -27.62 0.11
C VAL B 136 -19.08 -27.57 0.33
N TYR B 137 -19.50 -26.84 1.35
CA TYR B 137 -20.86 -26.80 1.67
C TYR B 137 -21.66 -26.29 0.47
N ASN B 138 -22.77 -26.99 0.18
CA ASN B 138 -23.71 -26.67 -0.90
C ASN B 138 -23.17 -27.13 -2.24
N VAL B 139 -22.07 -27.88 -2.25
CA VAL B 139 -21.67 -28.66 -3.44
C VAL B 139 -21.73 -30.16 -3.13
N ASN B 140 -21.04 -30.59 -2.10
CA ASN B 140 -20.93 -32.03 -1.80
C ASN B 140 -21.09 -32.37 -0.33
N ASP B 141 -21.69 -31.49 0.47
CA ASP B 141 -21.86 -31.82 1.89
C ASP B 141 -22.81 -33.06 2.12
N ASP B 142 -23.61 -33.39 1.09
CA ASP B 142 -24.42 -34.62 1.09
C ASP B 142 -23.66 -35.96 1.17
N ILE B 143 -22.33 -36.00 1.05
CA ILE B 143 -21.54 -37.23 1.28
C ILE B 143 -21.16 -37.49 2.72
N LEU B 144 -21.41 -36.53 3.60
CA LEU B 144 -21.05 -36.75 4.97
C LEU B 144 -21.94 -37.85 5.60
N THR B 145 -21.30 -38.69 6.40
CA THR B 145 -22.02 -39.70 7.21
C THR B 145 -21.63 -39.57 8.64
N ALA B 146 -22.45 -40.20 9.49
CA ALA B 146 -22.16 -40.28 10.92
C ALA B 146 -20.85 -40.94 11.17
N ASP B 147 -20.32 -41.75 10.26
CA ASP B 147 -19.01 -42.33 10.51
C ASP B 147 -17.89 -41.35 10.35
N ASP B 148 -18.12 -40.27 9.61
CA ASP B 148 -17.04 -39.26 9.36
C ASP B 148 -16.65 -38.45 10.59
N ARG B 149 -15.47 -38.80 11.13
CA ARG B 149 -14.78 -38.13 12.23
C ARG B 149 -13.75 -36.98 11.93
N ILE B 150 -12.86 -37.15 10.94
CA ILE B 150 -11.92 -36.09 10.54
C ILE B 150 -12.25 -35.73 9.10
N VAL B 151 -12.53 -34.43 8.90
CA VAL B 151 -13.10 -33.94 7.65
C VAL B 151 -12.33 -32.65 7.33
N SER B 152 -12.05 -32.43 6.04
CA SER B 152 -11.44 -31.19 5.54
C SER B 152 -12.56 -30.28 5.05
N ALA B 153 -12.48 -28.98 5.39
CA ALA B 153 -13.39 -28.00 4.82
C ALA B 153 -12.83 -27.39 3.52
N GLY B 154 -11.73 -27.92 3.04
CA GLY B 154 -11.14 -27.49 1.82
C GLY B 154 -10.35 -26.22 2.09
N SER B 155 -9.75 -25.65 1.06
CA SER B 155 -9.22 -24.28 1.15
C SER B 155 -10.27 -23.23 0.87
N CYS B 156 -9.88 -21.97 1.11
CA CYS B 156 -10.63 -20.83 0.67
C CYS B 156 -10.82 -20.83 -0.83
N THR B 157 -9.75 -21.15 -1.58
CA THR B 157 -9.91 -21.19 -3.04
C THR B 157 -10.84 -22.34 -3.51
N THR B 158 -10.75 -23.47 -2.84
CA THR B 158 -11.69 -24.58 -3.18
C THR B 158 -13.16 -24.15 -3.01
N ASN B 159 -13.47 -23.40 -1.95
CA ASN B 159 -14.84 -22.99 -1.72
C ASN B 159 -15.36 -21.95 -2.69
N CYS B 160 -14.45 -21.18 -3.30
CA CYS B 160 -14.82 -20.25 -4.33
C CYS B 160 -14.97 -20.96 -5.71
N LEU B 161 -13.96 -21.76 -6.07
CA LEU B 161 -13.89 -22.40 -7.41
C LEU B 161 -14.94 -23.49 -7.56
N ALA B 162 -15.14 -24.28 -6.51
CA ALA B 162 -16.00 -25.49 -6.63
C ALA B 162 -17.39 -25.22 -7.14
N PRO B 163 -18.15 -24.30 -6.52
CA PRO B 163 -19.44 -24.11 -7.12
C PRO B 163 -19.49 -23.56 -8.55
N LEU B 164 -18.57 -22.67 -8.87
CA LEU B 164 -18.48 -22.17 -10.24
C LEU B 164 -18.26 -23.29 -11.23
N ALA B 165 -17.27 -24.13 -10.98
CA ALA B 165 -16.93 -25.23 -11.89
C ALA B 165 -18.03 -26.27 -11.86
N PHE B 166 -18.60 -26.52 -10.68
CA PHE B 166 -19.71 -27.53 -10.54
C PHE B 166 -20.88 -27.16 -11.46
N PHE B 167 -21.41 -25.95 -11.33
CA PHE B 167 -22.52 -25.52 -12.14
C PHE B 167 -22.14 -25.30 -13.60
N GLU B 168 -20.96 -24.70 -13.85
CA GLU B 168 -20.56 -24.51 -15.24
C GLU B 168 -20.44 -25.87 -15.96
N ASN B 169 -19.88 -26.87 -15.30
CA ASN B 169 -19.78 -28.23 -15.83
C ASN B 169 -21.12 -28.89 -16.10
N LYS B 170 -22.01 -28.82 -15.13
CA LYS B 170 -23.39 -29.40 -15.35
C LYS B 170 -24.10 -28.81 -16.56
N GLU B 171 -23.90 -27.52 -16.78
CA GLU B 171 -24.61 -26.81 -17.82
C GLU B 171 -23.98 -27.05 -19.21
N PHE B 172 -22.65 -27.04 -19.25
CA PHE B 172 -21.91 -26.97 -20.50
C PHE B 172 -20.80 -28.00 -20.76
N GLY B 173 -20.41 -28.74 -19.73
CA GLY B 173 -19.39 -29.74 -19.85
C GLY B 173 -17.97 -29.22 -19.93
N ILE B 174 -17.29 -29.18 -18.81
CA ILE B 174 -15.94 -28.78 -18.79
C ILE B 174 -15.03 -29.91 -19.27
N LYS B 175 -14.37 -29.66 -20.36
CA LYS B 175 -13.32 -30.58 -20.86
C LYS B 175 -12.00 -30.47 -20.15
N VAL B 176 -11.51 -29.24 -20.06
CA VAL B 176 -10.34 -28.92 -19.34
C VAL B 176 -10.46 -27.45 -18.95
N GLY B 177 -9.74 -27.07 -17.90
CA GLY B 177 -9.78 -25.68 -17.44
C GLY B 177 -8.53 -25.32 -16.69
N THR B 178 -8.26 -24.00 -16.64
CA THR B 178 -7.20 -23.50 -15.82
C THR B 178 -7.68 -22.31 -15.02
N MET B 179 -7.16 -22.18 -13.79
CA MET B 179 -7.57 -21.13 -12.87
C MET B 179 -6.41 -20.20 -12.54
N THR B 180 -6.73 -18.90 -12.40
CA THR B 180 -5.87 -17.91 -11.77
C THR B 180 -6.68 -17.17 -10.76
N THR B 181 -6.29 -17.27 -9.51
CA THR B 181 -6.90 -16.49 -8.43
C THR B 181 -6.03 -15.30 -8.14
N ILE B 182 -6.63 -14.11 -8.15
CA ILE B 182 -5.94 -12.87 -7.76
C ILE B 182 -6.34 -12.63 -6.32
N HIS B 183 -5.43 -13.03 -5.46
CA HIS B 183 -5.68 -13.35 -4.08
C HIS B 183 -5.03 -12.36 -3.11
N ALA B 184 -5.78 -11.98 -2.08
CA ALA B 184 -5.24 -11.13 -1.00
C ALA B 184 -4.03 -11.78 -0.36
N TYR B 185 -3.14 -10.97 0.18
CA TYR B 185 -2.05 -11.55 0.87
C TYR B 185 -2.53 -12.24 2.17
N THR B 186 -1.77 -13.21 2.66
CA THR B 186 -2.15 -13.92 3.89
C THR B 186 -0.97 -14.04 4.86
N SER B 187 -1.23 -14.65 6.01
CA SER B 187 -0.24 -14.70 7.13
C SER B 187 0.93 -15.62 6.86
N THR B 188 0.89 -16.39 5.80
CA THR B 188 2.03 -17.18 5.35
C THR B 188 3.09 -16.34 4.68
N GLN B 189 2.73 -15.12 4.31
CA GLN B 189 3.68 -14.24 3.60
C GLN B 189 4.41 -13.31 4.60
N MET B 190 5.38 -12.57 4.07
CA MET B 190 6.30 -11.76 4.84
C MET B 190 5.89 -10.28 4.61
N LEU B 191 6.04 -9.44 5.66
CA LEU B 191 5.91 -8.01 5.48
C LEU B 191 7.03 -7.40 4.64
N LEU B 192 8.22 -7.81 4.96
CA LEU B 192 9.42 -7.42 4.18
C LEU B 192 10.24 -8.61 3.70
N ASP B 193 11.04 -8.39 2.68
CA ASP B 193 11.82 -9.51 2.12
C ASP B 193 12.69 -10.18 3.21
N GLY B 194 12.65 -11.51 3.31
CA GLY B 194 13.48 -12.16 4.25
C GLY B 194 13.34 -13.64 4.26
N PRO B 195 14.19 -14.30 5.03
CA PRO B 195 14.03 -15.78 5.19
C PRO B 195 12.66 -16.19 5.62
N VAL B 196 12.19 -17.31 5.09
CA VAL B 196 10.83 -17.73 5.28
C VAL B 196 10.89 -19.26 5.42
N ARG B 197 10.03 -19.73 6.28
CA ARG B 197 9.92 -21.18 6.57
C ARG B 197 9.60 -21.90 5.24
N GLY B 198 10.37 -22.91 4.92
CA GLY B 198 10.21 -23.64 3.65
C GLY B 198 11.18 -23.17 2.60
N GLY B 199 11.73 -21.95 2.76
CA GLY B 199 12.75 -21.50 1.86
C GLY B 199 12.28 -21.01 0.48
N ASN B 200 11.00 -20.89 0.24
CA ASN B 200 10.51 -20.51 -1.07
C ASN B 200 10.89 -19.09 -1.47
N PHE B 201 11.34 -18.92 -2.70
CA PHE B 201 11.82 -17.65 -3.16
C PHE B 201 10.79 -16.54 -3.23
N ARG B 202 9.56 -16.92 -3.51
CA ARG B 202 8.46 -15.95 -3.65
C ARG B 202 7.77 -15.68 -2.27
N ALA B 203 7.58 -16.72 -1.47
CA ALA B 203 7.04 -16.57 -0.11
C ALA B 203 7.89 -15.60 0.70
N ALA B 204 9.18 -15.55 0.35
CA ALA B 204 10.16 -14.71 0.98
C ALA B 204 9.96 -13.20 0.80
N ARG B 205 9.15 -12.77 -0.16
CA ARG B 205 9.18 -11.41 -0.59
C ARG B 205 8.06 -10.55 0.04
N ALA B 206 8.36 -9.25 0.17
CA ALA B 206 7.41 -8.27 0.79
C ALA B 206 6.02 -8.32 0.16
N ALA B 207 5.00 -8.61 0.96
CA ALA B 207 3.69 -8.93 0.31
C ALA B 207 2.91 -7.70 -0.08
N GLY B 208 3.19 -6.57 0.61
CA GLY B 208 2.38 -5.41 0.38
C GLY B 208 2.70 -4.56 -0.84
N VAL B 209 3.84 -4.83 -1.43
CA VAL B 209 4.39 -4.05 -2.50
C VAL B 209 4.83 -4.95 -3.67
N ASN B 210 4.22 -6.13 -3.78
CA ASN B 210 4.48 -7.04 -4.89
C ASN B 210 3.21 -7.78 -5.25
N THR B 211 3.15 -8.10 -6.53
CA THR B 211 2.36 -9.18 -7.11
C THR B 211 3.25 -10.41 -7.15
N ILE B 212 2.80 -11.44 -6.46
CA ILE B 212 3.59 -12.59 -6.14
C ILE B 212 2.91 -13.90 -6.61
N PRO B 213 3.46 -14.56 -7.60
CA PRO B 213 2.91 -15.88 -7.95
C PRO B 213 2.99 -16.87 -6.82
N HIS B 214 1.97 -17.70 -6.74
CA HIS B 214 1.85 -18.60 -5.60
C HIS B 214 1.16 -19.90 -6.03
N SER B 215 1.69 -21.03 -5.58
CA SER B 215 1.17 -22.35 -5.98
C SER B 215 -0.07 -22.61 -5.16
N THR B 216 -1.07 -23.23 -5.78
CA THR B 216 -2.32 -23.62 -5.11
C THR B 216 -2.64 -25.05 -5.55
N GLY B 217 -3.26 -25.82 -4.68
CA GLY B 217 -3.77 -27.16 -5.07
C GLY B 217 -5.25 -27.20 -5.43
N ALA B 218 -5.97 -26.08 -5.37
CA ALA B 218 -7.43 -26.14 -5.46
C ALA B 218 -7.94 -26.70 -6.77
N ALA B 219 -7.29 -26.35 -7.89
CA ALA B 219 -7.81 -26.85 -9.19
C ALA B 219 -7.44 -28.33 -9.37
N LYS B 220 -6.17 -28.65 -9.09
CA LYS B 220 -5.65 -29.99 -9.29
C LYS B 220 -6.35 -31.03 -8.43
N ALA B 221 -6.76 -30.64 -7.24
CA ALA B 221 -7.34 -31.57 -6.29
C ALA B 221 -8.86 -31.42 -6.30
N LEU B 222 -9.40 -30.71 -7.28
CA LEU B 222 -10.85 -30.43 -7.27
C LEU B 222 -11.71 -31.74 -7.38
N GLY B 223 -11.08 -32.84 -7.86
CA GLY B 223 -11.70 -34.20 -7.89
C GLY B 223 -12.14 -34.68 -6.53
N LEU B 224 -11.52 -34.22 -5.47
CA LEU B 224 -11.95 -34.59 -4.10
C LEU B 224 -13.30 -34.07 -3.75
N VAL B 225 -13.73 -33.00 -4.40
CA VAL B 225 -15.06 -32.42 -4.21
C VAL B 225 -15.99 -32.75 -5.36
N ILE B 226 -15.50 -32.75 -6.58
CA ILE B 226 -16.34 -32.99 -7.77
C ILE B 226 -15.60 -34.08 -8.53
N PRO B 227 -15.91 -35.36 -8.26
CA PRO B 227 -15.09 -36.46 -8.82
C PRO B 227 -14.86 -36.41 -10.33
N GLU B 228 -15.87 -36.04 -11.08
CA GLU B 228 -15.72 -36.11 -12.56
C GLU B 228 -14.74 -35.07 -13.10
N LEU B 229 -14.40 -34.05 -12.26
CA LEU B 229 -13.39 -33.08 -12.64
C LEU B 229 -11.99 -33.43 -12.24
N ASN B 230 -11.80 -34.59 -11.64
CA ASN B 230 -10.45 -35.11 -11.40
C ASN B 230 -9.62 -35.09 -12.70
N GLY B 231 -8.41 -34.55 -12.65
CA GLY B 231 -7.52 -34.51 -13.82
C GLY B 231 -7.79 -33.48 -14.86
N LYS B 232 -8.81 -32.64 -14.68
CA LYS B 232 -9.28 -31.81 -15.76
C LYS B 232 -8.88 -30.34 -15.57
N LEU B 233 -8.43 -29.99 -14.38
CA LEU B 233 -8.10 -28.58 -14.03
C LEU B 233 -6.79 -28.44 -13.37
N GLN B 234 -6.15 -27.29 -13.70
CA GLN B 234 -4.96 -26.89 -13.00
C GLN B 234 -5.10 -25.34 -12.73
N GLY B 235 -4.16 -24.81 -11.97
CA GLY B 235 -4.20 -23.35 -11.73
C GLY B 235 -3.13 -22.86 -10.82
N HIS B 236 -3.20 -21.58 -10.52
CA HIS B 236 -2.28 -20.98 -9.53
C HIS B 236 -2.90 -19.69 -8.99
N ALA B 237 -2.13 -19.00 -8.17
CA ALA B 237 -2.57 -17.73 -7.61
C ALA B 237 -1.58 -16.65 -7.90
N GLN B 238 -2.08 -15.43 -7.85
CA GLN B 238 -1.25 -14.24 -7.80
C GLN B 238 -1.61 -13.54 -6.50
N ARG B 239 -0.66 -13.41 -5.58
CA ARG B 239 -0.93 -12.77 -4.30
C ARG B 239 -0.66 -11.25 -4.51
N VAL B 240 -1.65 -10.41 -4.18
CA VAL B 240 -1.58 -9.00 -4.40
C VAL B 240 -1.79 -8.19 -3.13
N GLY B 241 -1.50 -6.90 -3.25
CA GLY B 241 -1.27 -6.01 -2.08
C GLY B 241 -2.56 -5.51 -1.39
N VAL B 242 -3.52 -6.38 -1.13
CA VAL B 242 -4.68 -6.09 -0.27
C VAL B 242 -4.78 -7.07 0.84
N VAL B 243 -5.39 -6.66 1.95
CA VAL B 243 -5.51 -7.47 3.12
C VAL B 243 -6.47 -8.64 3.12
N ASP B 244 -7.46 -8.60 2.25
CA ASP B 244 -8.47 -9.58 2.17
C ASP B 244 -9.31 -9.31 0.93
N GLY B 245 -9.93 -10.36 0.41
CA GLY B 245 -10.89 -10.19 -0.72
C GLY B 245 -10.10 -10.62 -1.93
N SER B 246 -10.69 -11.59 -2.63
CA SER B 246 -10.01 -12.34 -3.70
C SER B 246 -10.92 -12.67 -4.84
N LEU B 247 -10.35 -13.02 -5.94
CA LEU B 247 -11.20 -13.41 -7.12
C LEU B 247 -10.60 -14.58 -7.86
N THR B 248 -11.41 -15.50 -8.28
CA THR B 248 -10.94 -16.68 -9.02
C THR B 248 -11.43 -16.53 -10.45
N GLU B 249 -10.47 -16.54 -11.39
CA GLU B 249 -10.76 -16.63 -12.84
C GLU B 249 -10.62 -18.09 -13.27
N LEU B 250 -11.62 -18.56 -14.03
CA LEU B 250 -11.58 -19.88 -14.67
C LEU B 250 -11.68 -19.74 -16.19
N VAL B 251 -10.72 -20.35 -16.94
CA VAL B 251 -10.75 -20.38 -18.38
C VAL B 251 -10.87 -21.86 -18.74
N ALA B 252 -11.91 -22.17 -19.49
CA ALA B 252 -12.26 -23.55 -19.82
C ALA B 252 -12.62 -23.75 -21.31
N ILE B 253 -12.39 -24.98 -21.75
CA ILE B 253 -12.92 -25.49 -23.01
C ILE B 253 -14.14 -26.32 -22.60
N LEU B 254 -15.26 -26.05 -23.20
CA LEU B 254 -16.52 -26.62 -22.82
C LEU B 254 -17.03 -27.52 -23.97
N ASP B 255 -17.95 -28.41 -23.64
CA ASP B 255 -18.54 -29.29 -24.67
C ASP B 255 -19.48 -28.48 -25.60
N LYS B 256 -20.25 -27.56 -25.01
CA LYS B 256 -21.26 -26.79 -25.69
C LYS B 256 -20.66 -25.54 -26.24
N LYS B 257 -21.11 -25.12 -27.42
CA LYS B 257 -20.84 -23.79 -27.91
C LYS B 257 -21.74 -22.84 -27.18
N VAL B 258 -21.20 -21.72 -26.65
CA VAL B 258 -21.97 -20.75 -25.87
C VAL B 258 -21.69 -19.27 -26.16
N THR B 259 -22.57 -18.42 -25.69
CA THR B 259 -22.31 -16.98 -25.62
C THR B 259 -22.15 -16.56 -24.15
N ALA B 260 -21.59 -15.39 -23.90
CA ALA B 260 -21.50 -14.89 -22.54
C ALA B 260 -22.84 -14.68 -21.86
N ASP B 261 -23.89 -14.21 -22.55
CA ASP B 261 -25.16 -14.02 -21.91
C ASP B 261 -25.78 -15.39 -21.53
N GLU B 262 -25.57 -16.41 -22.36
CA GLU B 262 -26.08 -17.74 -22.07
C GLU B 262 -25.43 -18.31 -20.82
N VAL B 263 -24.09 -18.23 -20.79
CA VAL B 263 -23.34 -18.66 -19.61
C VAL B 263 -23.85 -17.96 -18.35
N ASN B 264 -23.95 -16.64 -18.40
CA ASN B 264 -24.37 -15.86 -17.22
C ASN B 264 -25.77 -16.27 -16.76
N ALA B 265 -26.72 -16.42 -17.70
CA ALA B 265 -28.10 -16.73 -17.30
C ALA B 265 -28.18 -18.13 -16.64
N ALA B 266 -27.40 -19.04 -17.15
CA ALA B 266 -27.39 -20.42 -16.71
C ALA B 266 -26.80 -20.52 -15.33
N ILE B 267 -25.69 -19.85 -15.10
CA ILE B 267 -24.99 -19.94 -13.82
C ILE B 267 -25.82 -19.18 -12.81
N LYS B 268 -26.31 -18.05 -13.18
CA LYS B 268 -27.10 -17.23 -12.27
C LYS B 268 -28.24 -17.98 -11.60
N LYS B 269 -28.91 -18.78 -12.42
CA LYS B 269 -30.02 -19.61 -11.84
C LYS B 269 -29.62 -20.35 -10.59
N HIS B 270 -28.40 -20.89 -10.57
CA HIS B 270 -27.95 -21.67 -9.45
C HIS B 270 -27.55 -20.87 -8.22
N THR B 271 -27.47 -19.56 -8.34
CA THR B 271 -27.21 -18.68 -7.21
C THR B 271 -28.47 -18.26 -6.46
N GLU B 272 -29.65 -18.57 -7.03
CA GLU B 272 -30.92 -18.05 -6.50
C GLU B 272 -31.18 -18.72 -5.22
N GLY B 273 -31.28 -17.92 -4.16
CA GLY B 273 -31.40 -18.46 -2.79
C GLY B 273 -30.22 -19.25 -2.22
N ASN B 274 -29.05 -19.13 -2.84
CA ASN B 274 -27.95 -19.99 -2.54
C ASN B 274 -27.05 -19.18 -1.58
N GLU B 275 -26.98 -19.61 -0.33
CA GLU B 275 -26.19 -18.85 0.66
C GLU B 275 -24.67 -19.09 0.52
N SER B 276 -24.27 -20.06 -0.27
CA SER B 276 -22.89 -20.44 -0.47
C SER B 276 -22.31 -19.84 -1.73
N PHE B 277 -23.14 -19.68 -2.74
CA PHE B 277 -22.65 -19.28 -4.11
C PHE B 277 -23.58 -18.23 -4.51
N GLY B 278 -23.14 -17.00 -4.36
CA GLY B 278 -23.94 -15.85 -4.69
C GLY B 278 -23.71 -15.20 -6.00
N TYR B 279 -24.31 -14.01 -6.13
CA TYR B 279 -24.31 -13.30 -7.42
C TYR B 279 -24.20 -11.78 -7.19
N ASN B 280 -23.39 -11.11 -8.01
CA ASN B 280 -23.33 -9.68 -8.02
C ASN B 280 -23.04 -9.15 -9.40
N ASP B 281 -23.97 -8.36 -9.92
CA ASP B 281 -23.80 -7.70 -11.19
C ASP B 281 -23.70 -6.20 -11.15
N ASP B 282 -23.26 -5.63 -10.03
CA ASP B 282 -23.16 -4.19 -9.84
C ASP B 282 -21.73 -3.69 -10.15
N GLU B 283 -20.84 -4.51 -10.75
CA GLU B 283 -19.45 -4.04 -11.09
C GLU B 283 -18.70 -3.71 -9.80
N ILE B 284 -18.76 -4.65 -8.88
CA ILE B 284 -18.02 -4.55 -7.61
C ILE B 284 -16.52 -4.74 -7.77
N VAL B 285 -15.80 -4.37 -6.71
CA VAL B 285 -14.33 -4.59 -6.61
C VAL B 285 -14.00 -5.34 -5.32
N SER B 286 -12.75 -5.68 -5.09
CA SER B 286 -12.45 -6.64 -4.00
C SER B 286 -12.94 -6.23 -2.65
N SER B 287 -12.77 -4.94 -2.26
CA SER B 287 -13.23 -4.44 -0.93
C SER B 287 -14.64 -4.76 -0.67
N ASP B 288 -15.42 -4.74 -1.74
CA ASP B 288 -16.85 -4.98 -1.55
C ASP B 288 -17.27 -6.36 -1.04
N VAL B 289 -16.40 -7.37 -1.19
CA VAL B 289 -16.71 -8.67 -0.68
C VAL B 289 -16.24 -8.90 0.72
N ILE B 290 -15.51 -7.96 1.30
CA ILE B 290 -15.01 -8.18 2.64
C ILE B 290 -16.21 -8.12 3.59
N GLY B 291 -16.37 -9.17 4.37
CA GLY B 291 -17.45 -9.34 5.31
C GLY B 291 -18.71 -10.06 4.79
N THR B 292 -18.67 -10.45 3.51
CA THR B 292 -19.72 -11.24 2.91
C THR B 292 -19.64 -12.68 3.39
N THR B 293 -20.77 -13.39 3.24
CA THR B 293 -21.00 -14.67 3.88
C THR B 293 -21.05 -15.82 2.87
N PHE B 294 -20.88 -15.55 1.59
CA PHE B 294 -20.77 -16.55 0.54
C PHE B 294 -19.37 -17.14 0.45
N GLY B 295 -19.29 -18.40 0.08
CA GLY B 295 -18.01 -19.06 -0.28
C GLY B 295 -17.46 -18.55 -1.63
N SER B 296 -18.38 -18.04 -2.45
CA SER B 296 -18.09 -17.69 -3.86
C SER B 296 -19.17 -16.81 -4.34
N ILE B 297 -18.82 -15.72 -5.06
CA ILE B 297 -19.79 -14.76 -5.62
C ILE B 297 -19.55 -14.63 -7.13
N PHE B 298 -20.46 -15.23 -7.89
CA PHE B 298 -20.35 -15.17 -9.38
C PHE B 298 -20.54 -13.69 -9.83
N ASP B 299 -19.65 -13.29 -10.72
CA ASP B 299 -19.65 -11.93 -11.27
C ASP B 299 -19.86 -12.04 -12.81
N PRO B 300 -21.11 -11.86 -13.30
CA PRO B 300 -21.33 -12.01 -14.73
C PRO B 300 -20.69 -10.90 -15.58
N THR B 301 -20.29 -9.81 -14.97
CA THR B 301 -19.76 -8.73 -15.74
C THR B 301 -18.40 -9.08 -16.31
N GLN B 302 -17.73 -10.13 -15.82
CA GLN B 302 -16.39 -10.50 -16.32
C GLN B 302 -16.39 -11.71 -17.25
N THR B 303 -17.59 -12.21 -17.57
CA THR B 303 -17.69 -13.40 -18.43
C THR B 303 -17.26 -13.06 -19.87
N GLU B 304 -16.42 -13.91 -20.44
CA GLU B 304 -15.91 -13.63 -21.79
C GLU B 304 -15.83 -14.90 -22.59
N VAL B 305 -16.35 -14.88 -23.80
CA VAL B 305 -16.27 -16.05 -24.70
C VAL B 305 -15.43 -15.68 -25.93
N THR B 306 -14.35 -16.40 -26.18
CA THR B 306 -13.47 -16.10 -27.27
C THR B 306 -13.56 -17.28 -28.23
N SER B 307 -13.81 -16.94 -29.51
CA SER B 307 -14.04 -17.97 -30.47
C SER B 307 -13.47 -17.65 -31.84
N ASP B 308 -12.99 -18.68 -32.47
CA ASP B 308 -12.50 -18.46 -33.85
C ASP B 308 -12.73 -19.74 -34.46
N GLY B 309 -13.54 -19.69 -35.50
CA GLY B 309 -13.96 -20.88 -36.09
C GLY B 309 -14.83 -21.54 -35.05
N ASP B 310 -14.68 -22.85 -34.87
CA ASP B 310 -15.31 -23.47 -33.75
C ASP B 310 -14.37 -23.88 -32.58
N ASN B 311 -13.30 -23.10 -32.35
CA ASN B 311 -12.42 -23.35 -31.17
C ASN B 311 -12.84 -22.24 -30.20
N GLN B 312 -13.10 -22.55 -28.94
CA GLN B 312 -13.77 -21.62 -27.99
C GLN B 312 -13.14 -21.68 -26.61
N LEU B 313 -12.87 -20.52 -26.05
CA LEU B 313 -12.42 -20.36 -24.65
C LEU B 313 -13.52 -19.58 -23.89
N VAL B 314 -13.81 -20.03 -22.66
CA VAL B 314 -14.79 -19.36 -21.85
C VAL B 314 -14.18 -18.98 -20.50
N LYS B 315 -14.16 -17.70 -20.22
CA LYS B 315 -13.66 -17.17 -18.94
C LYS B 315 -14.84 -16.79 -18.07
N THR B 316 -14.84 -17.30 -16.86
CA THR B 316 -15.78 -16.90 -15.83
C THR B 316 -15.05 -16.56 -14.53
N VAL B 317 -15.68 -15.80 -13.64
CA VAL B 317 -14.99 -15.30 -12.44
C VAL B 317 -15.95 -15.31 -11.29
N ALA B 318 -15.43 -15.62 -10.11
CA ALA B 318 -16.22 -15.43 -8.86
C ALA B 318 -15.27 -14.79 -7.81
N TRP B 319 -15.82 -13.87 -7.05
CA TRP B 319 -15.19 -13.23 -5.95
C TRP B 319 -15.37 -14.04 -4.68
N TYR B 320 -14.53 -13.74 -3.71
CA TYR B 320 -14.67 -14.39 -2.38
C TYR B 320 -13.91 -13.63 -1.31
N ASP B 321 -14.57 -13.43 -0.17
CA ASP B 321 -13.86 -13.08 1.05
C ASP B 321 -13.19 -14.34 1.50
N ASN B 322 -11.91 -14.47 1.11
CA ASN B 322 -11.13 -15.62 1.47
C ASN B 322 -11.07 -15.94 2.99
N GLU B 323 -11.19 -14.93 3.85
CA GLU B 323 -11.36 -15.08 5.27
C GLU B 323 -12.83 -15.42 5.64
N TYR B 324 -13.71 -14.44 5.61
CA TYR B 324 -15.05 -14.63 6.20
C TYR B 324 -16.00 -15.51 5.36
N GLY B 325 -15.84 -15.47 4.03
CA GLY B 325 -16.69 -16.31 3.21
C GLY B 325 -16.41 -17.77 3.46
N PHE B 326 -15.14 -18.11 3.38
CA PHE B 326 -14.70 -19.43 3.79
C PHE B 326 -15.11 -19.84 5.19
N THR B 327 -14.96 -18.93 6.14
CA THR B 327 -15.35 -19.19 7.52
C THR B 327 -16.84 -19.50 7.59
N CYS B 328 -17.64 -18.75 6.85
CA CYS B 328 -19.10 -19.02 6.87
C CYS B 328 -19.43 -20.42 6.30
N GLN B 329 -18.70 -20.82 5.25
CA GLN B 329 -18.79 -22.16 4.66
C GLN B 329 -18.42 -23.19 5.71
N MET B 330 -17.30 -22.98 6.40
CA MET B 330 -16.87 -23.93 7.45
C MET B 330 -17.89 -24.05 8.55
N VAL B 331 -18.52 -22.93 8.94
CA VAL B 331 -19.57 -23.00 9.99
C VAL B 331 -20.82 -23.73 9.54
N ARG B 332 -21.19 -23.54 8.28
CA ARG B 332 -22.31 -24.32 7.74
C ARG B 332 -22.00 -25.84 7.85
N THR B 333 -20.77 -26.26 7.51
CA THR B 333 -20.38 -27.62 7.50
C THR B 333 -20.36 -28.17 8.97
N LEU B 334 -19.81 -27.37 9.87
CA LEU B 334 -19.98 -27.60 11.31
C LEU B 334 -21.41 -27.84 11.76
N LEU B 335 -22.37 -26.98 11.42
CA LEU B 335 -23.77 -27.12 11.74
C LEU B 335 -24.38 -28.40 11.15
N LYS B 336 -24.00 -28.73 9.92
CA LYS B 336 -24.37 -30.03 9.35
C LYS B 336 -23.83 -31.22 10.11
N PHE B 337 -22.63 -31.23 10.61
CA PHE B 337 -22.27 -32.33 11.54
C PHE B 337 -23.35 -32.74 12.61
N ALA B 338 -24.13 -31.77 13.12
CA ALA B 338 -25.26 -32.05 14.04
C ALA B 338 -26.31 -32.96 13.45
N THR B 339 -26.71 -32.75 12.17
CA THR B 339 -27.72 -33.60 11.51
C THR B 339 -27.28 -35.09 11.28
N LEU B 340 -25.99 -35.40 11.44
CA LEU B 340 -25.44 -36.76 11.29
C LEU B 340 -25.51 -37.61 12.59
N SER C 2 -40.19 18.99 8.86
CA SER C 2 -38.73 18.74 8.60
C SER C 2 -38.11 19.83 7.71
N VAL C 3 -36.87 20.17 8.00
CA VAL C 3 -36.11 21.08 7.21
C VAL C 3 -35.45 20.22 6.10
N LYS C 4 -35.57 20.71 4.88
CA LYS C 4 -35.23 19.97 3.65
C LYS C 4 -33.81 20.34 3.27
N ILE C 5 -32.92 19.33 3.18
CA ILE C 5 -31.49 19.55 2.93
C ILE C 5 -31.14 19.23 1.49
N GLY C 6 -30.41 20.12 0.87
CA GLY C 6 -29.79 19.88 -0.45
C GLY C 6 -28.34 19.63 -0.13
N ILE C 7 -27.79 18.51 -0.59
CA ILE C 7 -26.38 18.24 -0.39
C ILE C 7 -25.65 18.60 -1.66
N ASN C 8 -24.73 19.57 -1.62
CA ASN C 8 -23.92 19.93 -2.77
C ASN C 8 -22.55 19.30 -2.57
N GLY C 9 -22.23 18.40 -3.48
CA GLY C 9 -21.05 17.59 -3.44
C GLY C 9 -21.31 16.29 -2.73
N PHE C 10 -21.59 15.24 -3.51
CA PHE C 10 -21.82 13.91 -3.01
C PHE C 10 -20.52 13.18 -3.07
N GLY C 11 -19.52 13.70 -2.35
CA GLY C 11 -18.23 13.11 -2.31
C GLY C 11 -18.14 12.27 -1.09
N ARG C 12 -16.94 12.09 -0.61
CA ARG C 12 -16.68 11.31 0.54
C ARG C 12 -17.65 11.84 1.72
N ILE C 13 -17.58 13.15 1.94
CA ILE C 13 -18.30 13.75 3.07
C ILE C 13 -19.80 13.83 2.81
N GLY C 14 -20.22 14.20 1.64
CA GLY C 14 -21.67 14.29 1.37
C GLY C 14 -22.37 12.95 1.39
N ARG C 15 -21.68 11.94 0.86
CA ARG C 15 -22.26 10.57 0.92
C ARG C 15 -22.33 10.05 2.36
N LEU C 16 -21.33 10.36 3.19
CA LEU C 16 -21.32 9.87 4.53
C LEU C 16 -22.36 10.60 5.41
N ALA C 17 -22.58 11.87 5.08
CA ALA C 17 -23.60 12.69 5.71
C ALA C 17 -24.93 12.09 5.45
N PHE C 18 -25.10 11.62 4.21
CA PHE C 18 -26.34 10.92 3.88
C PHE C 18 -26.52 9.65 4.71
N ARG C 19 -25.45 8.77 4.72
CA ARG C 19 -25.50 7.59 5.51
C ARG C 19 -25.77 7.90 6.98
N ARG C 20 -25.12 8.91 7.54
CA ARG C 20 -25.32 9.25 8.95
C ARG C 20 -26.82 9.67 9.28
N ILE C 21 -27.35 10.52 8.42
CA ILE C 21 -28.76 11.02 8.54
C ILE C 21 -29.68 9.84 8.44
N LEU C 22 -29.37 8.93 7.50
CA LEU C 22 -30.16 7.71 7.36
C LEU C 22 -30.11 6.83 8.56
N GLU C 23 -28.92 6.52 9.05
CA GLU C 23 -28.83 5.65 10.21
C GLU C 23 -29.42 6.23 11.50
N LEU C 24 -29.34 7.51 11.67
CA LEU C 24 -30.00 8.17 12.76
C LEU C 24 -31.52 7.90 12.81
N GLY C 25 -32.20 7.56 11.71
CA GLY C 25 -33.66 7.22 11.79
C GLY C 25 -34.36 8.42 12.48
N GLU C 26 -35.19 8.22 13.51
CA GLU C 26 -35.85 9.40 14.14
C GLU C 26 -34.99 10.30 15.03
N GLU C 32 -34.54 16.45 6.91
CA GLU C 32 -33.75 15.48 6.15
C GLU C 32 -33.64 15.60 4.58
N VAL C 33 -32.98 14.63 3.94
CA VAL C 33 -32.38 14.95 2.66
C VAL C 33 -33.44 14.86 1.55
N VAL C 34 -33.48 15.84 0.66
CA VAL C 34 -34.44 15.83 -0.39
C VAL C 34 -33.75 15.92 -1.76
N ALA C 35 -32.57 16.52 -1.82
CA ALA C 35 -31.90 16.56 -3.11
C ALA C 35 -30.42 16.66 -3.01
N ILE C 36 -29.76 16.43 -4.15
CA ILE C 36 -28.32 16.27 -4.27
C ILE C 36 -27.71 16.81 -5.58
N ASN C 37 -26.58 17.47 -5.48
CA ASN C 37 -25.93 17.99 -6.66
C ASN C 37 -24.49 17.53 -6.79
N ASP C 38 -24.08 17.21 -8.00
CA ASP C 38 -22.65 16.85 -8.19
C ASP C 38 -22.31 17.08 -9.68
N LEU C 39 -21.35 16.31 -10.20
CA LEU C 39 -20.81 16.53 -11.58
C LEU C 39 -21.02 15.26 -12.37
N THR C 40 -21.97 14.43 -11.97
CA THR C 40 -21.89 13.03 -12.36
C THR C 40 -23.32 12.42 -12.53
N SER C 41 -23.41 11.19 -13.00
CA SER C 41 -24.72 10.54 -13.17
C SER C 41 -25.34 10.12 -11.84
N PRO C 42 -26.67 10.09 -11.75
CA PRO C 42 -27.34 9.47 -10.66
C PRO C 42 -26.92 7.97 -10.52
N ALA C 43 -26.66 7.30 -11.62
CA ALA C 43 -26.22 5.91 -11.60
C ALA C 43 -24.90 5.74 -10.77
N LEU C 44 -23.96 6.59 -11.08
CA LEU C 44 -22.65 6.54 -10.36
C LEU C 44 -22.80 6.98 -8.90
N LEU C 45 -23.59 8.04 -8.64
CA LEU C 45 -23.76 8.46 -7.22
C LEU C 45 -24.44 7.42 -6.43
N ALA C 46 -25.45 6.72 -7.02
CA ALA C 46 -26.03 5.61 -6.33
C ALA C 46 -25.05 4.53 -5.99
N HIS C 47 -24.27 4.21 -7.01
CA HIS C 47 -23.26 3.16 -6.90
C HIS C 47 -22.26 3.49 -5.75
N LEU C 48 -21.81 4.74 -5.72
CA LEU C 48 -20.82 5.17 -4.71
C LEU C 48 -21.43 5.24 -3.33
N LEU C 49 -22.72 5.57 -3.24
CA LEU C 49 -23.38 5.46 -1.94
C LEU C 49 -23.56 4.05 -1.41
N LYS C 50 -23.82 3.08 -2.33
CA LYS C 50 -23.93 1.72 -1.94
C LYS C 50 -22.67 1.04 -1.51
N TYR C 51 -21.61 1.18 -2.32
CA TYR C 51 -20.35 0.42 -2.15
C TYR C 51 -19.30 1.48 -1.82
N ASP C 52 -18.67 1.30 -0.67
CA ASP C 52 -17.63 2.20 -0.22
C ASP C 52 -16.39 1.37 0.26
N SER C 53 -15.22 1.67 -0.35
CA SER C 53 -14.01 0.88 -0.09
C SER C 53 -13.51 1.08 1.34
N THR C 54 -13.96 2.16 2.02
CA THR C 54 -13.53 2.41 3.37
C THR C 54 -14.53 1.98 4.36
N HIS C 55 -15.78 2.32 4.15
CA HIS C 55 -16.82 2.18 5.17
C HIS C 55 -17.80 1.01 4.89
N GLY C 56 -17.58 0.26 3.83
CA GLY C 56 -18.31 -0.94 3.55
C GLY C 56 -19.66 -0.66 2.86
N THR C 57 -20.38 -1.74 2.66
CA THR C 57 -21.61 -1.66 1.83
C THR C 57 -22.75 -1.22 2.67
N LEU C 58 -23.53 -0.29 2.14
CA LEU C 58 -24.70 0.24 2.82
C LEU C 58 -25.79 -0.83 2.94
N ASN C 59 -26.30 -1.03 4.16
CA ASN C 59 -27.30 -2.08 4.39
C ASN C 59 -28.65 -1.45 4.09
N ALA C 60 -28.90 -1.18 2.83
CA ALA C 60 -30.11 -0.54 2.35
C ALA C 60 -30.26 -0.97 0.91
N ASP C 61 -31.48 -0.98 0.40
CA ASP C 61 -31.70 -1.22 -1.02
C ASP C 61 -31.47 0.04 -1.81
N VAL C 62 -30.49 0.03 -2.73
CA VAL C 62 -30.12 1.25 -3.44
C VAL C 62 -30.20 1.04 -4.95
N SER C 63 -30.74 2.03 -5.65
CA SER C 63 -30.79 2.00 -7.09
C SER C 63 -30.85 3.43 -7.58
N ALA C 64 -31.03 3.60 -8.88
CA ALA C 64 -31.02 4.87 -9.48
C ALA C 64 -32.09 4.89 -10.56
N THR C 65 -32.72 6.03 -10.71
CA THR C 65 -33.59 6.28 -11.88
C THR C 65 -32.78 7.11 -12.81
N ASP C 66 -33.42 7.63 -13.86
CA ASP C 66 -32.73 8.59 -14.74
C ASP C 66 -32.33 9.92 -14.11
N ASP C 67 -32.98 10.34 -13.02
CA ASP C 67 -32.66 11.65 -12.46
C ASP C 67 -32.48 11.68 -10.95
N SER C 68 -32.41 10.51 -10.32
CA SER C 68 -32.47 10.46 -8.86
C SER C 68 -31.87 9.15 -8.31
N ILE C 69 -31.49 9.17 -7.04
CA ILE C 69 -31.04 7.96 -6.41
C ILE C 69 -32.24 7.47 -5.65
N VAL C 70 -32.28 6.16 -5.43
CA VAL C 70 -33.30 5.47 -4.67
C VAL C 70 -32.78 4.66 -3.52
N VAL C 71 -33.24 5.01 -2.34
CA VAL C 71 -32.87 4.28 -1.14
C VAL C 71 -34.08 3.79 -0.34
N ASN C 72 -34.18 2.47 -0.20
CA ASN C 72 -35.27 1.82 0.53
C ASN C 72 -36.60 2.43 0.05
N GLY C 73 -36.74 2.50 -1.28
CA GLY C 73 -37.98 2.93 -1.88
C GLY C 73 -38.28 4.39 -1.85
N LYS C 74 -37.33 5.20 -1.42
CA LYS C 74 -37.50 6.61 -1.28
C LYS C 74 -36.61 7.25 -2.31
N ASN C 75 -37.10 8.32 -2.96
CA ASN C 75 -36.41 9.00 -4.06
C ASN C 75 -35.70 10.30 -3.69
N TYR C 76 -34.46 10.44 -4.14
CA TYR C 76 -33.67 11.65 -3.93
C TYR C 76 -33.15 12.25 -5.24
N ARG C 77 -33.63 13.45 -5.57
CA ARG C 77 -33.31 14.03 -6.82
C ARG C 77 -31.85 14.39 -6.95
N VAL C 78 -31.29 14.17 -8.14
CA VAL C 78 -29.89 14.50 -8.44
C VAL C 78 -29.77 15.51 -9.57
N TYR C 79 -28.87 16.47 -9.40
CA TYR C 79 -28.48 17.46 -10.41
C TYR C 79 -26.97 17.43 -10.68
N ALA C 80 -26.61 18.01 -11.82
CA ALA C 80 -25.18 18.02 -12.21
C ALA C 80 -24.78 19.43 -12.64
N GLU C 81 -24.93 20.36 -11.71
CA GLU C 81 -24.81 21.76 -12.03
C GLU C 81 -23.56 22.36 -11.36
N PRO C 82 -22.51 22.63 -12.16
CA PRO C 82 -21.23 23.16 -11.59
C PRO C 82 -21.38 24.47 -10.84
N GLN C 83 -22.36 25.29 -11.26
CA GLN C 83 -22.60 26.58 -10.60
C GLN C 83 -23.75 26.48 -9.62
N ALA C 84 -23.43 26.64 -8.34
CA ALA C 84 -24.43 26.60 -7.21
C ALA C 84 -25.65 27.49 -7.40
N GLN C 85 -25.43 28.65 -8.02
CA GLN C 85 -26.50 29.65 -8.38
C GLN C 85 -27.62 28.99 -9.14
N ASN C 86 -27.22 28.05 -10.01
CA ASN C 86 -28.07 27.41 -11.04
C ASN C 86 -28.81 26.15 -10.63
N ILE C 87 -28.59 25.66 -9.40
CA ILE C 87 -29.31 24.44 -9.00
C ILE C 87 -30.77 24.80 -8.59
N PRO C 88 -31.75 24.22 -9.33
CA PRO C 88 -33.17 24.56 -9.18
C PRO C 88 -33.84 23.82 -8.03
N TRP C 89 -33.05 23.37 -7.07
CA TRP C 89 -33.63 22.53 -6.00
C TRP C 89 -34.50 23.23 -4.97
N VAL C 90 -34.49 24.55 -4.97
CA VAL C 90 -35.44 25.18 -4.07
C VAL C 90 -36.86 25.09 -4.65
N LYS C 91 -37.12 25.55 -5.88
CA LYS C 91 -38.50 25.33 -6.47
C LYS C 91 -38.82 23.82 -6.65
N ASN C 92 -37.91 23.06 -7.27
CA ASN C 92 -38.20 21.66 -7.65
C ASN C 92 -38.38 20.78 -6.43
N ASP C 93 -37.54 20.95 -5.37
CA ASP C 93 -37.46 19.94 -4.28
C ASP C 93 -37.76 20.41 -2.84
N GLY C 94 -37.92 21.71 -2.66
CA GLY C 94 -38.21 22.24 -1.33
C GLY C 94 -36.95 22.50 -0.49
N VAL C 95 -35.81 22.65 -1.17
CA VAL C 95 -34.51 22.78 -0.44
C VAL C 95 -34.63 24.00 0.41
N ASP C 96 -34.51 23.80 1.72
CA ASP C 96 -34.40 25.00 2.60
C ASP C 96 -32.94 25.28 3.15
N PHE C 97 -32.06 24.27 3.06
CA PHE C 97 -30.79 24.24 3.80
C PHE C 97 -29.77 23.50 2.93
N VAL C 98 -28.60 24.09 2.66
CA VAL C 98 -27.57 23.43 1.85
C VAL C 98 -26.45 22.95 2.76
N LEU C 99 -26.12 21.65 2.66
CA LEU C 99 -24.98 21.13 3.34
C LEU C 99 -23.95 21.21 2.25
N GLU C 100 -23.00 22.17 2.35
CA GLU C 100 -22.08 22.43 1.26
C GLU C 100 -20.77 21.63 1.39
N CYS C 101 -20.62 20.61 0.53
CA CYS C 101 -19.55 19.60 0.66
C CYS C 101 -18.63 19.42 -0.56
N THR C 102 -18.57 20.41 -1.46
CA THR C 102 -17.74 20.24 -2.66
C THR C 102 -16.25 20.57 -2.55
N GLY C 103 -15.88 21.36 -1.55
CA GLY C 103 -14.54 21.99 -1.55
C GLY C 103 -14.39 23.27 -2.41
N PHE C 104 -15.45 23.68 -3.11
CA PHE C 104 -15.31 24.74 -4.05
C PHE C 104 -16.14 25.96 -3.63
N TYR C 105 -16.80 25.94 -2.49
CA TYR C 105 -17.56 27.10 -2.05
C TYR C 105 -17.17 27.54 -0.64
N THR C 106 -15.87 27.51 -0.42
CA THR C 106 -15.30 27.50 0.90
C THR C 106 -15.10 28.91 1.54
N SER C 107 -16.14 29.72 1.44
CA SER C 107 -16.11 31.17 1.82
C SER C 107 -17.54 31.60 2.04
N LYS C 108 -17.72 32.71 2.74
CA LYS C 108 -19.05 33.33 2.81
C LYS C 108 -19.39 33.92 1.41
N ALA C 109 -18.38 34.46 0.73
CA ALA C 109 -18.58 35.08 -0.58
C ALA C 109 -19.11 34.02 -1.57
N LYS C 110 -18.45 32.87 -1.59
CA LYS C 110 -18.72 31.83 -2.54
C LYS C 110 -20.01 31.11 -2.24
N SER C 111 -20.24 30.74 -0.97
CA SER C 111 -21.49 30.07 -0.56
C SER C 111 -22.74 30.99 -0.60
N GLN C 112 -22.49 32.26 -0.79
CA GLN C 112 -23.60 33.22 -1.12
C GLN C 112 -24.46 32.73 -2.31
N ALA C 113 -23.80 32.07 -3.28
CA ALA C 113 -24.53 31.47 -4.44
C ALA C 113 -25.73 30.61 -4.06
N HIS C 114 -25.63 29.85 -2.95
CA HIS C 114 -26.77 29.00 -2.50
C HIS C 114 -27.89 29.93 -2.07
N LEU C 115 -27.54 30.95 -1.30
CA LEU C 115 -28.56 31.99 -0.91
C LEU C 115 -29.30 32.62 -2.11
N ASP C 116 -28.55 32.91 -3.17
CA ASP C 116 -29.11 33.44 -4.45
C ASP C 116 -30.00 32.39 -5.18
N ALA C 117 -29.55 31.13 -5.22
CA ALA C 117 -30.40 29.99 -5.60
C ALA C 117 -31.66 29.82 -4.70
N GLY C 118 -31.78 30.57 -3.59
CA GLY C 118 -32.99 30.58 -2.77
C GLY C 118 -32.93 29.86 -1.45
N ALA C 119 -31.73 29.36 -1.10
CA ALA C 119 -31.53 28.61 0.12
C ALA C 119 -31.59 29.54 1.31
N LYS C 120 -32.16 29.06 2.41
CA LYS C 120 -32.17 29.87 3.64
C LYS C 120 -30.81 29.86 4.35
N ARG C 121 -30.27 28.66 4.58
CA ARG C 121 -28.97 28.54 5.31
C ARG C 121 -27.96 27.63 4.59
N VAL C 122 -26.69 27.78 4.97
CA VAL C 122 -25.66 26.91 4.45
C VAL C 122 -24.80 26.48 5.61
N LEU C 123 -24.43 25.18 5.63
CA LEU C 123 -23.38 24.70 6.58
C LEU C 123 -22.30 24.12 5.66
N ILE C 124 -21.09 24.70 5.73
CA ILE C 124 -20.01 24.38 4.88
C ILE C 124 -19.18 23.31 5.59
N SER C 125 -18.80 22.28 4.85
CA SER C 125 -18.11 21.12 5.46
C SER C 125 -16.62 21.35 5.49
N ALA C 126 -16.19 22.57 5.82
CA ALA C 126 -14.79 22.93 5.75
C ALA C 126 -14.58 24.29 6.40
N PRO C 127 -13.31 24.63 6.70
CA PRO C 127 -13.00 25.99 7.09
C PRO C 127 -13.45 26.95 6.00
N ALA C 128 -14.02 28.09 6.41
CA ALA C 128 -14.57 29.03 5.44
C ALA C 128 -14.34 30.51 5.83
N GLY C 129 -13.18 30.78 6.39
CA GLY C 129 -12.77 32.15 6.67
C GLY C 129 -13.10 32.57 8.09
N SER C 130 -12.83 33.81 8.39
CA SER C 130 -13.01 34.27 9.77
C SER C 130 -14.16 35.28 9.87
N ASP C 131 -14.77 35.58 8.73
CA ASP C 131 -15.96 36.45 8.72
C ASP C 131 -17.30 35.73 8.91
N LEU C 132 -17.27 34.46 9.32
CA LEU C 132 -18.46 33.75 9.77
C LEU C 132 -18.10 32.87 10.99
N LYS C 133 -19.08 32.18 11.58
CA LYS C 133 -18.81 31.34 12.75
C LYS C 133 -18.27 29.96 12.34
N THR C 134 -17.31 29.45 13.12
CA THR C 134 -16.78 28.11 12.88
C THR C 134 -17.17 27.33 14.10
N ILE C 135 -18.01 26.30 13.93
CA ILE C 135 -18.51 25.52 15.03
C ILE C 135 -17.92 24.10 15.12
N VAL C 136 -17.36 23.83 16.30
CA VAL C 136 -17.05 22.43 16.74
C VAL C 136 -18.12 22.06 17.74
N TYR C 137 -18.95 21.12 17.33
CA TYR C 137 -20.02 20.66 18.22
C TYR C 137 -19.45 20.07 19.52
N ASN C 138 -20.03 20.53 20.63
CA ASN C 138 -19.60 20.23 21.99
C ASN C 138 -18.32 20.93 22.44
N VAL C 139 -17.86 21.93 21.70
CA VAL C 139 -16.94 22.95 22.19
C VAL C 139 -17.61 24.33 22.22
N ASN C 140 -18.16 24.76 21.10
CA ASN C 140 -18.63 26.13 20.94
C ASN C 140 -19.94 26.22 20.16
N ASP C 141 -20.76 25.15 20.13
CA ASP C 141 -21.99 25.23 19.34
C ASP C 141 -22.99 26.21 20.01
N ASP C 142 -22.80 26.56 21.28
CA ASP C 142 -23.64 27.65 21.84
C ASP C 142 -23.50 29.04 21.28
N ILE C 143 -22.54 29.30 20.44
CA ILE C 143 -22.52 30.59 19.79
C ILE C 143 -23.48 30.73 18.57
N LEU C 144 -24.16 29.64 18.18
CA LEU C 144 -25.08 29.79 17.09
C LEU C 144 -26.32 30.58 17.53
N THR C 145 -26.86 31.38 16.60
CA THR C 145 -28.19 31.98 16.79
C THR C 145 -29.08 31.81 15.55
N ALA C 146 -30.30 32.31 15.67
CA ALA C 146 -31.21 32.34 14.54
C ALA C 146 -30.73 33.26 13.45
N ASP C 147 -29.90 34.26 13.77
CA ASP C 147 -29.49 35.21 12.78
C ASP C 147 -28.55 34.59 11.73
N ASP C 148 -27.89 33.47 12.06
CA ASP C 148 -26.80 32.97 11.18
C ASP C 148 -27.29 32.30 9.95
N ARG C 149 -26.59 32.58 8.84
CA ARG C 149 -27.02 32.07 7.57
C ARG C 149 -26.03 31.13 6.95
N ILE C 150 -24.74 31.51 6.94
CA ILE C 150 -23.68 30.64 6.46
C ILE C 150 -22.76 30.39 7.63
N VAL C 151 -22.54 29.09 7.93
CA VAL C 151 -21.71 28.66 9.08
C VAL C 151 -20.68 27.61 8.62
N SER C 152 -19.49 27.62 9.24
CA SER C 152 -18.42 26.64 8.98
C SER C 152 -18.50 25.55 10.03
N ALA C 153 -18.42 24.28 9.58
CA ALA C 153 -18.38 23.12 10.50
C ALA C 153 -16.93 22.79 10.81
N GLY C 154 -15.99 23.63 10.40
CA GLY C 154 -14.60 23.47 10.61
C GLY C 154 -14.01 22.43 9.66
N SER C 155 -12.76 22.07 9.90
CA SER C 155 -12.15 20.91 9.29
C SER C 155 -12.20 19.70 10.16
N CYS C 156 -11.80 18.57 9.58
CA CYS C 156 -11.64 17.35 10.28
C CYS C 156 -10.60 17.51 11.39
N THR C 157 -9.50 18.15 11.10
CA THR C 157 -8.47 18.33 12.12
C THR C 157 -8.92 19.29 13.26
N THR C 158 -9.69 20.32 12.92
CA THR C 158 -10.24 21.22 13.95
C THR C 158 -11.13 20.46 14.93
N ASN C 159 -11.95 19.53 14.43
CA ASN C 159 -12.86 18.82 15.21
C ASN C 159 -12.15 17.76 16.09
N CYS C 160 -10.96 17.32 15.67
CA CYS C 160 -10.13 16.48 16.54
C CYS C 160 -9.40 17.33 17.64
N LEU C 161 -8.69 18.32 17.20
CA LEU C 161 -7.77 19.13 18.02
C LEU C 161 -8.60 19.97 19.03
N ALA C 162 -9.72 20.48 18.59
CA ALA C 162 -10.38 21.48 19.44
C ALA C 162 -10.78 20.98 20.84
N PRO C 163 -11.44 19.82 20.99
CA PRO C 163 -11.83 19.48 22.36
C PRO C 163 -10.58 19.13 23.21
N LEU C 164 -9.60 18.48 22.58
CA LEU C 164 -8.36 18.13 23.27
C LEU C 164 -7.75 19.43 23.81
N ALA C 165 -7.55 20.43 22.94
CA ALA C 165 -6.89 21.68 23.34
C ALA C 165 -7.77 22.43 24.33
N PHE C 166 -9.08 22.35 24.10
CA PHE C 166 -10.03 23.08 24.91
C PHE C 166 -9.94 22.59 26.38
N PHE C 167 -10.06 21.28 26.58
CA PHE C 167 -10.06 20.77 27.93
C PHE C 167 -8.70 20.83 28.55
N GLU C 168 -7.67 20.53 27.77
CA GLU C 168 -6.32 20.68 28.32
C GLU C 168 -6.02 22.10 28.80
N ASN C 169 -6.40 23.07 28.00
CA ASN C 169 -6.27 24.46 28.37
C ASN C 169 -7.09 24.80 29.61
N LYS C 170 -8.32 24.33 29.67
CA LYS C 170 -9.15 24.61 30.83
C LYS C 170 -8.53 24.04 32.13
N GLU C 171 -7.97 22.84 32.06
CA GLU C 171 -7.41 22.22 33.21
C GLU C 171 -6.07 22.75 33.61
N PHE C 172 -5.23 23.11 32.65
CA PHE C 172 -3.81 23.35 32.88
C PHE C 172 -3.27 24.66 32.39
N GLY C 173 -3.95 25.28 31.46
CA GLY C 173 -3.43 26.46 30.74
C GLY C 173 -2.37 26.18 29.70
N ILE C 174 -2.73 26.32 28.42
CA ILE C 174 -1.73 26.18 27.37
C ILE C 174 -1.08 27.55 27.15
N LYS C 175 0.23 27.61 27.27
CA LYS C 175 0.98 28.79 26.93
C LYS C 175 1.29 28.87 25.42
N VAL C 176 1.74 27.75 24.88
CA VAL C 176 2.02 27.62 23.48
C VAL C 176 1.97 26.10 23.15
N GLY C 177 1.67 25.77 21.90
CA GLY C 177 1.61 24.39 21.47
C GLY C 177 1.84 24.21 20.01
N THR C 178 2.30 23.00 19.61
CA THR C 178 2.41 22.69 18.22
C THR C 178 1.86 21.27 18.02
N MET C 179 1.22 21.07 16.87
CA MET C 179 0.55 19.83 16.50
C MET C 179 1.24 19.22 15.31
N THR C 180 1.20 17.89 15.30
CA THR C 180 1.48 17.09 14.09
C THR C 180 0.38 16.10 13.98
N THR C 181 -0.37 16.16 12.89
CA THR C 181 -1.40 15.18 12.61
C THR C 181 -0.85 14.15 11.60
N ILE C 182 -0.89 12.88 11.98
CA ILE C 182 -0.44 11.75 11.13
C ILE C 182 -1.77 11.24 10.50
N HIS C 183 -1.96 11.67 9.27
CA HIS C 183 -3.27 11.81 8.64
C HIS C 183 -3.35 10.84 7.41
N ALA C 184 -4.50 10.18 7.28
CA ALA C 184 -4.81 9.40 6.06
C ALA C 184 -4.71 10.28 4.84
N TYR C 185 -4.34 9.68 3.70
CA TYR C 185 -4.40 10.38 2.47
C TYR C 185 -5.85 10.78 2.14
N THR C 186 -6.02 11.82 1.35
CA THR C 186 -7.35 12.32 0.95
C THR C 186 -7.40 12.55 -0.56
N SER C 187 -8.59 12.94 -1.04
CA SER C 187 -8.83 13.14 -2.47
C SER C 187 -8.08 14.24 -3.16
N THR C 188 -7.46 15.13 -2.40
CA THR C 188 -6.74 16.21 -2.97
C THR C 188 -5.36 15.63 -3.44
N GLN C 189 -4.99 14.44 -2.97
CA GLN C 189 -3.65 13.88 -3.30
C GLN C 189 -3.77 12.99 -4.55
N MET C 190 -2.61 12.52 -5.02
CA MET C 190 -2.47 11.83 -6.31
C MET C 190 -2.12 10.32 -5.98
N LEU C 191 -2.42 9.42 -6.87
CA LEU C 191 -2.00 8.07 -6.78
C LEU C 191 -0.58 7.90 -7.21
N LEU C 192 -0.20 8.54 -8.33
CA LEU C 192 1.19 8.53 -8.82
C LEU C 192 1.75 9.97 -8.87
N ASP C 193 3.08 10.11 -8.93
CA ASP C 193 3.64 11.46 -9.00
C ASP C 193 3.21 12.15 -10.29
N GLY C 194 2.82 13.40 -10.15
CA GLY C 194 2.57 14.19 -11.36
C GLY C 194 2.07 15.57 -10.98
N PRO C 195 1.80 16.40 -12.00
CA PRO C 195 1.31 17.72 -11.72
C PRO C 195 0.00 17.70 -10.98
N VAL C 196 -0.14 18.62 -10.08
CA VAL C 196 -1.27 18.75 -9.22
C VAL C 196 -1.75 20.21 -9.22
N ARG C 197 -3.05 20.44 -8.93
CA ARG C 197 -3.58 21.85 -8.90
C ARG C 197 -2.94 22.63 -7.75
N GLY C 198 -2.38 23.80 -8.06
CA GLY C 198 -1.67 24.62 -7.04
C GLY C 198 -0.17 24.46 -7.16
N GLY C 199 0.30 23.37 -7.78
CA GLY C 199 1.69 23.20 -8.20
C GLY C 199 2.68 22.80 -7.06
N ASN C 200 2.17 22.53 -5.88
CA ASN C 200 2.99 22.21 -4.74
C ASN C 200 3.78 20.89 -4.98
N PHE C 201 5.04 20.91 -4.64
CA PHE C 201 5.96 19.79 -4.93
C PHE C 201 5.65 18.56 -4.12
N ARG C 202 5.05 18.71 -2.95
CA ARG C 202 4.68 17.55 -2.12
C ARG C 202 3.30 16.99 -2.45
N ALA C 203 2.36 17.89 -2.71
CA ALA C 203 1.02 17.46 -3.15
C ALA C 203 1.13 16.64 -4.49
N ALA C 204 2.19 16.83 -5.23
CA ALA C 204 2.41 16.14 -6.48
C ALA C 204 2.80 14.66 -6.38
N ARG C 205 3.05 14.18 -5.16
CA ARG C 205 3.74 12.89 -4.97
C ARG C 205 2.75 11.76 -4.68
N ALA C 206 3.08 10.56 -5.13
CA ALA C 206 2.26 9.38 -4.94
C ALA C 206 1.89 9.19 -3.45
N ALA C 207 0.61 9.15 -3.14
CA ALA C 207 0.19 9.16 -1.76
C ALA C 207 0.31 7.85 -1.02
N GLY C 208 0.15 6.75 -1.75
CA GLY C 208 0.10 5.42 -1.11
C GLY C 208 1.42 4.85 -0.67
N VAL C 209 2.49 5.43 -1.16
CA VAL C 209 3.85 4.88 -0.95
C VAL C 209 4.83 5.96 -0.43
N ASN C 210 4.29 7.01 0.20
CA ASN C 210 5.07 8.05 0.78
C ASN C 210 4.40 8.54 2.06
N THR C 211 5.29 9.00 2.95
CA THR C 211 4.95 9.89 4.03
C THR C 211 5.23 11.30 3.51
N ILE C 212 4.21 12.15 3.50
CA ILE C 212 4.23 13.43 2.79
C ILE C 212 3.88 14.55 3.74
N PRO C 213 4.83 15.39 4.04
CA PRO C 213 4.40 16.57 4.86
C PRO C 213 3.37 17.44 4.15
N HIS C 214 2.47 18.02 4.95
CA HIS C 214 1.32 18.73 4.35
C HIS C 214 0.96 19.88 5.30
N SER C 215 0.71 21.04 4.73
CA SER C 215 0.27 22.20 5.54
C SER C 215 -1.10 22.04 6.02
N THR C 216 -1.39 22.58 7.21
CA THR C 216 -2.74 22.55 7.72
C THR C 216 -2.96 23.90 8.46
N GLY C 217 -4.19 24.30 8.67
CA GLY C 217 -4.43 25.62 9.29
C GLY C 217 -5.13 25.43 10.61
N ALA C 218 -5.44 24.20 10.97
CA ALA C 218 -6.32 23.97 12.15
C ALA C 218 -5.76 24.57 13.46
N ALA C 219 -4.44 24.45 13.66
CA ALA C 219 -3.87 24.92 14.92
C ALA C 219 -3.83 26.44 14.87
N LYS C 220 -3.36 26.98 13.78
CA LYS C 220 -3.24 28.42 13.65
C LYS C 220 -4.57 29.15 13.77
N ALA C 221 -5.62 28.53 13.28
CA ALA C 221 -6.92 29.19 13.26
C ALA C 221 -7.79 28.79 14.42
N LEU C 222 -7.23 28.05 15.40
CA LEU C 222 -8.04 27.51 16.44
C LEU C 222 -8.78 28.58 17.29
N GLY C 223 -8.18 29.77 17.35
CA GLY C 223 -8.84 30.93 17.97
C GLY C 223 -10.24 31.26 17.46
N LEU C 224 -10.56 30.87 16.22
CA LEU C 224 -11.96 31.00 15.74
C LEU C 224 -12.96 30.18 16.54
N VAL C 225 -12.47 29.07 17.14
CA VAL C 225 -13.25 28.21 17.96
C VAL C 225 -13.03 28.47 19.45
N ILE C 226 -11.80 28.72 19.84
CA ILE C 226 -11.41 28.81 21.24
C ILE C 226 -10.61 30.10 21.33
N PRO C 227 -11.30 31.20 21.60
CA PRO C 227 -10.61 32.52 21.43
C PRO C 227 -9.33 32.68 22.27
N GLU C 228 -9.34 32.13 23.45
CA GLU C 228 -8.17 32.26 24.33
C GLU C 228 -6.96 31.49 23.84
N LEU C 229 -7.17 30.56 22.88
CA LEU C 229 -6.02 29.96 22.18
C LEU C 229 -5.62 30.60 20.86
N ASN C 230 -6.21 31.77 20.50
CA ASN C 230 -5.75 32.53 19.35
C ASN C 230 -4.30 32.85 19.45
N GLY C 231 -3.51 32.51 18.41
CA GLY C 231 -2.12 32.88 18.40
C GLY C 231 -1.20 31.89 19.16
N LYS C 232 -1.73 30.89 19.86
CA LYS C 232 -0.85 30.12 20.71
C LYS C 232 -0.39 28.73 20.13
N LEU C 233 -1.03 28.36 19.00
CA LEU C 233 -0.78 27.05 18.40
C LEU C 233 -0.41 27.16 16.92
N GLN C 234 0.53 26.31 16.50
CA GLN C 234 0.82 26.08 15.08
C GLN C 234 0.88 24.54 14.83
N GLY C 235 1.02 24.16 13.58
CA GLY C 235 1.17 22.71 13.37
C GLY C 235 1.21 22.38 11.91
N HIS C 236 1.30 21.08 11.64
CA HIS C 236 1.28 20.56 10.31
C HIS C 236 0.76 19.12 10.28
N ALA C 237 0.72 18.55 9.08
CA ALA C 237 0.35 17.17 8.88
C ALA C 237 1.44 16.37 8.25
N GLN C 238 1.45 15.06 8.51
CA GLN C 238 2.18 14.08 7.70
C GLN C 238 1.10 13.16 7.08
N ARG C 239 0.94 13.22 5.76
CA ARG C 239 0.00 12.37 5.08
C ARG C 239 0.64 11.01 4.87
N VAL C 240 -0.02 9.95 5.30
CA VAL C 240 0.54 8.60 5.29
C VAL C 240 -0.34 7.62 4.52
N GLY C 241 0.19 6.43 4.25
CA GLY C 241 -0.41 5.52 3.28
C GLY C 241 -1.61 4.70 3.74
N VAL C 242 -2.60 5.31 4.39
CA VAL C 242 -3.84 4.64 4.73
C VAL C 242 -5.01 5.46 4.18
N VAL C 243 -6.14 4.78 3.91
CA VAL C 243 -7.25 5.44 3.26
C VAL C 243 -8.11 6.30 4.15
N ASP C 244 -8.04 6.06 5.45
CA ASP C 244 -8.79 6.85 6.45
C ASP C 244 -8.28 6.52 7.81
N GLY C 245 -8.56 7.39 8.77
CA GLY C 245 -8.15 7.19 10.14
C GLY C 245 -6.88 7.95 10.42
N SER C 246 -6.96 8.90 11.36
CA SER C 246 -5.88 9.84 11.58
C SER C 246 -5.67 10.09 13.08
N LEU C 247 -4.56 10.72 13.41
CA LEU C 247 -4.35 11.08 14.79
C LEU C 247 -3.64 12.41 14.91
N THR C 248 -3.93 13.16 15.93
CA THR C 248 -3.35 14.44 16.14
C THR C 248 -2.54 14.36 17.44
N GLU C 249 -1.24 14.69 17.34
CA GLU C 249 -0.40 14.85 18.52
C GLU C 249 -0.31 16.38 18.75
N LEU C 250 -0.43 16.74 20.02
CA LEU C 250 -0.20 18.12 20.51
C LEU C 250 0.94 18.09 21.56
N VAL C 251 1.92 18.95 21.33
CA VAL C 251 3.00 19.16 22.29
C VAL C 251 2.89 20.63 22.77
N ALA C 252 2.76 20.77 24.09
CA ALA C 252 2.44 22.06 24.70
C ALA C 252 3.29 22.35 25.94
N ILE C 253 3.52 23.65 26.15
CA ILE C 253 4.02 24.14 27.41
C ILE C 253 2.78 24.60 28.17
N LEU C 254 2.61 24.12 29.40
CA LEU C 254 1.39 24.40 30.21
C LEU C 254 1.74 25.37 31.33
N ASP C 255 0.71 25.98 31.91
CA ASP C 255 0.92 26.85 33.09
C ASP C 255 1.25 26.05 34.35
N LYS C 256 0.70 24.85 34.50
CA LYS C 256 0.83 24.01 35.67
C LYS C 256 1.83 22.96 35.41
N LYS C 257 2.61 22.61 36.43
CA LYS C 257 3.33 21.37 36.47
C LYS C 257 2.41 20.15 36.52
N VAL C 258 2.77 19.07 35.82
CA VAL C 258 1.85 17.91 35.74
C VAL C 258 2.63 16.61 35.60
N THR C 259 1.98 15.49 35.84
CA THR C 259 2.47 14.19 35.40
C THR C 259 1.51 13.62 34.36
N ALA C 260 1.93 12.58 33.66
CA ALA C 260 1.04 11.94 32.66
C ALA C 260 -0.25 11.44 33.29
N ASP C 261 -0.19 10.78 34.45
CA ASP C 261 -1.40 10.28 35.07
C ASP C 261 -2.37 11.44 35.41
N GLU C 262 -1.81 12.59 35.87
CA GLU C 262 -2.66 13.73 36.15
C GLU C 262 -3.40 14.24 34.88
N VAL C 263 -2.62 14.38 33.80
CA VAL C 263 -3.15 14.91 32.57
C VAL C 263 -4.24 13.91 32.09
N ASN C 264 -3.96 12.62 32.15
CA ASN C 264 -4.91 11.61 31.69
C ASN C 264 -6.23 11.68 32.43
N ALA C 265 -6.18 11.83 33.76
CA ALA C 265 -7.40 11.82 34.56
C ALA C 265 -8.20 13.08 34.29
N ALA C 266 -7.50 14.20 34.08
CA ALA C 266 -8.19 15.47 33.95
C ALA C 266 -8.91 15.58 32.58
N ILE C 267 -8.28 15.05 31.53
CA ILE C 267 -8.88 15.08 30.19
C ILE C 267 -9.99 14.05 30.15
N LYS C 268 -9.76 12.86 30.74
CA LYS C 268 -10.74 11.77 30.71
C LYS C 268 -12.07 12.19 31.31
N LYS C 269 -12.05 12.98 32.38
CA LYS C 269 -13.35 13.39 32.93
C LYS C 269 -14.23 14.16 31.94
N HIS C 270 -13.63 14.89 30.99
CA HIS C 270 -14.39 15.62 30.03
C HIS C 270 -14.85 14.74 28.86
N THR C 271 -14.43 13.49 28.79
CA THR C 271 -14.98 12.54 27.81
C THR C 271 -16.15 11.75 28.31
N GLU C 272 -16.47 11.84 29.61
CA GLU C 272 -17.56 11.02 30.20
C GLU C 272 -18.91 11.43 29.61
N GLY C 273 -19.60 10.50 28.93
CA GLY C 273 -20.86 10.81 28.27
C GLY C 273 -20.79 11.77 27.05
N ASN C 274 -19.57 12.00 26.51
CA ASN C 274 -19.40 13.04 25.58
C ASN C 274 -19.39 12.35 24.22
N GLU C 275 -20.45 12.58 23.43
CA GLU C 275 -20.53 11.88 22.13
C GLU C 275 -19.55 12.48 21.06
N SER C 276 -18.95 13.65 21.33
CA SER C 276 -18.06 14.32 20.40
C SER C 276 -16.58 14.03 20.64
N PHE C 277 -16.23 13.84 21.91
CA PHE C 277 -14.86 13.68 22.37
C PHE C 277 -14.83 12.48 23.24
N GLY C 278 -14.37 11.40 22.67
CA GLY C 278 -14.42 10.10 23.34
C GLY C 278 -13.11 9.71 23.97
N TYR C 279 -13.00 8.44 24.37
CA TYR C 279 -11.86 7.95 25.15
C TYR C 279 -11.55 6.50 24.78
N ASN C 280 -10.26 6.14 24.62
CA ASN C 280 -9.95 4.73 24.38
C ASN C 280 -8.61 4.38 24.93
N ASP C 281 -8.56 3.46 25.86
CA ASP C 281 -7.26 3.06 26.44
C ASP C 281 -6.93 1.64 26.21
N ASP C 282 -7.40 1.08 25.07
CA ASP C 282 -7.15 -0.33 24.73
C ASP C 282 -5.96 -0.55 23.77
N GLU C 283 -5.13 0.47 23.58
CA GLU C 283 -4.01 0.45 22.66
C GLU C 283 -4.49 0.18 21.23
N ILE C 284 -5.41 1.01 20.81
CA ILE C 284 -5.93 0.91 19.41
C ILE C 284 -4.92 1.42 18.40
N VAL C 285 -5.21 1.13 17.14
CA VAL C 285 -4.45 1.70 15.99
C VAL C 285 -5.45 2.34 14.98
N SER C 286 -4.95 2.90 13.89
CA SER C 286 -5.80 3.78 13.12
C SER C 286 -7.07 3.13 12.58
N SER C 287 -6.97 1.86 12.11
CA SER C 287 -8.11 1.18 11.51
C SER C 287 -9.26 1.16 12.47
N ASP C 288 -8.91 1.06 13.73
CA ASP C 288 -9.95 0.89 14.76
C ASP C 288 -10.89 2.05 14.86
N VAL C 289 -10.50 3.25 14.39
CA VAL C 289 -11.36 4.42 14.49
C VAL C 289 -12.22 4.65 13.25
N ILE C 290 -12.01 3.84 12.20
CA ILE C 290 -12.78 3.99 11.00
C ILE C 290 -14.21 3.57 11.30
N GLY C 291 -15.15 4.46 11.03
CA GLY C 291 -16.56 4.17 11.34
C GLY C 291 -17.02 4.65 12.69
N THR C 292 -16.09 5.22 13.51
CA THR C 292 -16.48 5.76 14.85
C THR C 292 -17.15 7.09 14.67
N THR C 293 -17.95 7.52 15.68
CA THR C 293 -18.87 8.67 15.54
C THR C 293 -18.41 9.90 16.37
N PHE C 294 -17.23 9.78 16.96
CA PHE C 294 -16.59 10.91 17.69
C PHE C 294 -15.83 11.82 16.73
N GLY C 295 -15.73 13.11 17.02
CA GLY C 295 -14.87 13.99 16.27
C GLY C 295 -13.42 13.80 16.73
N SER C 296 -13.27 13.24 17.92
CA SER C 296 -11.97 13.20 18.61
C SER C 296 -12.04 12.10 19.65
N ILE C 297 -11.00 11.24 19.71
CA ILE C 297 -10.90 10.14 20.68
C ILE C 297 -9.58 10.23 21.39
N PHE C 298 -9.64 10.68 22.65
CA PHE C 298 -8.46 10.79 23.48
C PHE C 298 -7.86 9.45 23.75
N ASP C 299 -6.55 9.38 23.60
CA ASP C 299 -5.80 8.12 23.86
C ASP C 299 -4.74 8.31 24.95
N PRO C 300 -5.07 7.98 26.19
CA PRO C 300 -4.15 8.28 27.28
C PRO C 300 -2.87 7.46 27.21
N THR C 301 -2.86 6.37 26.41
CA THR C 301 -1.68 5.51 26.35
C THR C 301 -0.54 6.25 25.71
N GLN C 302 -0.77 7.36 25.03
CA GLN C 302 0.29 8.06 24.31
C GLN C 302 0.72 9.36 25.02
N THR C 303 0.14 9.63 26.18
CA THR C 303 0.51 10.85 26.92
C THR C 303 1.95 10.78 27.38
N GLU C 304 2.67 11.87 27.27
CA GLU C 304 4.02 11.91 27.75
C GLU C 304 4.36 13.27 28.33
N VAL C 305 4.98 13.28 29.49
CA VAL C 305 5.47 14.52 30.14
C VAL C 305 6.97 14.41 30.33
N THR C 306 7.70 15.37 29.77
CA THR C 306 9.15 15.38 29.71
C THR C 306 9.55 16.57 30.52
N SER C 307 10.39 16.32 31.53
CA SER C 307 10.81 17.34 32.48
C SER C 307 12.28 17.32 32.75
N ASP C 308 12.91 18.50 32.80
CA ASP C 308 14.31 18.59 33.34
C ASP C 308 14.40 19.89 34.05
N GLY C 309 14.60 19.79 35.37
CA GLY C 309 14.40 20.91 36.29
C GLY C 309 12.97 21.31 36.12
N ASP C 310 12.75 22.60 35.98
CA ASP C 310 11.44 23.18 35.83
C ASP C 310 11.07 23.49 34.33
N ASN C 311 11.69 22.81 33.39
CA ASN C 311 11.24 22.94 32.03
C ASN C 311 10.45 21.66 31.71
N GLN C 312 9.24 21.79 31.20
CA GLN C 312 8.30 20.67 31.01
C GLN C 312 7.56 20.81 29.69
N LEU C 313 7.46 19.71 28.96
CA LEU C 313 6.70 19.58 27.73
C LEU C 313 5.64 18.50 27.92
N VAL C 314 4.46 18.68 27.38
CA VAL C 314 3.39 17.72 27.53
C VAL C 314 2.87 17.32 26.17
N LYS C 315 2.89 15.99 25.89
CA LYS C 315 2.35 15.47 24.63
C LYS C 315 1.08 14.72 24.91
N THR C 316 0.02 15.07 24.18
CA THR C 316 -1.24 14.41 24.24
C THR C 316 -1.69 14.13 22.82
N VAL C 317 -2.51 13.10 22.68
CA VAL C 317 -2.91 12.60 21.37
C VAL C 317 -4.35 12.25 21.33
N ALA C 318 -5.02 12.53 20.18
CA ALA C 318 -6.37 12.08 19.98
C ALA C 318 -6.50 11.55 18.54
N TRP C 319 -7.17 10.42 18.43
CA TRP C 319 -7.49 9.80 17.15
C TRP C 319 -8.75 10.41 16.57
N TYR C 320 -8.89 10.27 15.25
CA TYR C 320 -10.18 10.61 14.60
C TYR C 320 -10.37 9.92 13.29
N ASP C 321 -11.62 9.45 13.06
CA ASP C 321 -12.05 9.15 11.70
C ASP C 321 -12.26 10.45 11.01
N ASN C 322 -11.26 10.87 10.23
CA ASN C 322 -11.31 12.12 9.54
C ASN C 322 -12.50 12.27 8.58
N GLU C 323 -13.02 11.16 8.11
CA GLU C 323 -14.21 11.18 7.32
C GLU C 323 -15.45 11.13 8.23
N TYR C 324 -15.72 10.00 8.81
CA TYR C 324 -17.04 9.80 9.44
C TYR C 324 -17.17 10.51 10.81
N GLY C 325 -16.08 10.57 11.56
CA GLY C 325 -16.14 11.30 12.82
C GLY C 325 -16.47 12.76 12.64
N PHE C 326 -15.76 13.38 11.73
CA PHE C 326 -16.06 14.71 11.27
C PHE C 326 -17.52 14.81 10.78
N THR C 327 -17.96 13.84 9.98
CA THR C 327 -19.29 13.90 9.44
C THR C 327 -20.34 13.87 10.55
N CYS C 328 -20.11 13.03 11.58
CA CYS C 328 -21.04 12.95 12.67
C CYS C 328 -21.08 14.29 13.45
N GLN C 329 -19.92 14.88 13.65
CA GLN C 329 -19.83 16.28 14.17
C GLN C 329 -20.69 17.26 13.36
N MET C 330 -20.57 17.18 12.05
CA MET C 330 -21.26 18.08 11.16
C MET C 330 -22.75 17.88 11.22
N VAL C 331 -23.18 16.63 11.35
CA VAL C 331 -24.58 16.33 11.43
C VAL C 331 -25.19 16.81 12.77
N ARG C 332 -24.44 16.65 13.87
CA ARG C 332 -24.82 17.28 15.18
C ARG C 332 -25.11 18.79 15.02
N THR C 333 -24.19 19.50 14.37
CA THR C 333 -24.24 20.93 14.19
C THR C 333 -25.41 21.27 13.23
N LEU C 334 -25.56 20.44 12.20
CA LEU C 334 -26.68 20.56 11.25
C LEU C 334 -27.99 20.49 12.01
N LEU C 335 -28.14 19.46 12.84
CA LEU C 335 -29.35 19.25 13.57
C LEU C 335 -29.69 20.46 14.41
N LYS C 336 -28.72 20.93 15.21
CA LYS C 336 -28.89 22.14 15.99
C LYS C 336 -29.25 23.40 15.12
N PHE C 337 -28.42 23.66 14.12
CA PHE C 337 -28.47 24.85 13.22
C PHE C 337 -29.76 24.94 12.45
N ALA C 338 -30.23 23.81 11.94
CA ALA C 338 -31.49 23.78 11.16
C ALA C 338 -32.75 23.91 12.02
N THR C 339 -32.71 23.61 13.34
CA THR C 339 -33.92 23.63 14.21
C THR C 339 -33.95 24.86 15.16
N LEU C 340 -33.35 25.95 14.67
CA LEU C 340 -33.33 27.23 15.36
C LEU C 340 -34.21 28.25 14.66
N MET D 1 46.48 -8.86 5.76
CA MET D 1 46.26 -7.48 6.32
C MET D 1 44.77 -6.97 6.30
N SER D 2 43.85 -7.40 5.40
CA SER D 2 42.43 -6.99 5.58
C SER D 2 41.84 -7.68 6.85
N VAL D 3 40.93 -6.99 7.54
CA VAL D 3 40.24 -7.58 8.68
C VAL D 3 39.08 -8.38 8.11
N LYS D 4 38.98 -9.65 8.49
CA LYS D 4 38.01 -10.54 7.88
C LYS D 4 36.70 -10.52 8.69
N ILE D 5 35.60 -10.30 7.98
CA ILE D 5 34.26 -10.10 8.63
C ILE D 5 33.36 -11.27 8.48
N GLY D 6 32.69 -11.65 9.57
CA GLY D 6 31.65 -12.61 9.56
C GLY D 6 30.38 -11.79 9.82
N ILE D 7 29.40 -11.93 8.93
CA ILE D 7 28.06 -11.27 9.12
C ILE D 7 27.11 -12.28 9.77
N ASN D 8 26.60 -12.00 10.98
CA ASN D 8 25.61 -12.82 11.61
C ASN D 8 24.28 -12.21 11.40
N GLY D 9 23.43 -12.89 10.68
CA GLY D 9 22.09 -12.40 10.34
C GLY D 9 22.09 -11.67 9.03
N PHE D 10 21.73 -12.37 7.97
CA PHE D 10 21.75 -11.81 6.60
C PHE D 10 20.33 -11.37 6.26
N GLY D 11 19.81 -10.49 7.15
CA GLY D 11 18.51 -9.89 7.00
C GLY D 11 18.62 -8.59 6.25
N ARG D 12 17.67 -7.69 6.49
CA ARG D 12 17.64 -6.40 5.80
C ARG D 12 19.01 -5.70 6.02
N ILE D 13 19.46 -5.58 7.30
CA ILE D 13 20.65 -4.87 7.62
C ILE D 13 21.90 -5.67 7.17
N GLY D 14 21.95 -6.94 7.44
CA GLY D 14 23.15 -7.70 7.05
C GLY D 14 23.37 -7.73 5.51
N ARG D 15 22.31 -7.90 4.75
CA ARG D 15 22.45 -7.88 3.26
C ARG D 15 22.81 -6.51 2.76
N LEU D 16 22.22 -5.49 3.35
CA LEU D 16 22.59 -4.12 2.92
C LEU D 16 24.01 -3.72 3.30
N ALA D 17 24.49 -4.19 4.46
CA ALA D 17 25.89 -4.01 4.87
C ALA D 17 26.78 -4.65 3.84
N PHE D 18 26.34 -5.81 3.35
CA PHE D 18 27.13 -6.52 2.28
C PHE D 18 27.17 -5.70 1.02
N ARG D 19 25.97 -5.21 0.57
CA ARG D 19 25.90 -4.31 -0.55
C ARG D 19 26.76 -3.06 -0.37
N ARG D 20 26.71 -2.46 0.79
CA ARG D 20 27.50 -1.24 1.05
C ARG D 20 29.01 -1.48 0.97
N ILE D 21 29.47 -2.51 1.65
CA ILE D 21 30.91 -2.86 1.57
C ILE D 21 31.32 -3.10 0.14
N LEU D 22 30.47 -3.81 -0.60
CA LEU D 22 30.80 -4.14 -2.02
C LEU D 22 30.90 -2.90 -2.84
N GLU D 23 29.87 -2.05 -2.76
CA GLU D 23 29.87 -0.85 -3.61
C GLU D 23 31.04 0.12 -3.28
N LEU D 24 31.44 0.14 -2.03
CA LEU D 24 32.58 1.00 -1.63
C LEU D 24 33.91 0.64 -2.37
N GLY D 25 34.06 -0.61 -2.81
CA GLY D 25 35.22 -1.05 -3.60
C GLY D 25 36.47 -0.78 -2.80
N GLU D 26 37.41 -0.04 -3.40
CA GLU D 26 38.72 0.22 -2.73
C GLU D 26 38.56 0.93 -1.39
N LYS D 27 37.50 1.74 -1.24
CA LYS D 27 37.29 2.50 -0.03
C LYS D 27 36.97 1.57 1.16
N SER D 28 36.55 0.33 0.90
CA SER D 28 36.34 -0.61 2.00
C SER D 28 37.43 -1.72 2.07
N SER D 29 38.56 -1.53 1.37
CA SER D 29 39.55 -2.66 1.23
C SER D 29 40.24 -3.01 2.53
N ASP D 30 40.15 -2.15 3.54
CA ASP D 30 40.67 -2.53 4.88
C ASP D 30 39.90 -3.68 5.50
N ILE D 31 38.69 -3.95 5.00
CA ILE D 31 37.95 -5.11 5.44
C ILE D 31 37.55 -6.00 4.30
N GLU D 32 37.16 -7.22 4.64
CA GLU D 32 36.76 -8.22 3.67
C GLU D 32 35.71 -9.12 4.30
N VAL D 33 34.51 -9.25 3.69
CA VAL D 33 33.56 -10.20 4.21
C VAL D 33 34.03 -11.59 3.77
N VAL D 34 34.05 -12.56 4.66
CA VAL D 34 34.41 -13.96 4.32
C VAL D 34 33.37 -15.01 4.63
N ALA D 35 32.38 -14.67 5.49
CA ALA D 35 31.40 -15.62 5.85
C ALA D 35 30.15 -14.97 6.39
N ILE D 36 29.08 -15.73 6.28
CA ILE D 36 27.71 -15.28 6.58
C ILE D 36 27.05 -16.43 7.36
N ASN D 37 26.27 -16.09 8.43
CA ASN D 37 25.52 -17.08 9.18
C ASN D 37 24.06 -16.62 9.21
N ASP D 38 23.14 -17.55 9.05
CA ASP D 38 21.68 -17.24 9.17
C ASP D 38 20.93 -18.49 9.52
N LEU D 39 19.70 -18.67 9.08
CA LEU D 39 18.87 -19.81 9.50
C LEU D 39 18.34 -20.46 8.24
N THR D 40 19.00 -20.24 7.11
CA THR D 40 18.40 -20.55 5.81
C THR D 40 19.38 -21.10 4.83
N SER D 41 18.85 -21.47 3.70
CA SER D 41 19.66 -21.96 2.62
C SER D 41 20.52 -20.84 2.01
N PRO D 42 21.72 -21.21 1.59
CA PRO D 42 22.48 -20.28 0.75
C PRO D 42 21.68 -19.84 -0.46
N ALA D 43 20.87 -20.74 -1.03
CA ALA D 43 20.12 -20.41 -2.21
C ALA D 43 19.20 -19.20 -1.93
N LEU D 44 18.46 -19.30 -0.85
CA LEU D 44 17.57 -18.15 -0.50
C LEU D 44 18.35 -16.91 -0.14
N LEU D 45 19.49 -17.02 0.58
CA LEU D 45 20.25 -15.83 0.95
C LEU D 45 20.77 -15.14 -0.31
N ALA D 46 21.28 -15.92 -1.27
CA ALA D 46 21.73 -15.34 -2.52
C ALA D 46 20.58 -14.63 -3.27
N HIS D 47 19.44 -15.29 -3.31
CA HIS D 47 18.28 -14.77 -4.00
C HIS D 47 17.83 -13.41 -3.37
N LEU D 48 17.83 -13.37 -2.03
CA LEU D 48 17.51 -12.13 -1.24
C LEU D 48 18.54 -11.05 -1.40
N LEU D 49 19.82 -11.42 -1.52
CA LEU D 49 20.82 -10.44 -1.84
C LEU D 49 20.64 -9.82 -3.25
N LYS D 50 20.28 -10.63 -4.21
CA LYS D 50 20.22 -10.22 -5.59
C LYS D 50 18.97 -9.30 -5.84
N TYR D 51 17.81 -9.74 -5.32
CA TYR D 51 16.50 -9.12 -5.62
C TYR D 51 15.96 -8.53 -4.34
N ASP D 52 15.74 -7.21 -4.31
CA ASP D 52 15.35 -6.52 -3.08
C ASP D 52 14.13 -5.63 -3.43
N SER D 53 13.01 -5.90 -2.82
CA SER D 53 11.75 -5.15 -3.12
C SER D 53 11.87 -3.67 -2.78
N THR D 54 12.77 -3.30 -1.87
CA THR D 54 12.99 -1.85 -1.53
C THR D 54 14.05 -1.19 -2.32
N HIS D 55 15.20 -1.89 -2.52
CA HIS D 55 16.39 -1.25 -3.02
C HIS D 55 16.79 -1.70 -4.37
N GLY D 56 16.02 -2.56 -4.99
CA GLY D 56 16.23 -2.97 -6.34
C GLY D 56 17.27 -4.07 -6.50
N THR D 57 17.48 -4.46 -7.74
CA THR D 57 18.28 -5.60 -8.09
C THR D 57 19.78 -5.22 -8.03
N LEU D 58 20.55 -6.06 -7.41
CA LEU D 58 21.99 -5.79 -7.29
C LEU D 58 22.65 -5.96 -8.66
N ASN D 59 23.42 -4.96 -9.06
CA ASN D 59 24.14 -5.00 -10.33
C ASN D 59 25.48 -5.74 -10.14
N ALA D 60 25.35 -7.03 -9.86
CA ALA D 60 26.49 -7.93 -9.65
C ALA D 60 25.99 -9.31 -10.04
N ASP D 61 26.94 -10.20 -10.34
CA ASP D 61 26.69 -11.61 -10.62
C ASP D 61 26.59 -12.34 -9.28
N VAL D 62 25.39 -12.82 -8.96
CA VAL D 62 25.11 -13.48 -7.68
C VAL D 62 24.62 -14.87 -7.99
N SER D 63 25.16 -15.85 -7.28
CA SER D 63 24.69 -17.23 -7.37
C SER D 63 24.92 -17.89 -6.01
N ALA D 64 24.48 -19.14 -5.90
CA ALA D 64 24.63 -19.88 -4.68
C ALA D 64 25.20 -21.26 -4.96
N THR D 65 25.93 -21.76 -3.98
CA THR D 65 26.27 -23.20 -3.96
C THR D 65 25.57 -23.86 -2.81
N ASP D 66 25.88 -25.14 -2.57
CA ASP D 66 25.38 -25.83 -1.38
C ASP D 66 25.85 -25.31 -0.04
N ASP D 67 26.89 -24.51 0.02
CA ASP D 67 27.34 -23.93 1.30
C ASP D 67 27.87 -22.53 1.25
N SER D 68 27.56 -21.80 0.16
CA SER D 68 28.08 -20.49 0.01
C SER D 68 27.21 -19.66 -0.92
N ILE D 69 27.40 -18.36 -0.90
CA ILE D 69 26.92 -17.51 -2.01
C ILE D 69 28.15 -16.98 -2.71
N VAL D 70 28.01 -16.75 -4.01
CA VAL D 70 29.07 -16.26 -4.85
C VAL D 70 28.67 -14.93 -5.47
N VAL D 71 29.51 -13.90 -5.28
CA VAL D 71 29.31 -12.59 -5.85
C VAL D 71 30.50 -12.14 -6.66
N ASN D 72 30.28 -11.90 -7.94
CA ASN D 72 31.35 -11.47 -8.87
C ASN D 72 32.60 -12.34 -8.71
N GLY D 73 32.35 -13.65 -8.67
CA GLY D 73 33.36 -14.66 -8.52
C GLY D 73 34.05 -14.84 -7.17
N LYS D 74 33.63 -14.13 -6.13
CA LYS D 74 34.19 -14.28 -4.80
C LYS D 74 33.25 -15.12 -3.99
N ASN D 75 33.82 -16.06 -3.25
CA ASN D 75 33.05 -17.01 -2.47
C ASN D 75 32.88 -16.55 -1.03
N TYR D 76 31.66 -16.71 -0.49
CA TYR D 76 31.33 -16.30 0.87
C TYR D 76 30.66 -17.45 1.51
N ARG D 77 31.39 -18.14 2.38
CA ARG D 77 30.85 -19.29 3.04
C ARG D 77 29.59 -18.96 3.89
N VAL D 78 28.59 -19.84 3.85
CA VAL D 78 27.34 -19.68 4.57
C VAL D 78 27.20 -20.79 5.62
N TYR D 79 26.79 -20.39 6.82
CA TYR D 79 26.41 -21.30 7.88
C TYR D 79 24.97 -21.11 8.23
N ALA D 80 24.42 -22.09 8.95
CA ALA D 80 23.04 -21.98 9.48
C ALA D 80 22.97 -22.51 10.92
N GLU D 81 23.76 -21.87 11.76
CA GLU D 81 24.00 -22.23 13.17
C GLU D 81 23.28 -21.19 14.06
N PRO D 82 22.12 -21.56 14.64
CA PRO D 82 21.41 -20.65 15.51
C PRO D 82 22.17 -20.19 16.76
N GLN D 83 23.19 -20.94 17.17
CA GLN D 83 23.97 -20.59 18.38
C GLN D 83 25.32 -20.05 18.00
N ALA D 84 25.54 -18.75 18.25
CA ALA D 84 26.71 -18.02 17.72
C ALA D 84 28.02 -18.59 18.18
N GLN D 85 28.03 -19.15 19.37
CA GLN D 85 29.29 -19.73 19.89
C GLN D 85 29.73 -20.97 19.08
N ASN D 86 28.79 -21.57 18.36
CA ASN D 86 29.09 -22.72 17.48
C ASN D 86 29.36 -22.48 16.00
N ILE D 87 29.30 -21.22 15.61
CA ILE D 87 29.66 -20.86 14.24
C ILE D 87 31.19 -21.01 14.11
N PRO D 88 31.62 -21.89 13.20
CA PRO D 88 33.07 -22.22 13.14
C PRO D 88 33.85 -21.36 12.19
N TRP D 89 33.37 -20.15 11.92
CA TRP D 89 34.02 -19.25 10.97
C TRP D 89 35.36 -18.62 11.31
N VAL D 90 35.79 -18.68 12.56
CA VAL D 90 37.11 -18.14 12.88
C VAL D 90 38.14 -19.17 12.33
N LYS D 91 37.98 -20.41 12.74
CA LYS D 91 38.86 -21.53 12.32
C LYS D 91 38.74 -21.75 10.79
N ASN D 92 37.52 -21.92 10.29
CA ASN D 92 37.27 -22.33 8.94
C ASN D 92 37.60 -21.21 7.94
N ASP D 93 37.27 -19.96 8.25
CA ASP D 93 37.30 -18.86 7.28
C ASP D 93 38.16 -17.67 7.66
N GLY D 94 38.78 -17.68 8.84
CA GLY D 94 39.70 -16.59 9.23
C GLY D 94 38.92 -15.37 9.85
N VAL D 95 37.65 -15.53 10.16
CA VAL D 95 36.91 -14.37 10.71
C VAL D 95 37.66 -13.74 11.89
N ASP D 96 37.88 -12.42 11.82
CA ASP D 96 38.40 -11.61 12.91
C ASP D 96 37.31 -10.85 13.71
N PHE D 97 36.24 -10.46 13.00
CA PHE D 97 35.34 -9.44 13.46
C PHE D 97 33.95 -9.89 13.02
N VAL D 98 32.99 -9.82 13.93
CA VAL D 98 31.62 -10.18 13.64
C VAL D 98 30.74 -8.92 13.56
N LEU D 99 29.95 -8.85 12.50
CA LEU D 99 28.96 -7.76 12.30
C LEU D 99 27.68 -8.43 12.68
N GLU D 100 27.16 -8.08 13.84
CA GLU D 100 26.06 -8.77 14.44
C GLU D 100 24.74 -8.06 14.14
N CYS D 101 23.93 -8.70 13.28
CA CYS D 101 22.73 -8.11 12.69
C CYS D 101 21.48 -9.02 12.77
N THR D 102 21.44 -9.94 13.75
CA THR D 102 20.27 -10.85 13.91
C THR D 102 19.09 -10.23 14.66
N GLY D 103 19.39 -9.29 15.56
CA GLY D 103 18.38 -8.84 16.51
C GLY D 103 18.33 -9.70 17.75
N PHE D 104 19.10 -10.80 17.80
CA PHE D 104 19.02 -11.76 18.93
C PHE D 104 20.22 -11.78 19.83
N TYR D 105 21.18 -10.90 19.58
CA TYR D 105 22.42 -10.84 20.36
C TYR D 105 22.74 -9.42 20.84
N THR D 106 21.69 -8.63 21.12
CA THR D 106 21.87 -7.20 21.44
C THR D 106 22.18 -6.92 22.91
N SER D 107 23.25 -7.57 23.42
CA SER D 107 23.80 -7.21 24.72
C SER D 107 25.22 -7.70 24.78
N LYS D 108 25.97 -7.17 25.74
CA LYS D 108 27.34 -7.63 25.99
C LYS D 108 27.43 -9.16 26.30
N ALA D 109 26.52 -9.63 27.13
CA ALA D 109 26.49 -11.05 27.49
C ALA D 109 26.12 -11.91 26.31
N LYS D 110 25.18 -11.45 25.47
CA LYS D 110 24.74 -12.29 24.38
C LYS D 110 25.90 -12.37 23.35
N SER D 111 26.47 -11.21 23.00
CA SER D 111 27.48 -11.14 21.95
C SER D 111 28.79 -11.66 22.41
N GLN D 112 28.90 -11.91 23.72
CA GLN D 112 30.04 -12.72 24.21
C GLN D 112 30.21 -14.04 23.45
N ALA D 113 29.09 -14.62 22.98
CA ALA D 113 29.12 -15.87 22.27
C ALA D 113 30.08 -15.82 21.06
N HIS D 114 30.18 -14.65 20.40
CA HIS D 114 31.06 -14.44 19.23
C HIS D 114 32.51 -14.48 19.68
N LEU D 115 32.82 -13.81 20.80
CA LEU D 115 34.20 -13.90 21.39
C LEU D 115 34.56 -15.31 21.84
N ASP D 116 33.59 -16.04 22.39
CA ASP D 116 33.75 -17.46 22.78
C ASP D 116 34.01 -18.35 21.54
N ALA D 117 33.34 -18.07 20.41
CA ALA D 117 33.72 -18.62 19.10
C ALA D 117 35.09 -18.20 18.51
N GLY D 118 35.81 -17.23 19.10
CA GLY D 118 37.15 -16.81 18.69
C GLY D 118 37.27 -15.49 18.00
N ALA D 119 36.13 -14.82 17.77
CA ALA D 119 36.18 -13.46 17.24
C ALA D 119 36.90 -12.52 18.16
N LYS D 120 37.59 -11.55 17.60
CA LYS D 120 38.27 -10.54 18.39
C LYS D 120 37.32 -9.42 18.78
N ARG D 121 36.42 -9.04 17.85
CA ARG D 121 35.59 -7.84 18.06
C ARG D 121 34.22 -8.05 17.44
N VAL D 122 33.24 -7.31 17.96
CA VAL D 122 31.84 -7.48 17.55
C VAL D 122 31.30 -6.07 17.43
N LEU D 123 30.62 -5.78 16.31
CA LEU D 123 29.81 -4.54 16.18
C LEU D 123 28.37 -4.93 15.99
N ILE D 124 27.52 -4.50 16.93
CA ILE D 124 26.11 -4.88 16.99
C ILE D 124 25.31 -3.80 16.26
N SER D 125 24.37 -4.25 15.44
CA SER D 125 23.61 -3.40 14.55
C SER D 125 22.36 -2.84 15.25
N ALA D 126 22.43 -2.56 16.54
CA ALA D 126 21.29 -2.11 17.30
C ALA D 126 21.80 -1.58 18.64
N PRO D 127 20.91 -0.91 19.40
CA PRO D 127 21.23 -0.65 20.80
C PRO D 127 21.50 -1.95 21.50
N ALA D 128 22.47 -1.91 22.41
CA ALA D 128 22.80 -3.12 23.11
C ALA D 128 23.16 -2.91 24.57
N GLY D 129 22.51 -1.93 25.20
CA GLY D 129 22.63 -1.70 26.66
C GLY D 129 23.59 -0.58 26.99
N SER D 130 23.71 -0.24 28.25
CA SER D 130 24.56 0.93 28.66
C SER D 130 25.94 0.56 29.16
N ASP D 131 26.25 -0.74 29.25
CA ASP D 131 27.56 -1.20 29.68
C ASP D 131 28.51 -1.41 28.49
N LEU D 132 28.14 -0.93 27.31
CA LEU D 132 29.07 -0.84 26.21
C LEU D 132 28.87 0.44 25.49
N LYS D 133 29.77 0.76 24.55
CA LYS D 133 29.75 2.03 23.92
C LYS D 133 28.73 1.96 22.80
N THR D 134 28.01 3.04 22.62
CA THR D 134 27.04 3.20 21.50
C THR D 134 27.58 4.30 20.58
N ILE D 135 27.87 4.03 19.30
CA ILE D 135 28.56 4.94 18.43
C ILE D 135 27.66 5.40 17.31
N VAL D 136 27.47 6.72 17.21
CA VAL D 136 26.93 7.39 16.00
C VAL D 136 28.12 7.99 15.29
N TYR D 137 28.42 7.47 14.11
CA TYR D 137 29.54 7.94 13.39
C TYR D 137 29.34 9.41 13.04
N ASN D 138 30.40 10.17 13.22
CA ASN D 138 30.37 11.65 13.10
C ASN D 138 29.66 12.43 14.17
N VAL D 139 29.26 11.77 15.26
CA VAL D 139 28.90 12.44 16.49
C VAL D 139 29.86 12.08 17.60
N ASN D 140 30.09 10.78 17.85
CA ASN D 140 30.92 10.35 19.01
C ASN D 140 31.84 9.18 18.70
N ASP D 141 32.23 8.98 17.42
CA ASP D 141 33.08 7.86 17.08
C ASP D 141 34.50 8.06 17.68
N ASP D 142 34.82 9.26 18.10
CA ASP D 142 36.08 9.49 18.82
C ASP D 142 36.22 8.76 20.14
N ILE D 143 35.16 8.22 20.74
CA ILE D 143 35.32 7.51 22.00
C ILE D 143 35.83 6.07 21.79
N LEU D 144 35.90 5.60 20.54
CA LEU D 144 36.35 4.24 20.31
C LEU D 144 37.85 4.11 20.62
N THR D 145 38.23 2.96 21.19
CA THR D 145 39.69 2.66 21.35
C THR D 145 40.02 1.27 20.90
N ALA D 146 41.33 1.02 20.68
CA ALA D 146 41.83 -0.33 20.35
C ALA D 146 41.50 -1.40 21.38
N ASP D 147 41.15 -1.02 22.61
CA ASP D 147 40.74 -2.01 23.59
C ASP D 147 39.26 -2.40 23.56
N ASP D 148 38.39 -1.68 22.85
CA ASP D 148 36.96 -2.13 22.76
C ASP D 148 36.82 -3.44 22.06
N ARG D 149 35.95 -4.29 22.58
CA ARG D 149 35.70 -5.62 21.97
C ARG D 149 34.28 -5.76 21.43
N ILE D 150 33.27 -5.18 22.10
CA ILE D 150 31.85 -5.32 21.71
C ILE D 150 31.27 -3.92 21.78
N VAL D 151 30.85 -3.41 20.64
CA VAL D 151 30.38 -2.06 20.48
C VAL D 151 29.00 -2.10 19.77
N SER D 152 28.14 -1.14 20.14
CA SER D 152 26.86 -0.90 19.48
C SER D 152 27.00 0.20 18.44
N ALA D 153 26.40 -0.04 17.29
CA ALA D 153 26.21 0.96 16.28
C ALA D 153 24.96 1.78 16.46
N GLY D 154 24.29 1.64 17.58
CA GLY D 154 23.04 2.33 17.88
C GLY D 154 21.85 1.88 17.02
N SER D 155 20.70 2.56 17.16
CA SER D 155 19.58 2.30 16.29
C SER D 155 19.55 3.21 15.11
N CYS D 156 18.66 2.87 14.19
CA CYS D 156 18.28 3.76 13.11
C CYS D 156 17.83 5.11 13.58
N THR D 157 16.90 5.12 14.54
CA THR D 157 16.41 6.40 15.07
C THR D 157 17.54 7.17 15.79
N THR D 158 18.36 6.51 16.63
CA THR D 158 19.55 7.20 17.20
C THR D 158 20.44 7.87 16.15
N ASN D 159 20.71 7.17 15.02
CA ASN D 159 21.55 7.77 14.03
C ASN D 159 20.93 8.96 13.26
N CYS D 160 19.59 9.04 13.31
CA CYS D 160 18.89 10.16 12.72
C CYS D 160 18.86 11.33 13.73
N LEU D 161 18.39 11.06 14.95
CA LEU D 161 18.15 12.06 16.01
C LEU D 161 19.47 12.68 16.47
N ALA D 162 20.48 11.87 16.66
CA ALA D 162 21.69 12.35 17.34
C ALA D 162 22.34 13.58 16.75
N PRO D 163 22.67 13.60 15.43
CA PRO D 163 23.28 14.83 14.90
C PRO D 163 22.35 16.01 14.90
N LEU D 164 21.06 15.80 14.69
CA LEU D 164 20.15 16.90 14.75
C LEU D 164 20.19 17.47 16.14
N ALA D 165 20.01 16.61 17.12
CA ALA D 165 19.98 17.06 18.53
C ALA D 165 21.35 17.64 18.96
N PHE D 166 22.43 17.01 18.55
CA PHE D 166 23.75 17.48 18.89
C PHE D 166 23.95 18.93 18.46
N PHE D 167 23.69 19.21 17.17
CA PHE D 167 24.01 20.49 16.60
C PHE D 167 22.99 21.54 17.02
N GLU D 168 21.73 21.17 17.12
CA GLU D 168 20.72 22.06 17.63
C GLU D 168 21.04 22.49 19.08
N ASN D 169 21.41 21.57 19.91
CA ASN D 169 21.84 21.87 21.28
C ASN D 169 23.09 22.75 21.31
N LYS D 170 24.06 22.41 20.50
CA LYS D 170 25.29 23.23 20.47
C LYS D 170 24.99 24.65 20.12
N GLU D 171 24.13 24.86 19.12
CA GLU D 171 23.81 26.21 18.67
C GLU D 171 22.85 26.97 19.57
N PHE D 172 21.89 26.32 20.16
CA PHE D 172 20.82 26.98 20.85
C PHE D 172 20.52 26.55 22.28
N GLY D 173 20.93 25.35 22.66
CA GLY D 173 20.67 24.82 23.98
C GLY D 173 19.32 24.21 24.11
N ILE D 174 19.27 22.88 24.04
CA ILE D 174 18.01 22.16 24.34
C ILE D 174 17.83 21.96 25.81
N LYS D 175 16.76 22.52 26.33
CA LYS D 175 16.44 22.41 27.75
C LYS D 175 15.66 21.11 27.98
N VAL D 176 14.64 20.85 27.15
CA VAL D 176 13.90 19.59 27.14
C VAL D 176 13.35 19.40 25.74
N GLY D 177 13.01 18.17 25.39
CA GLY D 177 12.50 17.96 24.03
C GLY D 177 11.80 16.61 23.95
N THR D 178 10.94 16.52 22.96
CA THR D 178 10.23 15.28 22.69
C THR D 178 10.25 15.01 21.21
N MET D 179 10.35 13.72 20.88
CA MET D 179 10.41 13.22 19.53
C MET D 179 9.20 12.41 19.14
N THR D 180 8.80 12.55 17.88
CA THR D 180 7.92 11.54 17.25
C THR D 180 8.58 11.18 15.93
N THR D 181 8.88 9.88 15.76
CA THR D 181 9.38 9.48 14.44
C THR D 181 8.26 8.86 13.64
N ILE D 182 8.08 9.25 12.40
CA ILE D 182 7.03 8.68 11.55
C ILE D 182 7.81 7.72 10.66
N HIS D 183 7.67 6.45 10.98
CA HIS D 183 8.72 5.41 10.71
C HIS D 183 8.09 4.33 9.82
N ALA D 184 8.81 3.91 8.80
CA ALA D 184 8.39 2.75 8.01
C ALA D 184 8.18 1.52 8.84
N TYR D 185 7.34 0.62 8.37
CA TYR D 185 7.21 -0.61 9.07
C TYR D 185 8.46 -1.43 8.95
N THR D 186 8.69 -2.33 9.92
CA THR D 186 9.88 -3.20 9.89
C THR D 186 9.48 -4.65 10.18
N SER D 187 10.47 -5.56 10.12
CA SER D 187 10.19 -7.00 10.14
C SER D 187 9.77 -7.56 11.51
N THR D 188 9.83 -6.75 12.55
CA THR D 188 9.23 -7.06 13.84
C THR D 188 7.69 -6.93 13.80
N GLN D 189 7.17 -6.25 12.80
CA GLN D 189 5.73 -6.13 12.71
C GLN D 189 5.07 -7.23 11.92
N MET D 190 3.75 -7.21 11.93
CA MET D 190 2.90 -8.26 11.36
C MET D 190 2.29 -7.83 10.01
N LEU D 191 2.23 -8.72 9.03
CA LEU D 191 1.45 -8.48 7.83
C LEU D 191 -0.07 -8.37 8.09
N LEU D 192 -0.66 -9.30 8.86
CA LEU D 192 -2.07 -9.25 9.27
C LEU D 192 -2.16 -9.39 10.78
N ASP D 193 -3.26 -8.98 11.36
CA ASP D 193 -3.34 -8.94 12.82
C ASP D 193 -3.14 -10.35 13.33
N GLY D 194 -2.37 -10.51 14.40
CA GLY D 194 -2.23 -11.85 14.94
C GLY D 194 -1.25 -11.88 16.08
N PRO D 195 -1.13 -13.01 16.73
CA PRO D 195 -0.12 -13.12 17.80
C PRO D 195 1.23 -12.77 17.40
N VAL D 196 1.96 -12.07 18.30
CA VAL D 196 3.24 -11.49 17.95
C VAL D 196 4.20 -11.71 19.11
N ARG D 197 5.47 -11.92 18.80
CA ARG D 197 6.50 -12.13 19.84
C ARG D 197 6.52 -10.95 20.77
N GLY D 198 6.31 -11.18 22.07
CA GLY D 198 6.23 -10.10 23.09
C GLY D 198 4.84 -9.78 23.60
N GLY D 199 3.80 -10.13 22.81
CA GLY D 199 2.40 -10.04 23.17
C GLY D 199 1.82 -8.61 23.09
N ASN D 200 2.60 -7.68 22.54
CA ASN D 200 2.19 -6.28 22.51
C ASN D 200 0.98 -6.07 21.58
N PHE D 201 0.00 -5.40 22.14
CA PHE D 201 -1.26 -5.18 21.47
C PHE D 201 -1.17 -4.42 20.12
N ARG D 202 -0.21 -3.52 19.98
CA ARG D 202 -0.06 -2.71 18.77
C ARG D 202 0.84 -3.39 17.78
N ALA D 203 1.92 -4.02 18.26
CA ALA D 203 2.87 -4.75 17.43
C ALA D 203 2.10 -5.94 16.70
N ALA D 204 0.99 -6.40 17.31
CA ALA D 204 0.14 -7.48 16.76
C ALA D 204 -0.64 -7.06 15.50
N ARG D 205 -0.64 -5.78 15.15
CA ARG D 205 -1.62 -5.32 14.17
C ARG D 205 -1.03 -5.21 12.78
N ALA D 206 -1.90 -5.38 11.78
CA ALA D 206 -1.51 -5.35 10.35
C ALA D 206 -0.76 -4.06 10.01
N ALA D 207 0.46 -4.15 9.51
CA ALA D 207 1.33 -2.97 9.43
C ALA D 207 1.03 -2.10 8.20
N GLY D 208 0.55 -2.74 7.11
CA GLY D 208 0.39 -2.03 5.86
C GLY D 208 -0.87 -1.19 5.78
N VAL D 209 -1.77 -1.33 6.71
CA VAL D 209 -3.03 -0.65 6.70
C VAL D 209 -3.34 0.04 8.02
N ASN D 210 -2.30 0.34 8.81
CA ASN D 210 -2.51 1.04 10.08
C ASN D 210 -1.36 2.00 10.32
N THR D 211 -1.69 3.07 11.01
CA THR D 211 -0.72 3.90 11.75
C THR D 211 -0.73 3.37 13.17
N ILE D 212 0.44 2.93 13.60
CA ILE D 212 0.62 2.16 14.81
C ILE D 212 1.62 2.80 15.78
N PRO D 213 1.13 3.29 16.93
CA PRO D 213 2.08 3.86 17.87
C PRO D 213 3.11 2.77 18.35
N HIS D 214 4.36 3.16 18.58
CA HIS D 214 5.40 2.17 18.86
C HIS D 214 6.39 2.83 19.80
N SER D 215 6.83 2.08 20.82
CA SER D 215 7.84 2.58 21.76
C SER D 215 9.20 2.60 21.13
N THR D 216 10.02 3.60 21.48
CA THR D 216 11.38 3.68 21.01
C THR D 216 12.21 4.18 22.24
N GLY D 217 13.50 3.85 22.26
CA GLY D 217 14.32 4.27 23.37
C GLY D 217 15.31 5.33 22.95
N ALA D 218 15.28 5.74 21.66
CA ALA D 218 16.34 6.59 21.12
C ALA D 218 16.49 7.94 21.85
N ALA D 219 15.37 8.57 22.17
CA ALA D 219 15.41 9.86 22.81
C ALA D 219 15.80 9.72 24.29
N LYS D 220 15.17 8.82 25.03
CA LYS D 220 15.46 8.61 26.43
C LYS D 220 16.91 8.21 26.64
N ALA D 221 17.45 7.44 25.70
CA ALA D 221 18.84 6.91 25.83
C ALA D 221 19.89 7.70 25.12
N LEU D 222 19.56 8.91 24.67
CA LEU D 222 20.45 9.67 23.84
C LEU D 222 21.69 10.10 24.59
N GLY D 223 21.60 10.13 25.91
CA GLY D 223 22.82 10.42 26.74
C GLY D 223 23.95 9.45 26.59
N LEU D 224 23.64 8.23 26.15
CA LEU D 224 24.75 7.31 25.75
C LEU D 224 25.66 7.81 24.64
N VAL D 225 25.12 8.68 23.77
CA VAL D 225 25.84 9.26 22.67
C VAL D 225 26.25 10.70 22.96
N ILE D 226 25.34 11.45 23.59
CA ILE D 226 25.49 12.88 23.81
C ILE D 226 25.19 13.09 25.29
N PRO D 227 26.27 12.95 26.13
CA PRO D 227 26.03 12.95 27.58
C PRO D 227 25.26 14.13 28.09
N GLU D 228 25.49 15.31 27.53
CA GLU D 228 24.84 16.53 28.01
C GLU D 228 23.28 16.51 27.81
N LEU D 229 22.81 15.64 26.92
CA LEU D 229 21.38 15.51 26.70
C LEU D 229 20.77 14.34 27.47
N ASN D 230 21.53 13.65 28.33
CA ASN D 230 20.93 12.71 29.26
C ASN D 230 19.80 13.28 30.07
N GLY D 231 18.66 12.62 30.12
CA GLY D 231 17.54 13.07 30.90
C GLY D 231 16.68 14.18 30.30
N LYS D 232 17.01 14.68 29.13
CA LYS D 232 16.35 15.90 28.59
C LYS D 232 15.34 15.59 27.49
N LEU D 233 15.37 14.36 26.98
CA LEU D 233 14.47 14.01 25.87
C LEU D 233 13.66 12.74 26.17
N GLN D 234 12.47 12.68 25.57
CA GLN D 234 11.66 11.44 25.46
C GLN D 234 11.06 11.40 24.08
N GLY D 235 10.42 10.28 23.74
CA GLY D 235 9.79 10.28 22.45
C GLY D 235 9.17 8.93 22.16
N HIS D 236 8.60 8.83 20.96
CA HIS D 236 7.99 7.57 20.49
C HIS D 236 7.97 7.56 18.97
N ALA D 237 7.43 6.46 18.39
CA ALA D 237 7.25 6.32 16.97
C ALA D 237 5.78 6.14 16.63
N GLN D 238 5.48 6.43 15.37
CA GLN D 238 4.26 5.98 14.69
C GLN D 238 4.77 5.17 13.47
N ARG D 239 4.44 3.89 13.45
CA ARG D 239 4.81 3.02 12.34
C ARG D 239 3.73 3.15 11.34
N VAL D 240 4.12 3.46 10.10
CA VAL D 240 3.21 3.78 9.04
C VAL D 240 3.42 2.88 7.80
N GLY D 241 2.50 2.97 6.83
CA GLY D 241 2.35 1.95 5.77
C GLY D 241 3.27 2.08 4.56
N VAL D 242 4.55 2.31 4.79
CA VAL D 242 5.59 2.28 3.77
C VAL D 242 6.70 1.31 4.19
N VAL D 243 7.39 0.77 3.17
CA VAL D 243 8.39 -0.31 3.43
C VAL D 243 9.69 0.17 4.03
N ASP D 244 9.99 1.44 3.79
CA ASP D 244 11.27 2.01 4.19
C ASP D 244 11.18 3.52 4.03
N GLY D 245 12.00 4.22 4.81
CA GLY D 245 12.06 5.67 4.75
C GLY D 245 11.23 6.29 5.86
N SER D 246 11.89 7.06 6.71
CA SER D 246 11.35 7.51 7.95
C SER D 246 11.78 8.99 8.22
N LEU D 247 11.07 9.64 9.14
CA LEU D 247 11.46 10.99 9.55
C LEU D 247 11.33 11.13 11.05
N THR D 248 12.21 11.91 11.66
CA THR D 248 12.18 12.20 13.04
C THR D 248 11.77 13.68 13.26
N GLU D 249 10.70 13.92 14.00
CA GLU D 249 10.35 15.30 14.39
C GLU D 249 10.78 15.51 15.84
N LEU D 250 11.39 16.65 16.13
CA LEU D 250 11.88 16.99 17.45
C LEU D 250 11.24 18.32 17.78
N VAL D 251 10.56 18.37 18.93
CA VAL D 251 9.97 19.60 19.43
C VAL D 251 10.73 19.94 20.74
N ALA D 252 11.26 21.15 20.82
CA ALA D 252 12.10 21.47 21.93
C ALA D 252 11.85 22.83 22.55
N ILE D 253 12.18 22.97 23.84
CA ILE D 253 12.31 24.31 24.48
C ILE D 253 13.79 24.58 24.41
N LEU D 254 14.19 25.71 23.83
CA LEU D 254 15.58 26.11 23.62
C LEU D 254 15.96 27.28 24.56
N ASP D 255 17.25 27.41 24.78
CA ASP D 255 17.77 28.56 25.59
C ASP D 255 17.89 29.87 24.81
N LYS D 256 17.60 29.86 23.52
CA LYS D 256 17.67 31.00 22.65
C LYS D 256 16.36 31.17 21.93
N LYS D 257 15.89 32.41 21.79
CA LYS D 257 14.75 32.73 20.96
C LYS D 257 15.17 32.89 19.54
N VAL D 258 14.39 32.32 18.60
CA VAL D 258 14.80 32.09 17.26
C VAL D 258 13.68 32.24 16.25
N THR D 259 14.09 32.36 14.98
CA THR D 259 13.21 32.14 13.85
C THR D 259 13.62 30.83 13.16
N ALA D 260 12.73 30.34 12.32
CA ALA D 260 13.05 29.17 11.47
C ALA D 260 14.26 29.37 10.62
N ASP D 261 14.44 30.59 10.04
CA ASP D 261 15.58 30.77 9.19
C ASP D 261 16.85 30.76 9.99
N GLU D 262 16.80 31.32 11.21
CA GLU D 262 18.01 31.25 12.07
C GLU D 262 18.41 29.79 12.43
N VAL D 263 17.42 29.01 12.76
CA VAL D 263 17.68 27.62 13.14
C VAL D 263 18.23 26.88 11.92
N ASN D 264 17.59 27.13 10.78
CA ASN D 264 18.02 26.47 9.51
C ASN D 264 19.42 26.78 9.18
N ALA D 265 19.84 28.06 9.24
CA ALA D 265 21.19 28.40 8.86
C ALA D 265 22.21 27.77 9.81
N ALA D 266 21.86 27.77 11.12
CA ALA D 266 22.77 27.31 12.14
C ALA D 266 23.02 25.77 12.05
N ILE D 267 21.95 25.04 11.76
CA ILE D 267 22.06 23.60 11.58
C ILE D 267 22.73 23.30 10.25
N LYS D 268 22.37 23.99 9.17
CA LYS D 268 22.93 23.72 7.87
C LYS D 268 24.44 23.79 7.88
N LYS D 269 25.01 24.75 8.62
CA LYS D 269 26.47 24.82 8.56
C LYS D 269 27.19 23.51 9.00
N HIS D 270 26.53 22.72 9.88
CA HIS D 270 27.04 21.46 10.31
C HIS D 270 26.82 20.25 9.37
N THR D 271 26.08 20.46 8.28
CA THR D 271 25.88 19.48 7.26
C THR D 271 26.87 19.62 6.15
N GLU D 272 27.58 20.76 6.09
CA GLU D 272 28.45 21.00 4.97
C GLU D 272 29.60 20.01 4.94
N GLY D 273 29.71 19.27 3.83
CA GLY D 273 30.68 18.18 3.71
C GLY D 273 30.48 17.00 4.69
N ASN D 274 29.30 16.90 5.30
CA ASN D 274 29.11 15.92 6.36
C ASN D 274 28.45 14.71 5.70
N GLU D 275 29.20 13.64 5.54
CA GLU D 275 28.60 12.42 4.96
C GLU D 275 27.58 11.68 5.86
N SER D 276 27.44 12.05 7.13
CA SER D 276 26.55 11.41 8.08
C SER D 276 25.24 12.16 8.31
N PHE D 277 25.29 13.47 8.18
CA PHE D 277 24.20 14.38 8.51
C PHE D 277 24.09 15.32 7.33
N GLY D 278 23.16 15.04 6.45
CA GLY D 278 22.98 15.80 5.22
C GLY D 278 21.88 16.82 5.31
N TYR D 279 21.58 17.40 4.15
CA TYR D 279 20.69 18.52 4.09
C TYR D 279 19.88 18.42 2.80
N ASN D 280 18.57 18.63 2.86
CA ASN D 280 17.79 18.64 1.61
C ASN D 280 16.68 19.68 1.73
N ASP D 281 16.68 20.63 0.81
CA ASP D 281 15.65 21.68 0.83
C ASP D 281 14.77 21.70 -0.42
N ASP D 282 14.68 20.53 -1.05
CA ASP D 282 13.88 20.33 -2.28
C ASP D 282 12.40 19.93 -2.03
N GLU D 283 11.90 19.93 -0.78
CA GLU D 283 10.58 19.46 -0.40
C GLU D 283 10.32 17.98 -0.76
N ILE D 284 11.31 17.16 -0.39
CA ILE D 284 11.24 15.69 -0.64
C ILE D 284 10.20 15.01 0.25
N VAL D 285 9.93 13.75 -0.08
CA VAL D 285 9.03 12.91 0.69
C VAL D 285 9.79 11.58 1.00
N SER D 286 9.17 10.67 1.75
CA SER D 286 9.91 9.54 2.30
C SER D 286 10.62 8.70 1.25
N SER D 287 9.97 8.45 0.11
CA SER D 287 10.55 7.52 -0.82
C SER D 287 11.87 8.10 -1.40
N ASP D 288 11.99 9.40 -1.44
CA ASP D 288 13.19 10.03 -1.92
C ASP D 288 14.44 9.73 -1.08
N VAL D 289 14.28 9.37 0.17
CA VAL D 289 15.46 9.01 0.96
C VAL D 289 15.91 7.54 0.88
N ILE D 290 15.11 6.70 0.22
CA ILE D 290 15.42 5.29 0.04
C ILE D 290 16.64 5.21 -0.84
N GLY D 291 17.67 4.59 -0.28
CA GLY D 291 18.93 4.44 -0.95
C GLY D 291 19.94 5.49 -0.64
N THR D 292 19.60 6.49 0.17
CA THR D 292 20.59 7.56 0.55
C THR D 292 21.58 7.03 1.58
N THR D 293 22.69 7.75 1.79
CA THR D 293 23.85 7.24 2.49
C THR D 293 24.11 7.98 3.83
N PHE D 294 23.24 8.93 4.15
CA PHE D 294 23.29 9.70 5.42
C PHE D 294 22.56 8.98 6.51
N GLY D 295 23.03 9.09 7.76
CA GLY D 295 22.26 8.64 8.89
C GLY D 295 21.03 9.49 9.16
N SER D 296 21.07 10.72 8.67
CA SER D 296 20.15 11.77 9.03
C SER D 296 20.20 12.80 7.92
N ILE D 297 19.03 13.31 7.47
CA ILE D 297 18.96 14.35 6.44
C ILE D 297 18.08 15.49 6.94
N PHE D 298 18.73 16.59 7.37
CA PHE D 298 17.99 17.72 7.85
C PHE D 298 17.11 18.35 6.77
N ASP D 299 15.86 18.64 7.13
CA ASP D 299 14.91 19.22 6.18
C ASP D 299 14.42 20.57 6.66
N PRO D 300 15.03 21.66 6.20
CA PRO D 300 14.70 23.03 6.72
C PRO D 300 13.30 23.47 6.34
N THR D 301 12.69 22.79 5.35
CA THR D 301 11.39 23.11 4.94
C THR D 301 10.32 22.82 5.98
N GLN D 302 10.59 21.99 7.01
CA GLN D 302 9.63 21.65 8.01
C GLN D 302 9.92 22.34 9.34
N THR D 303 10.93 23.19 9.41
CA THR D 303 11.23 23.86 10.70
C THR D 303 10.10 24.80 11.03
N GLU D 304 9.70 24.79 12.30
CA GLU D 304 8.63 25.61 12.74
C GLU D 304 8.95 26.21 14.12
N VAL D 305 8.86 27.55 14.22
CA VAL D 305 8.96 28.19 15.55
C VAL D 305 7.54 28.66 15.95
N THR D 306 7.05 28.22 17.10
CA THR D 306 5.75 28.62 17.60
C THR D 306 5.98 29.50 18.81
N SER D 307 5.49 30.71 18.74
CA SER D 307 5.70 31.61 19.91
C SER D 307 4.43 32.43 20.18
N ASP D 308 4.26 32.75 21.44
CA ASP D 308 3.28 33.71 21.90
C ASP D 308 3.98 34.53 23.00
N GLY D 309 4.27 35.81 22.71
CA GLY D 309 5.14 36.56 23.61
C GLY D 309 6.48 35.85 23.74
N ASP D 310 6.99 35.74 24.95
CA ASP D 310 8.27 35.14 25.21
C ASP D 310 8.21 33.64 25.46
N ASN D 311 7.12 33.00 25.07
CA ASN D 311 6.93 31.51 25.18
C ASN D 311 7.17 30.94 23.79
N GLN D 312 8.06 29.98 23.67
CA GLN D 312 8.51 29.48 22.40
C GLN D 312 8.64 27.92 22.36
N LEU D 313 8.16 27.30 21.29
CA LEU D 313 8.52 25.93 20.90
C LEU D 313 9.18 25.88 19.56
N VAL D 314 10.13 24.95 19.35
CA VAL D 314 10.79 24.88 18.09
C VAL D 314 10.73 23.42 17.59
N LYS D 315 10.27 23.23 16.36
CA LYS D 315 10.10 21.90 15.75
C LYS D 315 11.10 21.83 14.65
N THR D 316 11.91 20.77 14.65
CA THR D 316 12.86 20.50 13.58
C THR D 316 12.67 19.03 13.18
N VAL D 317 13.08 18.72 11.95
CA VAL D 317 12.76 17.39 11.38
C VAL D 317 13.95 16.92 10.57
N ALA D 318 14.26 15.64 10.67
CA ALA D 318 15.29 15.05 9.81
C ALA D 318 14.78 13.70 9.26
N TRP D 319 15.01 13.47 7.96
CA TRP D 319 14.61 12.21 7.28
C TRP D 319 15.74 11.21 7.48
N TYR D 320 15.44 9.93 7.32
CA TYR D 320 16.44 8.88 7.27
C TYR D 320 15.93 7.65 6.53
N ASP D 321 16.81 7.07 5.74
CA ASP D 321 16.59 5.71 5.27
C ASP D 321 16.97 4.83 6.43
N ASN D 322 15.98 4.39 7.17
CA ASN D 322 16.22 3.59 8.35
C ASN D 322 17.01 2.29 8.05
N GLU D 323 16.83 1.77 6.88
CA GLU D 323 17.67 0.65 6.37
C GLU D 323 19.08 1.15 5.90
N TYR D 324 19.16 1.79 4.74
CA TYR D 324 20.45 2.00 4.12
C TYR D 324 21.27 3.13 4.72
N GLY D 325 20.60 4.17 5.20
CA GLY D 325 21.29 5.28 5.84
C GLY D 325 21.94 4.83 7.11
N PHE D 326 21.16 4.15 7.95
CA PHE D 326 21.75 3.49 9.11
C PHE D 326 22.93 2.55 8.75
N THR D 327 22.72 1.73 7.73
CA THR D 327 23.72 0.77 7.31
C THR D 327 25.00 1.48 6.92
N CYS D 328 24.87 2.57 6.20
CA CYS D 328 26.06 3.32 5.83
C CYS D 328 26.79 3.87 7.05
N GLN D 329 26.04 4.37 8.06
CA GLN D 329 26.63 4.76 9.34
C GLN D 329 27.38 3.62 10.02
N MET D 330 26.75 2.44 10.02
CA MET D 330 27.33 1.28 10.68
C MET D 330 28.59 0.83 9.96
N VAL D 331 28.62 0.92 8.64
CA VAL D 331 29.82 0.58 7.89
C VAL D 331 30.94 1.58 8.17
N ARG D 332 30.61 2.86 8.30
CA ARG D 332 31.66 3.86 8.70
C ARG D 332 32.30 3.54 10.04
N THR D 333 31.46 3.20 11.01
CA THR D 333 31.93 2.81 12.31
C THR D 333 32.72 1.52 12.19
N LEU D 334 32.19 0.55 11.46
CA LEU D 334 32.93 -0.70 11.16
C LEU D 334 34.32 -0.46 10.62
N LEU D 335 34.43 0.40 9.64
CA LEU D 335 35.76 0.67 9.03
C LEU D 335 36.74 1.26 10.07
N LYS D 336 36.26 2.22 10.88
CA LYS D 336 37.07 2.82 11.94
C LYS D 336 37.47 1.82 13.01
N PHE D 337 36.48 1.09 13.48
CA PHE D 337 36.65 0.15 14.59
C PHE D 337 37.52 -1.02 14.23
N ALA D 338 37.29 -1.56 13.05
CA ALA D 338 37.99 -2.76 12.62
C ALA D 338 39.48 -2.51 12.56
N THR D 339 39.87 -1.28 12.23
CA THR D 339 41.24 -0.99 11.94
C THR D 339 41.98 -0.27 13.09
N LEU D 340 41.36 -0.07 14.26
CA LEU D 340 42.07 0.44 15.44
C LEU D 340 42.98 -0.65 15.97
#